data_3O0D
#
_entry.id   3O0D
#
_cell.length_a   115.354
_cell.length_b   132.141
_cell.length_c   137.255
_cell.angle_alpha   90.00
_cell.angle_beta   90.00
_cell.angle_gamma   90.00
#
_symmetry.space_group_name_H-M   'P 21 21 21'
#
loop_
_entity.id
_entity.type
_entity.pdbx_description
1 polymer 'Triacylglycerol lipase'
2 non-polymer 2-acetamido-2-deoxy-beta-D-glucopyranose
3 non-polymer (4S)-2-METHYL-2,4-PENTANEDIOL
4 non-polymer (4R)-2-METHYLPENTANE-2,4-DIOL
5 non-polymer 'POTASSIUM ION'
6 water water
#
_entity_poly.entity_id   1
_entity_poly.type   'polypeptide(L)'
_entity_poly.pdbx_seq_one_letter_code
;VYTSTETSHIDQESYNFFEKYARLANIGYCVGPGTKIFKPFNCGLQCAHFPNVELIEEFHDPRLIFDVSGYLAVDHASKQ
IYLVIRGTHSLEDVITDIRIMQAPLTNFDLAANISSTATCDDCLVHNGFIQSYNNTYNQIGPKLDSVIEQYPDYQIAVTG
HSLGGAAALLFGINLKVNGHDPLVVTLGQPIVGNAGFANWVDKLFFGQENPDVSKVSKDRKLYRITHRGDIVPQVPFWDG
YQHCSGEVFIDWPLIHPPLSNVVMCQGQSNKQCSAGNTLLQQVNVIGNHLQYFVTEGVCGI
;
_entity_poly.pdbx_strand_id   A,B,C,D,E,F,G
#
loop_
_chem_comp.id
_chem_comp.type
_chem_comp.name
_chem_comp.formula
K non-polymer 'POTASSIUM ION' 'K 1'
MPD non-polymer (4S)-2-METHYL-2,4-PENTANEDIOL 'C6 H14 O2'
MRD non-polymer (4R)-2-METHYLPENTANE-2,4-DIOL 'C6 H14 O2'
NAG D-saccharide, beta linking 2-acetamido-2-deoxy-beta-D-glucopyranose 'C8 H15 N O6'
#
# COMPACT_ATOMS: atom_id res chain seq x y z
N VAL A 1 -21.09 -39.93 -10.02
N VAL A 1 -20.86 -39.77 -10.34
CA VAL A 1 -19.83 -39.14 -9.77
CA VAL A 1 -19.73 -38.88 -9.90
C VAL A 1 -19.90 -38.64 -8.34
C VAL A 1 -19.86 -38.57 -8.39
N TYR A 2 -18.78 -38.73 -7.63
CA TYR A 2 -18.78 -38.30 -6.24
C TYR A 2 -18.63 -36.74 -6.18
N THR A 3 -19.65 -36.09 -5.66
CA THR A 3 -19.63 -34.62 -5.65
C THR A 3 -19.54 -34.16 -4.22
N SER A 4 -19.07 -32.92 -4.01
CA SER A 4 -19.01 -32.43 -2.67
C SER A 4 -18.94 -30.92 -2.80
N THR A 5 -19.21 -30.23 -1.68
CA THR A 5 -18.78 -28.81 -1.58
C THR A 5 -17.83 -28.56 -0.41
N GLU A 6 -17.20 -29.64 0.05
CA GLU A 6 -16.29 -29.52 1.19
C GLU A 6 -14.92 -29.13 0.71
N THR A 7 -14.32 -28.13 1.44
CA THR A 7 -12.92 -27.76 1.09
C THR A 7 -12.19 -27.52 2.40
N SER A 8 -10.88 -27.47 2.36
CA SER A 8 -10.06 -27.28 3.58
C SER A 8 -8.85 -26.41 3.21
N HIS A 9 -8.42 -25.62 4.16
CA HIS A 9 -7.21 -24.83 4.01
C HIS A 9 -5.92 -25.60 4.11
N ILE A 10 -4.79 -24.94 3.76
CA ILE A 10 -3.48 -25.59 3.81
C ILE A 10 -2.51 -24.71 4.57
N ASP A 11 -1.37 -25.27 4.91
CA ASP A 11 -0.33 -24.53 5.58
C ASP A 11 0.78 -24.09 4.60
N GLN A 12 1.68 -23.25 5.08
CA GLN A 12 2.59 -22.62 4.18
C GLN A 12 3.57 -23.66 3.57
N GLU A 13 3.89 -24.68 4.38
CA GLU A 13 4.78 -25.72 3.86
C GLU A 13 4.15 -26.41 2.59
N SER A 14 2.82 -26.64 2.68
CA SER A 14 2.11 -27.30 1.59
C SER A 14 1.99 -26.33 0.47
N TYR A 15 1.75 -25.06 0.74
CA TYR A 15 1.69 -24.09 -0.34
C TYR A 15 3.06 -24.06 -1.10
N ASN A 16 4.20 -24.11 -0.33
CA ASN A 16 5.51 -24.03 -0.97
C ASN A 16 5.82 -25.31 -1.85
N PHE A 17 5.21 -26.42 -1.43
CA PHE A 17 5.33 -27.67 -2.13
C PHE A 17 4.57 -27.57 -3.48
N PHE A 18 3.36 -27.04 -3.45
CA PHE A 18 2.67 -26.89 -4.72
C PHE A 18 3.39 -25.92 -5.64
N GLU A 19 3.83 -24.80 -5.09
CA GLU A 19 4.57 -23.80 -5.88
C GLU A 19 5.77 -24.38 -6.53
N LYS A 20 6.47 -25.23 -5.78
CA LYS A 20 7.61 -25.94 -6.35
C LYS A 20 7.32 -26.68 -7.68
N TYR A 21 6.21 -27.43 -7.66
CA TYR A 21 5.85 -28.26 -8.87
C TYR A 21 5.34 -27.26 -9.94
N ALA A 22 4.69 -26.19 -9.53
CA ALA A 22 4.36 -25.24 -10.58
C ALA A 22 5.57 -24.70 -11.29
N ARG A 23 6.62 -24.41 -10.55
CA ARG A 23 7.82 -23.94 -11.17
C ARG A 23 8.48 -24.99 -12.09
N LEU A 24 8.56 -26.22 -11.64
CA LEU A 24 9.17 -27.27 -12.45
C LEU A 24 8.35 -27.41 -13.76
N ALA A 25 7.05 -27.42 -13.63
CA ALA A 25 6.19 -27.47 -14.88
C ALA A 25 6.45 -26.34 -15.79
N ASN A 26 6.62 -25.13 -15.26
CA ASN A 26 6.95 -23.92 -16.08
C ASN A 26 8.19 -24.08 -16.85
N ILE A 27 9.21 -24.74 -16.23
CA ILE A 27 10.48 -24.96 -16.90
C ILE A 27 10.31 -25.89 -18.16
N GLY A 28 9.25 -26.63 -18.22
CA GLY A 28 8.99 -27.53 -19.36
C GLY A 28 8.81 -26.66 -20.59
N TYR A 29 8.41 -25.39 -20.44
CA TYR A 29 8.27 -24.51 -21.58
C TYR A 29 9.60 -23.91 -22.06
N CYS A 30 10.69 -24.20 -21.36
CA CYS A 30 12.05 -23.87 -21.79
C CYS A 30 12.64 -24.95 -22.75
N VAL A 31 11.89 -26.01 -23.04
CA VAL A 31 12.29 -27.06 -23.96
C VAL A 31 11.54 -26.79 -25.25
N GLY A 32 12.34 -26.70 -26.28
CA GLY A 32 11.70 -26.55 -27.61
C GLY A 32 12.48 -25.59 -28.45
N PRO A 33 11.85 -25.17 -29.58
CA PRO A 33 12.77 -24.53 -30.49
C PRO A 33 12.79 -23.08 -30.08
N GLY A 34 13.94 -22.47 -30.19
CA GLY A 34 14.03 -21.10 -29.75
C GLY A 34 14.34 -20.92 -28.28
N THR A 35 14.29 -22.02 -27.53
N THR A 35 14.38 -22.03 -27.53
CA THR A 35 14.60 -21.93 -26.09
CA THR A 35 14.66 -21.94 -26.10
C THR A 35 15.66 -22.97 -25.73
C THR A 35 15.43 -23.13 -25.62
N LYS A 36 16.12 -22.97 -24.51
CA LYS A 36 16.96 -24.07 -24.06
C LYS A 36 17.03 -24.12 -22.54
N ILE A 37 17.27 -25.29 -21.97
CA ILE A 37 17.70 -25.31 -20.55
C ILE A 37 19.23 -25.59 -20.65
N PHE A 38 20.08 -24.68 -20.21
CA PHE A 38 21.55 -24.96 -20.24
C PHE A 38 21.92 -25.93 -19.06
N LYS A 39 22.79 -26.94 -19.26
CA LYS A 39 23.36 -27.76 -18.14
C LYS A 39 24.18 -26.80 -17.24
N PRO A 40 24.14 -27.01 -15.90
CA PRO A 40 23.44 -28.09 -15.26
C PRO A 40 22.00 -27.90 -15.29
N PHE A 41 21.51 -26.72 -14.93
CA PHE A 41 20.08 -26.50 -14.90
C PHE A 41 19.82 -25.00 -14.88
N ASN A 42 20.11 -24.35 -16.00
CA ASN A 42 20.04 -22.89 -16.04
C ASN A 42 19.04 -22.41 -17.11
N CYS A 43 18.09 -21.58 -16.74
CA CYS A 43 17.05 -21.18 -17.68
C CYS A 43 16.34 -19.94 -17.17
N GLY A 44 17.11 -19.10 -16.50
CA GLY A 44 16.59 -17.86 -15.89
C GLY A 44 15.95 -18.09 -14.52
N LEU A 45 14.96 -17.28 -14.22
CA LEU A 45 14.47 -17.15 -12.85
C LEU A 45 13.99 -18.46 -12.27
N GLN A 46 13.24 -19.23 -13.03
CA GLN A 46 12.63 -20.40 -12.41
C GLN A 46 13.64 -21.52 -12.12
N CYS A 47 14.56 -21.82 -13.03
CA CYS A 47 15.58 -22.84 -12.77
C CYS A 47 16.46 -22.39 -11.60
N ALA A 48 16.60 -21.04 -11.40
CA ALA A 48 17.47 -20.54 -10.30
C ALA A 48 16.99 -20.96 -8.92
N HIS A 49 15.77 -21.39 -8.78
CA HIS A 49 15.26 -21.90 -7.47
C HIS A 49 15.59 -23.35 -7.20
N PHE A 50 16.48 -23.97 -8.05
CA PHE A 50 16.72 -25.39 -7.92
C PHE A 50 18.21 -25.75 -7.82
N PRO A 51 18.85 -25.46 -6.70
CA PRO A 51 20.29 -25.78 -6.54
C PRO A 51 20.41 -27.32 -6.52
N ASN A 52 21.56 -27.76 -7.01
CA ASN A 52 21.90 -29.20 -7.05
C ASN A 52 21.02 -30.04 -7.89
N VAL A 53 20.45 -29.39 -8.96
CA VAL A 53 19.65 -30.14 -9.92
C VAL A 53 20.48 -30.20 -11.18
N GLU A 54 20.43 -31.38 -11.79
CA GLU A 54 21.09 -31.56 -13.15
C GLU A 54 20.09 -32.07 -14.15
N LEU A 55 20.10 -31.36 -15.29
CA LEU A 55 19.31 -31.75 -16.43
C LEU A 55 19.96 -33.08 -16.98
N ILE A 56 19.10 -34.08 -17.15
CA ILE A 56 19.59 -35.35 -17.76
C ILE A 56 19.38 -35.27 -19.28
N GLU A 57 18.14 -35.01 -19.67
CA GLU A 57 17.80 -35.08 -21.12
C GLU A 57 16.56 -34.26 -21.35
N GLU A 58 16.51 -33.58 -22.51
CA GLU A 58 15.26 -32.95 -22.94
C GLU A 58 14.64 -33.87 -24.04
N PHE A 59 13.34 -33.77 -24.25
CA PHE A 59 12.74 -34.42 -25.40
C PHE A 59 11.71 -33.46 -26.07
N HIS A 60 11.47 -33.60 -27.39
CA HIS A 60 10.55 -32.67 -28.04
C HIS A 60 10.06 -33.43 -29.29
N ASP A 61 8.76 -33.59 -29.43
CA ASP A 61 8.21 -34.16 -30.70
C ASP A 61 7.05 -33.25 -31.14
N PRO A 62 7.14 -32.66 -32.38
CA PRO A 62 6.08 -31.80 -32.84
C PRO A 62 5.16 -32.47 -33.86
N ARG A 63 5.27 -33.77 -34.04
CA ARG A 63 4.63 -34.41 -35.24
C ARG A 63 3.11 -34.40 -35.26
N LEU A 64 2.48 -34.59 -34.09
CA LEU A 64 1.04 -34.77 -33.94
C LEU A 64 0.59 -33.79 -32.90
N ILE A 65 -0.70 -33.46 -32.97
CA ILE A 65 -1.30 -32.42 -32.12
C ILE A 65 -1.23 -32.80 -30.65
N PHE A 66 -1.21 -34.09 -30.36
CA PHE A 66 -1.07 -34.51 -28.92
C PHE A 66 0.31 -34.96 -28.49
N ASP A 67 1.31 -34.63 -29.25
CA ASP A 67 2.68 -34.97 -28.89
C ASP A 67 3.22 -34.02 -27.81
N VAL A 68 4.32 -34.45 -27.19
CA VAL A 68 4.79 -33.82 -25.97
C VAL A 68 6.24 -33.40 -26.05
N SER A 69 6.70 -32.54 -25.13
CA SER A 69 8.06 -32.13 -25.02
C SER A 69 8.28 -32.07 -23.46
N GLY A 70 9.51 -31.91 -23.08
CA GLY A 70 9.70 -31.89 -21.56
C GLY A 70 11.11 -32.33 -21.27
N TYR A 71 11.33 -32.67 -19.98
CA TYR A 71 12.74 -32.97 -19.63
C TYR A 71 12.75 -33.92 -18.40
N LEU A 72 13.91 -34.53 -18.25
CA LEU A 72 14.16 -35.43 -17.16
C LEU A 72 15.28 -34.77 -16.42
N ALA A 73 15.13 -34.65 -15.05
CA ALA A 73 16.25 -34.06 -14.29
C ALA A 73 16.38 -34.81 -12.94
N VAL A 74 17.53 -34.60 -12.27
CA VAL A 74 17.79 -35.26 -10.96
C VAL A 74 18.11 -34.11 -9.96
N ASP A 75 17.41 -34.11 -8.84
CA ASP A 75 17.60 -33.03 -7.81
C ASP A 75 18.27 -33.83 -6.65
N HIS A 76 19.56 -33.58 -6.52
CA HIS A 76 20.39 -34.18 -5.47
C HIS A 76 20.14 -33.49 -4.15
N ALA A 77 19.49 -32.32 -4.14
CA ALA A 77 19.19 -31.68 -2.81
C ALA A 77 17.96 -32.32 -2.24
N SER A 78 16.94 -32.54 -3.05
CA SER A 78 15.72 -33.13 -2.53
C SER A 78 15.70 -34.67 -2.68
N LYS A 79 16.72 -35.21 -3.33
CA LYS A 79 16.79 -36.67 -3.64
C LYS A 79 15.58 -37.16 -4.42
N GLN A 80 15.35 -36.49 -5.57
CA GLN A 80 14.20 -36.81 -6.39
C GLN A 80 14.70 -36.85 -7.86
N ILE A 81 13.92 -37.57 -8.63
CA ILE A 81 14.08 -37.59 -10.12
C ILE A 81 12.78 -36.92 -10.61
N TYR A 82 12.97 -35.93 -11.49
CA TYR A 82 11.78 -35.19 -12.03
C TYR A 82 11.54 -35.57 -13.50
N LEU A 83 10.32 -35.95 -13.82
CA LEU A 83 9.93 -36.03 -15.23
C LEU A 83 8.84 -34.91 -15.41
N VAL A 84 9.12 -34.01 -16.38
CA VAL A 84 8.23 -32.85 -16.53
C VAL A 84 7.82 -32.88 -18.00
N ILE A 85 6.50 -32.73 -18.18
CA ILE A 85 5.95 -32.90 -19.55
C ILE A 85 5.04 -31.69 -19.87
N ARG A 86 4.99 -31.35 -21.16
N ARG A 86 4.96 -31.37 -21.17
CA ARG A 86 4.11 -30.29 -21.62
CA ARG A 86 4.07 -30.31 -21.61
C ARG A 86 3.60 -30.79 -22.99
C ARG A 86 3.69 -30.70 -23.04
N GLY A 87 2.56 -30.18 -23.48
CA GLY A 87 2.20 -30.34 -24.94
C GLY A 87 3.17 -29.62 -25.81
N THR A 88 3.56 -30.23 -26.98
CA THR A 88 4.41 -29.51 -27.84
C THR A 88 3.73 -28.32 -28.59
N HIS A 89 2.52 -28.56 -29.04
CA HIS A 89 1.79 -27.56 -29.81
C HIS A 89 1.25 -26.43 -28.91
N SER A 90 0.94 -25.30 -29.54
CA SER A 90 0.41 -24.15 -28.80
C SER A 90 -0.78 -24.52 -27.94
N LEU A 91 -0.86 -23.88 -26.76
CA LEU A 91 -2.00 -24.14 -25.91
C LEU A 91 -3.30 -23.90 -26.64
N GLU A 92 -3.38 -22.84 -27.48
CA GLU A 92 -4.63 -22.55 -28.16
C GLU A 92 -5.04 -23.71 -29.07
N ASP A 93 -4.09 -24.21 -29.83
CA ASP A 93 -4.38 -25.36 -30.72
C ASP A 93 -4.77 -26.63 -29.98
N VAL A 94 -3.99 -26.98 -28.94
CA VAL A 94 -4.32 -28.15 -28.20
C VAL A 94 -5.69 -28.02 -27.50
N ILE A 95 -5.99 -26.87 -26.82
CA ILE A 95 -7.23 -26.81 -26.06
C ILE A 95 -8.42 -26.84 -27.03
N THR A 96 -8.23 -26.23 -28.21
CA THR A 96 -9.33 -26.24 -29.19
C THR A 96 -9.63 -27.69 -29.55
N ASP A 97 -8.60 -28.50 -29.81
CA ASP A 97 -8.87 -29.89 -30.09
C ASP A 97 -9.56 -30.63 -28.98
N ILE A 98 -9.13 -30.43 -27.74
CA ILE A 98 -9.73 -31.15 -26.65
C ILE A 98 -11.19 -30.78 -26.40
N ARG A 99 -11.49 -29.50 -26.58
N ARG A 99 -11.50 -29.50 -26.53
CA ARG A 99 -12.78 -28.86 -26.29
CA ARG A 99 -12.82 -28.98 -26.24
C ARG A 99 -13.85 -29.30 -27.30
C ARG A 99 -13.82 -29.51 -27.28
N ILE A 100 -13.45 -29.39 -28.56
CA ILE A 100 -14.35 -29.52 -29.73
C ILE A 100 -14.36 -30.90 -30.41
N MET A 101 -13.20 -31.57 -30.45
CA MET A 101 -13.07 -32.89 -31.11
C MET A 101 -13.42 -34.06 -30.17
N GLN A 102 -14.32 -34.92 -30.63
CA GLN A 102 -14.81 -36.08 -29.83
C GLN A 102 -13.92 -37.39 -29.88
N ALA A 103 -12.88 -37.53 -29.05
CA ALA A 103 -12.11 -38.79 -29.07
C ALA A 103 -12.97 -40.10 -28.81
N PRO A 104 -12.76 -41.18 -29.58
CA PRO A 104 -13.23 -42.49 -29.10
C PRO A 104 -12.44 -42.86 -27.83
N LEU A 105 -13.14 -43.22 -26.76
CA LEU A 105 -12.42 -43.64 -25.54
C LEU A 105 -11.82 -45.05 -25.70
N THR A 106 -10.53 -45.20 -25.35
CA THR A 106 -9.67 -46.37 -25.62
C THR A 106 -9.23 -46.99 -24.32
N ASN A 107 -9.02 -48.33 -24.25
CA ASN A 107 -8.59 -48.93 -23.00
C ASN A 107 -7.17 -48.56 -22.71
N PHE A 108 -6.90 -48.11 -21.46
CA PHE A 108 -5.50 -47.74 -21.12
C PHE A 108 -4.52 -48.89 -21.26
N ASP A 109 -5.01 -50.15 -21.26
CA ASP A 109 -4.08 -51.26 -21.44
C ASP A 109 -3.50 -51.35 -22.87
N LEU A 110 -4.01 -50.55 -23.80
CA LEU A 110 -3.36 -50.45 -25.09
C LEU A 110 -2.13 -49.58 -25.07
N ALA A 111 -1.89 -48.84 -23.97
CA ALA A 111 -0.78 -47.88 -23.91
C ALA A 111 0.53 -48.59 -23.59
N ALA A 112 1.65 -47.96 -23.93
CA ALA A 112 2.98 -48.56 -23.71
C ALA A 112 3.21 -48.94 -22.22
N ASN A 113 3.83 -50.12 -22.04
CA ASN A 113 4.17 -50.60 -20.69
C ASN A 113 3.02 -50.97 -19.77
N ILE A 114 1.79 -50.90 -20.25
CA ILE A 114 0.67 -51.33 -19.46
C ILE A 114 0.23 -52.74 -19.84
N SER A 115 0.39 -53.68 -18.94
CA SER A 115 0.03 -55.08 -19.23
C SER A 115 -1.49 -55.26 -19.30
N SER A 116 -1.93 -56.23 -20.10
CA SER A 116 -3.35 -56.60 -20.15
C SER A 116 -4.04 -56.76 -18.77
N THR A 117 -3.30 -57.08 -17.70
CA THR A 117 -3.96 -57.25 -16.40
C THR A 117 -3.86 -56.08 -15.36
N ALA A 118 -3.12 -55.04 -15.74
CA ALA A 118 -2.86 -53.88 -14.88
C ALA A 118 -4.07 -52.96 -14.64
N THR A 119 -4.95 -52.84 -15.62
CA THR A 119 -6.11 -51.94 -15.51
C THR A 119 -7.47 -52.66 -15.31
N CYS A 120 -8.48 -51.92 -14.90
CA CYS A 120 -9.84 -52.46 -14.85
C CYS A 120 -10.41 -52.64 -16.30
N ASP A 121 -11.31 -53.58 -16.53
CA ASP A 121 -11.79 -53.73 -17.92
C ASP A 121 -12.50 -52.47 -18.44
N ASP A 122 -13.08 -51.65 -17.56
CA ASP A 122 -13.76 -50.46 -18.02
C ASP A 122 -12.88 -49.15 -17.78
N CYS A 123 -11.58 -49.28 -17.96
CA CYS A 123 -10.59 -48.19 -17.74
CA CYS A 123 -10.64 -48.18 -17.73
C CYS A 123 -10.27 -47.51 -19.07
N LEU A 124 -11.18 -46.64 -19.52
CA LEU A 124 -11.17 -46.03 -20.82
C LEU A 124 -10.69 -44.55 -20.74
N VAL A 125 -9.84 -44.19 -21.68
N VAL A 125 -9.74 -44.21 -21.60
CA VAL A 125 -9.23 -42.89 -21.69
CA VAL A 125 -9.11 -42.90 -21.62
C VAL A 125 -9.19 -42.29 -23.09
C VAL A 125 -9.45 -42.29 -22.97
N HIS A 126 -9.32 -40.97 -23.12
CA HIS A 126 -9.32 -40.23 -24.38
C HIS A 126 -8.13 -40.63 -25.25
N ASN A 127 -8.41 -40.95 -26.50
CA ASN A 127 -7.37 -41.50 -27.35
C ASN A 127 -6.22 -40.51 -27.62
N GLY A 128 -6.53 -39.24 -27.58
CA GLY A 128 -5.51 -38.25 -27.69
C GLY A 128 -4.54 -38.27 -26.48
N PHE A 129 -5.11 -38.38 -25.28
CA PHE A 129 -4.26 -38.34 -24.01
C PHE A 129 -3.44 -39.60 -23.95
N ILE A 130 -3.97 -40.72 -24.46
CA ILE A 130 -3.12 -41.92 -24.57
C ILE A 130 -1.99 -41.68 -25.47
N GLN A 131 -2.21 -40.97 -26.59
CA GLN A 131 -1.09 -40.62 -27.41
C GLN A 131 -0.01 -39.72 -26.71
N SER A 132 -0.47 -38.77 -25.91
CA SER A 132 0.45 -37.90 -25.19
CA SER A 132 0.51 -37.91 -25.23
C SER A 132 1.34 -38.74 -24.22
N TYR A 133 0.65 -39.66 -23.55
CA TYR A 133 1.33 -40.62 -22.60
C TYR A 133 2.30 -41.48 -23.44
N ASN A 134 1.82 -42.01 -24.56
CA ASN A 134 2.73 -42.84 -25.33
C ASN A 134 3.90 -42.16 -25.86
N ASN A 135 3.69 -40.93 -26.34
CA ASN A 135 4.71 -40.15 -26.88
C ASN A 135 5.73 -39.78 -25.80
N THR A 136 5.27 -39.63 -24.59
CA THR A 136 6.27 -39.41 -23.49
C THR A 136 7.12 -40.71 -23.28
N TYR A 137 6.45 -41.83 -23.17
CA TYR A 137 7.12 -43.12 -22.93
C TYR A 137 8.16 -43.42 -24.04
N ASN A 138 7.72 -43.25 -25.30
CA ASN A 138 8.61 -43.57 -26.37
C ASN A 138 9.77 -42.68 -26.51
N GLN A 139 9.72 -41.42 -25.96
CA GLN A 139 10.85 -40.53 -26.04
C GLN A 139 11.82 -40.59 -24.84
N ILE A 140 11.27 -40.95 -23.71
CA ILE A 140 12.04 -40.81 -22.44
C ILE A 140 12.03 -42.03 -21.51
N GLY A 141 11.18 -43.01 -21.79
CA GLY A 141 10.97 -44.09 -20.88
C GLY A 141 12.26 -44.85 -20.58
N PRO A 142 13.01 -45.24 -21.61
CA PRO A 142 14.24 -46.01 -21.36
C PRO A 142 15.30 -45.19 -20.57
N LYS A 143 15.47 -43.91 -20.93
CA LYS A 143 16.37 -43.02 -20.21
C LYS A 143 15.90 -42.88 -18.72
N LEU A 144 14.60 -42.70 -18.47
CA LEU A 144 14.09 -42.65 -17.07
C LEU A 144 14.44 -43.94 -16.30
N ASP A 145 14.13 -45.08 -16.93
CA ASP A 145 14.56 -46.35 -16.25
C ASP A 145 16.06 -46.41 -15.92
N SER A 146 16.96 -45.94 -16.78
CA SER A 146 18.38 -45.99 -16.49
C SER A 146 18.71 -45.04 -15.35
N VAL A 147 18.04 -43.88 -15.33
CA VAL A 147 18.27 -42.91 -14.24
C VAL A 147 17.72 -43.47 -12.90
N ILE A 148 16.60 -44.14 -12.92
CA ILE A 148 16.03 -44.80 -11.69
C ILE A 148 17.08 -45.78 -11.15
N GLU A 149 17.69 -46.55 -12.05
CA GLU A 149 18.71 -47.54 -11.59
C GLU A 149 19.94 -46.85 -11.02
N GLN A 150 20.29 -45.71 -11.56
CA GLN A 150 21.40 -44.98 -11.09
C GLN A 150 21.19 -44.35 -9.70
N TYR A 151 19.95 -43.93 -9.42
CA TYR A 151 19.57 -43.28 -8.16
C TYR A 151 18.43 -43.99 -7.51
N PRO A 152 18.69 -45.21 -7.02
CA PRO A 152 17.52 -46.09 -6.75
C PRO A 152 16.74 -45.76 -5.50
N ASP A 153 17.34 -44.92 -4.64
CA ASP A 153 16.57 -44.50 -3.49
C ASP A 153 16.00 -43.05 -3.61
N TYR A 154 16.15 -42.44 -4.79
CA TYR A 154 15.42 -41.13 -5.04
C TYR A 154 13.94 -41.32 -5.33
N GLN A 155 13.12 -40.39 -4.89
CA GLN A 155 11.65 -40.43 -5.11
C GLN A 155 11.45 -39.91 -6.55
N ILE A 156 10.59 -40.57 -7.32
CA ILE A 156 10.24 -40.14 -8.69
CA ILE A 156 10.28 -40.06 -8.67
C ILE A 156 9.05 -39.21 -8.57
N ALA A 157 9.13 -38.04 -9.23
CA ALA A 157 8.03 -37.08 -9.24
C ALA A 157 7.72 -36.70 -10.70
N VAL A 158 6.43 -36.82 -11.06
CA VAL A 158 6.01 -36.52 -12.45
C VAL A 158 5.11 -35.31 -12.37
N THR A 159 5.41 -34.30 -13.17
CA THR A 159 4.54 -33.08 -13.17
C THR A 159 4.36 -32.53 -14.58
N GLY A 160 3.28 -31.80 -14.74
CA GLY A 160 3.13 -31.12 -16.07
C GLY A 160 1.90 -30.23 -15.97
N HIS A 161 1.92 -29.26 -16.92
CA HIS A 161 0.78 -28.29 -17.04
C HIS A 161 0.05 -28.55 -18.35
N SER A 162 -1.28 -28.43 -18.28
CA SER A 162 -2.16 -28.55 -19.51
C SER A 162 -2.04 -29.97 -20.06
N LEU A 163 -1.81 -30.15 -21.37
CA LEU A 163 -1.73 -31.53 -21.88
C LEU A 163 -0.58 -32.30 -21.15
N GLY A 164 0.50 -31.56 -20.80
CA GLY A 164 1.57 -32.13 -19.91
C GLY A 164 0.99 -32.73 -18.64
N GLY A 165 -0.08 -32.16 -18.07
CA GLY A 165 -0.64 -32.68 -16.86
C GLY A 165 -1.37 -33.99 -17.15
N ALA A 166 -2.09 -34.04 -18.29
CA ALA A 166 -2.70 -35.32 -18.66
C ALA A 166 -1.65 -36.38 -18.88
N ALA A 167 -0.59 -36.10 -19.62
CA ALA A 167 0.52 -37.06 -19.87
C ALA A 167 1.11 -37.45 -18.48
N ALA A 168 1.24 -36.51 -17.57
CA ALA A 168 1.83 -36.83 -16.26
C ALA A 168 1.00 -37.79 -15.40
N LEU A 169 -0.28 -37.56 -15.38
CA LEU A 169 -1.24 -38.43 -14.70
C LEU A 169 -1.11 -39.88 -15.22
N LEU A 170 -1.17 -40.01 -16.55
CA LEU A 170 -1.04 -41.33 -17.15
C LEU A 170 0.34 -41.92 -16.95
N PHE A 171 1.40 -41.09 -17.02
CA PHE A 171 2.75 -41.62 -16.87
C PHE A 171 2.90 -42.04 -15.37
N GLY A 172 2.31 -41.26 -14.44
CA GLY A 172 2.36 -41.71 -13.03
C GLY A 172 1.63 -43.02 -12.77
N ILE A 173 0.54 -43.22 -13.47
CA ILE A 173 -0.23 -44.45 -13.38
C ILE A 173 0.63 -45.59 -13.93
N ASN A 174 1.29 -45.39 -15.07
CA ASN A 174 2.28 -46.37 -15.67
C ASN A 174 3.32 -46.78 -14.58
N LEU A 175 3.96 -45.78 -13.97
CA LEU A 175 5.04 -46.06 -13.00
C LEU A 175 4.47 -46.81 -11.78
N LYS A 176 3.30 -46.43 -11.32
CA LYS A 176 2.67 -46.98 -10.15
C LYS A 176 2.20 -48.45 -10.36
N VAL A 177 1.54 -48.74 -11.45
CA VAL A 177 1.24 -50.14 -11.72
C VAL A 177 2.48 -50.98 -12.05
N ASN A 178 3.56 -50.36 -12.45
CA ASN A 178 4.79 -51.08 -12.78
C ASN A 178 5.82 -51.14 -11.63
N GLY A 179 5.31 -50.92 -10.42
CA GLY A 179 6.09 -51.21 -9.20
C GLY A 179 6.82 -50.05 -8.58
N HIS A 180 6.61 -48.86 -9.12
CA HIS A 180 7.28 -47.70 -8.53
C HIS A 180 6.24 -46.96 -7.67
N ASP A 181 6.69 -45.90 -6.99
CA ASP A 181 5.82 -45.19 -6.04
C ASP A 181 5.95 -43.65 -6.34
N PRO A 182 5.54 -43.24 -7.52
CA PRO A 182 5.76 -41.89 -7.97
C PRO A 182 4.89 -40.88 -7.22
N LEU A 183 5.36 -39.63 -7.11
CA LEU A 183 4.49 -38.45 -6.77
C LEU A 183 4.03 -37.84 -8.10
N VAL A 184 2.73 -37.55 -8.18
CA VAL A 184 2.16 -36.97 -9.46
C VAL A 184 1.50 -35.65 -9.05
N VAL A 185 1.94 -34.59 -9.70
CA VAL A 185 1.24 -33.30 -9.41
C VAL A 185 0.94 -32.76 -10.83
N THR A 186 -0.31 -32.44 -11.06
CA THR A 186 -0.64 -31.89 -12.39
C THR A 186 -1.18 -30.48 -12.17
N LEU A 187 -1.12 -29.65 -13.22
CA LEU A 187 -1.68 -28.27 -13.11
C LEU A 187 -2.50 -28.04 -14.37
N GLY A 188 -3.73 -27.58 -14.16
CA GLY A 188 -4.55 -27.16 -15.31
C GLY A 188 -4.85 -28.46 -16.16
N GLN A 189 -4.97 -29.60 -15.49
CA GLN A 189 -5.13 -30.88 -16.24
C GLN A 189 -6.53 -31.15 -16.69
N PRO A 190 -6.72 -31.49 -18.00
CA PRO A 190 -8.06 -31.78 -18.51
C PRO A 190 -8.55 -33.15 -17.99
N ILE A 191 -9.86 -33.45 -18.08
CA ILE A 191 -10.38 -34.74 -17.66
C ILE A 191 -9.86 -35.85 -18.61
N VAL A 192 -9.27 -36.89 -18.06
CA VAL A 192 -8.54 -37.86 -18.85
C VAL A 192 -9.45 -39.03 -19.37
N GLY A 193 -10.33 -39.50 -18.53
CA GLY A 193 -11.11 -40.74 -18.84
C GLY A 193 -12.50 -40.80 -18.28
N ASN A 194 -13.04 -42.01 -18.25
CA ASN A 194 -14.38 -42.20 -17.81
C ASN A 194 -14.53 -42.60 -16.34
N ALA A 195 -15.74 -42.90 -15.89
CA ALA A 195 -15.98 -43.18 -14.46
C ALA A 195 -15.23 -44.43 -14.01
N GLY A 196 -15.21 -45.47 -14.85
CA GLY A 196 -14.32 -46.59 -14.57
C GLY A 196 -12.88 -46.21 -14.30
N PHE A 197 -12.24 -45.46 -15.21
CA PHE A 197 -10.88 -45.01 -15.07
C PHE A 197 -10.75 -44.14 -13.79
N ALA A 198 -11.66 -43.20 -13.63
CA ALA A 198 -11.52 -42.23 -12.50
C ALA A 198 -11.57 -42.99 -11.16
N ASN A 199 -12.51 -43.92 -11.01
CA ASN A 199 -12.65 -44.62 -9.74
C ASN A 199 -11.51 -45.60 -9.50
N TRP A 200 -10.95 -46.14 -10.59
CA TRP A 200 -9.87 -47.05 -10.49
C TRP A 200 -8.60 -46.29 -10.05
N VAL A 201 -8.37 -45.11 -10.67
CA VAL A 201 -7.28 -44.20 -10.27
C VAL A 201 -7.45 -43.84 -8.77
N ASP A 202 -8.64 -43.57 -8.29
CA ASP A 202 -8.82 -43.20 -6.87
C ASP A 202 -8.43 -44.44 -6.00
N LYS A 203 -8.87 -45.64 -6.41
CA LYS A 203 -8.47 -46.81 -5.63
C LYS A 203 -6.96 -46.99 -5.62
N LEU A 204 -6.32 -46.75 -6.77
CA LEU A 204 -4.93 -47.00 -6.98
C LEU A 204 -4.17 -46.03 -6.08
N PHE A 205 -4.58 -44.75 -6.08
CA PHE A 205 -3.75 -43.77 -5.34
C PHE A 205 -4.20 -43.49 -3.95
N PHE A 206 -5.48 -43.59 -3.67
CA PHE A 206 -6.01 -43.19 -2.36
C PHE A 206 -6.53 -44.38 -1.59
N GLY A 207 -6.57 -45.50 -2.28
CA GLY A 207 -6.93 -46.76 -1.67
C GLY A 207 -8.43 -47.10 -1.53
N GLN A 208 -9.36 -46.23 -1.94
CA GLN A 208 -10.80 -46.55 -1.88
C GLN A 208 -11.48 -45.61 -2.83
N GLU A 209 -12.74 -45.91 -3.17
CA GLU A 209 -13.56 -44.93 -3.86
C GLU A 209 -13.99 -43.86 -2.91
N ASN A 210 -14.34 -42.71 -3.48
CA ASN A 210 -14.76 -41.56 -2.73
C ASN A 210 -13.83 -41.29 -1.52
N PRO A 211 -12.52 -41.14 -1.80
CA PRO A 211 -11.46 -40.96 -0.77
C PRO A 211 -11.52 -39.58 -0.10
N ASP A 212 -11.08 -39.54 1.13
CA ASP A 212 -10.94 -38.29 1.87
C ASP A 212 -9.60 -37.70 1.37
N VAL A 213 -9.70 -36.59 0.62
CA VAL A 213 -8.52 -35.95 0.01
C VAL A 213 -8.43 -34.51 0.54
N SER A 214 -8.81 -34.30 1.78
CA SER A 214 -8.83 -32.97 2.39
C SER A 214 -7.45 -32.54 2.91
N LYS A 215 -6.50 -33.48 2.98
CA LYS A 215 -5.19 -33.21 3.56
C LYS A 215 -4.00 -33.41 2.67
N VAL A 216 -2.98 -32.60 2.89
CA VAL A 216 -1.66 -32.79 2.31
C VAL A 216 -0.86 -33.62 3.29
N SER A 217 -0.25 -34.69 2.82
CA SER A 217 0.43 -35.54 3.80
C SER A 217 1.63 -36.22 3.15
N LYS A 218 2.61 -36.66 3.98
CA LYS A 218 3.86 -37.16 3.41
C LYS A 218 3.59 -38.35 2.48
N ASP A 219 2.57 -39.16 2.73
CA ASP A 219 2.37 -40.33 1.96
C ASP A 219 1.41 -40.20 0.78
N ARG A 220 0.82 -39.01 0.65
CA ARG A 220 -0.17 -38.84 -0.44
C ARG A 220 0.57 -38.64 -1.73
N LYS A 221 0.08 -39.19 -2.87
CA LYS A 221 0.95 -39.13 -3.98
C LYS A 221 0.27 -38.53 -5.22
N LEU A 222 -0.94 -38.00 -5.04
CA LEU A 222 -1.65 -37.44 -6.25
C LEU A 222 -2.25 -36.12 -5.89
N TYR A 223 -1.88 -35.11 -6.66
CA TYR A 223 -2.58 -33.80 -6.51
C TYR A 223 -2.88 -33.24 -7.92
N ARG A 224 -4.10 -32.74 -8.09
CA ARG A 224 -4.55 -32.09 -9.39
C ARG A 224 -4.85 -30.60 -9.04
N ILE A 225 -3.87 -29.76 -9.36
CA ILE A 225 -4.01 -28.32 -9.08
C ILE A 225 -4.86 -27.68 -10.18
N THR A 226 -5.84 -26.90 -9.75
CA THR A 226 -6.77 -26.20 -10.71
C THR A 226 -6.82 -24.74 -10.28
N HIS A 227 -7.27 -23.87 -11.19
CA HIS A 227 -7.25 -22.42 -10.87
C HIS A 227 -8.65 -21.86 -11.22
N ARG A 228 -9.25 -21.08 -10.34
CA ARG A 228 -10.51 -20.39 -10.65
C ARG A 228 -10.42 -19.78 -12.04
N GLY A 229 -11.45 -20.12 -12.80
CA GLY A 229 -11.65 -19.56 -14.13
C GLY A 229 -10.98 -20.33 -15.25
N ASP A 230 -10.12 -21.30 -14.92
CA ASP A 230 -9.54 -22.06 -15.97
C ASP A 230 -10.50 -23.21 -16.44
N ILE A 231 -10.92 -23.19 -17.73
CA ILE A 231 -11.84 -24.26 -18.17
C ILE A 231 -11.16 -25.51 -18.55
N VAL A 232 -9.87 -25.51 -18.63
CA VAL A 232 -9.18 -26.77 -19.10
C VAL A 232 -9.53 -27.95 -18.19
N PRO A 233 -9.46 -27.76 -16.86
CA PRO A 233 -9.90 -28.84 -15.98
C PRO A 233 -11.39 -29.23 -15.98
N GLN A 234 -12.20 -28.49 -16.77
CA GLN A 234 -13.57 -28.80 -16.98
C GLN A 234 -13.87 -29.52 -18.30
N VAL A 235 -12.90 -29.67 -19.17
CA VAL A 235 -13.09 -30.39 -20.45
C VAL A 235 -12.18 -31.62 -20.56
N PRO A 236 -12.45 -32.55 -21.49
CA PRO A 236 -13.67 -32.52 -22.30
C PRO A 236 -14.83 -32.90 -21.36
N PHE A 237 -15.99 -32.40 -21.64
CA PHE A 237 -17.13 -32.75 -20.80
C PHE A 237 -18.16 -33.77 -21.39
N TRP A 238 -17.85 -34.38 -22.53
CA TRP A 238 -18.76 -35.37 -23.09
C TRP A 238 -19.19 -36.15 -21.82
N ASP A 239 -20.47 -36.17 -21.52
CA ASP A 239 -20.88 -37.06 -20.47
C ASP A 239 -20.15 -38.38 -20.66
N GLY A 240 -19.86 -39.07 -19.59
CA GLY A 240 -18.92 -40.19 -19.66
C GLY A 240 -17.60 -39.77 -18.99
N TYR A 241 -17.07 -38.60 -19.33
CA TYR A 241 -15.76 -38.16 -18.76
C TYR A 241 -15.99 -37.71 -17.34
N GLN A 242 -15.08 -38.09 -16.43
CA GLN A 242 -15.13 -37.50 -15.11
C GLN A 242 -13.69 -37.58 -14.52
N HIS A 243 -13.37 -36.64 -13.63
CA HIS A 243 -12.09 -36.64 -13.01
C HIS A 243 -12.00 -37.70 -11.89
N CYS A 244 -10.76 -38.09 -11.64
CA CYS A 244 -10.42 -38.71 -10.37
C CYS A 244 -10.44 -37.66 -9.25
N SER A 245 -10.37 -38.15 -8.03
CA SER A 245 -10.29 -37.20 -6.85
C SER A 245 -8.90 -36.56 -6.79
N GLY A 246 -8.81 -35.57 -5.88
CA GLY A 246 -7.49 -35.05 -5.62
C GLY A 246 -7.26 -33.55 -5.98
N GLU A 247 -8.37 -32.84 -6.20
CA GLU A 247 -8.29 -31.44 -6.65
C GLU A 247 -7.73 -30.48 -5.53
N VAL A 248 -6.77 -29.63 -5.94
CA VAL A 248 -6.25 -28.52 -5.11
C VAL A 248 -6.54 -27.22 -5.93
N PHE A 249 -7.33 -26.32 -5.37
CA PHE A 249 -7.92 -25.22 -6.17
C PHE A 249 -7.30 -23.93 -5.69
N ILE A 250 -6.82 -23.14 -6.67
CA ILE A 250 -6.33 -21.78 -6.37
C ILE A 250 -7.53 -20.88 -6.59
N ASP A 251 -8.13 -20.46 -5.47
CA ASP A 251 -9.29 -19.59 -5.55
C ASP A 251 -8.82 -18.13 -5.53
N TRP A 252 -8.26 -17.68 -6.64
CA TRP A 252 -7.63 -16.31 -6.71
C TRP A 252 -7.51 -16.01 -8.16
N PRO A 253 -7.63 -14.73 -8.52
CA PRO A 253 -7.57 -14.46 -9.95
C PRO A 253 -6.21 -14.36 -10.52
N LEU A 254 -5.14 -14.21 -9.70
CA LEU A 254 -3.84 -13.99 -10.23
C LEU A 254 -2.84 -15.09 -9.83
N ILE A 255 -1.62 -14.96 -10.34
CA ILE A 255 -0.48 -15.71 -9.79
C ILE A 255 -0.23 -15.26 -8.34
N HIS A 256 0.68 -15.96 -7.70
CA HIS A 256 1.05 -15.67 -6.34
C HIS A 256 -0.11 -15.49 -5.38
N PRO A 257 -1.02 -16.49 -5.28
CA PRO A 257 -2.18 -16.34 -4.47
C PRO A 257 -1.76 -16.25 -2.98
N PRO A 258 -2.60 -15.61 -2.19
CA PRO A 258 -2.45 -15.68 -0.75
C PRO A 258 -2.62 -17.16 -0.25
N LEU A 259 -1.96 -17.43 0.88
CA LEU A 259 -2.08 -18.78 1.47
C LEU A 259 -3.51 -19.18 1.76
N SER A 260 -4.36 -18.24 2.19
CA SER A 260 -5.72 -18.57 2.54
C SER A 260 -6.55 -19.08 1.31
N ASN A 261 -6.02 -18.83 0.14
CA ASN A 261 -6.83 -18.99 -1.07
C ASN A 261 -6.37 -20.16 -1.93
N VAL A 262 -5.60 -21.07 -1.36
CA VAL A 262 -5.37 -22.35 -2.06
C VAL A 262 -6.05 -23.45 -1.14
N VAL A 263 -6.99 -24.22 -1.67
CA VAL A 263 -7.81 -25.07 -0.79
C VAL A 263 -7.75 -26.50 -1.34
N MET A 264 -7.93 -27.49 -0.44
CA MET A 264 -8.02 -28.88 -0.90
C MET A 264 -9.51 -29.21 -1.03
N CYS A 265 -9.91 -29.76 -2.20
CA CYS A 265 -11.35 -29.94 -2.50
C CYS A 265 -11.66 -31.41 -2.34
N GLN A 266 -12.75 -31.71 -1.67
CA GLN A 266 -13.31 -33.15 -1.70
C GLN A 266 -13.95 -33.41 -3.05
N GLY A 267 -13.94 -34.68 -3.41
CA GLY A 267 -14.76 -35.18 -4.53
C GLY A 267 -14.23 -35.13 -5.93
N GLN A 268 -15.01 -35.71 -6.84
CA GLN A 268 -14.55 -35.71 -8.19
C GLN A 268 -15.09 -34.47 -8.96
N SER A 269 -16.08 -33.81 -8.38
CA SER A 269 -16.56 -32.51 -8.89
C SER A 269 -17.03 -31.70 -7.71
N ASN A 270 -16.60 -30.42 -7.62
CA ASN A 270 -16.87 -29.67 -6.40
C ASN A 270 -17.17 -28.22 -6.78
N LYS A 271 -18.39 -27.78 -6.50
CA LYS A 271 -18.80 -26.44 -7.00
C LYS A 271 -18.12 -25.36 -6.20
N GLN A 272 -17.43 -25.72 -5.09
CA GLN A 272 -16.61 -24.67 -4.44
C GLN A 272 -15.27 -24.49 -5.16
N CYS A 273 -14.96 -25.40 -6.06
CA CYS A 273 -13.72 -25.47 -6.82
C CYS A 273 -13.94 -25.31 -8.35
N SER A 274 -13.18 -26.00 -9.19
CA SER A 274 -13.26 -25.82 -10.69
CA SER A 274 -13.26 -25.69 -10.65
C SER A 274 -14.67 -25.92 -11.25
N ALA A 275 -15.42 -26.93 -10.75
CA ALA A 275 -16.79 -27.16 -11.24
C ALA A 275 -17.69 -25.96 -11.04
N GLY A 276 -17.38 -25.12 -10.06
CA GLY A 276 -18.15 -23.88 -9.77
C GLY A 276 -17.69 -22.61 -10.54
N ASN A 277 -16.74 -22.76 -11.44
CA ASN A 277 -16.28 -21.58 -12.29
C ASN A 277 -17.55 -20.93 -12.92
N THR A 278 -17.69 -19.63 -12.78
CA THR A 278 -18.87 -18.91 -13.33
C THR A 278 -18.57 -18.56 -14.77
N LEU A 279 -19.64 -18.19 -15.51
CA LEU A 279 -19.42 -17.83 -16.94
C LEU A 279 -18.50 -16.65 -17.12
N LEU A 280 -18.59 -15.61 -16.31
CA LEU A 280 -17.68 -14.48 -16.40
CA LEU A 280 -17.63 -14.53 -16.52
C LEU A 280 -16.23 -14.87 -16.04
N GLN A 281 -16.12 -15.76 -15.03
CA GLN A 281 -14.80 -16.26 -14.67
C GLN A 281 -14.11 -17.03 -15.77
N GLN A 282 -14.88 -17.68 -16.67
CA GLN A 282 -14.38 -18.57 -17.72
C GLN A 282 -13.98 -17.84 -19.00
N VAL A 283 -14.34 -16.56 -19.09
CA VAL A 283 -14.17 -15.81 -20.34
C VAL A 283 -12.80 -15.85 -20.91
N ASN A 284 -11.79 -15.50 -20.11
CA ASN A 284 -10.43 -15.38 -20.66
C ASN A 284 -9.58 -16.65 -20.61
N VAL A 285 -9.80 -17.49 -21.61
CA VAL A 285 -9.51 -18.92 -21.43
C VAL A 285 -7.97 -19.14 -21.30
N ILE A 286 -7.16 -18.68 -22.24
CA ILE A 286 -5.70 -18.91 -22.18
C ILE A 286 -5.14 -18.22 -20.93
N GLY A 287 -5.49 -16.93 -20.69
CA GLY A 287 -4.83 -16.26 -19.59
C GLY A 287 -5.10 -16.96 -18.27
N ASN A 288 -6.33 -17.43 -18.04
CA ASN A 288 -6.69 -18.03 -16.75
C ASN A 288 -6.03 -19.38 -16.62
N HIS A 289 -5.79 -20.01 -17.76
CA HIS A 289 -5.07 -21.29 -17.76
C HIS A 289 -3.59 -21.17 -17.49
N LEU A 290 -3.02 -19.95 -17.53
CA LEU A 290 -1.54 -19.75 -17.23
C LEU A 290 -1.27 -19.51 -15.73
N GLN A 291 -2.26 -19.10 -14.97
CA GLN A 291 -2.10 -18.55 -13.63
C GLN A 291 -2.10 -19.59 -12.51
N TYR A 292 -0.94 -20.24 -12.33
CA TYR A 292 -0.76 -21.33 -11.40
C TYR A 292 0.47 -21.06 -10.49
N PHE A 293 0.29 -20.18 -9.51
CA PHE A 293 1.39 -19.70 -8.62
C PHE A 293 2.36 -18.77 -9.36
N VAL A 294 2.94 -19.32 -10.42
CA VAL A 294 3.73 -18.58 -11.38
C VAL A 294 3.00 -18.63 -12.75
N THR A 295 3.41 -17.77 -13.68
CA THR A 295 2.81 -17.81 -15.03
C THR A 295 3.31 -19.03 -15.79
N GLU A 296 2.42 -19.87 -16.29
CA GLU A 296 2.85 -21.09 -17.00
C GLU A 296 2.79 -20.76 -18.49
N GLY A 297 3.62 -21.44 -19.28
CA GLY A 297 3.45 -21.39 -20.75
C GLY A 297 4.46 -20.58 -21.46
N VAL A 298 5.27 -19.83 -20.73
CA VAL A 298 6.29 -18.99 -21.34
C VAL A 298 7.60 -19.13 -20.64
N CYS A 299 8.64 -19.50 -21.37
CA CYS A 299 9.95 -19.66 -20.73
C CYS A 299 10.53 -18.30 -20.38
N GLY A 300 11.10 -18.25 -19.19
CA GLY A 300 11.97 -17.16 -18.74
C GLY A 300 11.28 -16.18 -17.81
N ILE A 301 9.98 -16.36 -17.63
CA ILE A 301 9.28 -15.64 -16.54
C ILE A 301 8.73 -16.64 -15.47
N VAL B 1 -3.54 -6.53 40.88
CA VAL B 1 -3.16 -6.68 39.51
C VAL B 1 -1.85 -7.38 39.35
N TYR B 2 -1.86 -8.40 38.51
CA TYR B 2 -0.71 -9.23 38.31
C TYR B 2 0.13 -8.56 37.23
N THR B 3 1.35 -8.14 37.57
CA THR B 3 2.12 -7.35 36.54
C THR B 3 3.32 -8.20 36.12
N SER B 4 3.85 -8.00 34.90
CA SER B 4 5.03 -8.76 34.50
C SER B 4 5.77 -7.87 33.46
N THR B 5 7.03 -8.19 33.16
CA THR B 5 7.65 -7.67 31.94
C THR B 5 8.07 -8.78 31.01
N GLU B 6 7.51 -9.96 31.22
N GLU B 6 7.55 -9.98 31.22
CA GLU B 6 7.85 -11.14 30.39
CA GLU B 6 8.08 -11.10 30.37
CA GLU B 6 7.92 -11.16 30.40
C GLU B 6 7.11 -11.09 29.06
C GLU B 6 7.15 -11.18 29.09
N THR B 7 7.85 -11.34 27.97
CA THR B 7 7.17 -11.55 26.66
C THR B 7 7.86 -12.72 25.92
N SER B 8 7.19 -13.23 24.86
CA SER B 8 7.70 -14.36 24.13
C SER B 8 7.32 -14.16 22.65
N HIS B 9 8.20 -14.72 21.81
CA HIS B 9 7.96 -14.62 20.37
C HIS B 9 6.95 -15.66 19.91
N ILE B 10 6.51 -15.54 18.63
CA ILE B 10 5.53 -16.48 18.10
C ILE B 10 6.07 -16.99 16.72
N ASP B 11 5.41 -18.03 16.26
CA ASP B 11 5.79 -18.56 14.92
C ASP B 11 4.86 -18.05 13.84
N GLN B 12 5.23 -18.32 12.58
CA GLN B 12 4.42 -17.79 11.48
C GLN B 12 2.99 -18.31 11.48
N GLU B 13 2.77 -19.59 11.84
CA GLU B 13 1.41 -20.11 11.85
C GLU B 13 0.53 -19.32 12.84
N SER B 14 1.13 -18.91 13.97
CA SER B 14 0.32 -18.17 14.96
C SER B 14 0.03 -16.78 14.39
N TYR B 15 1.03 -16.16 13.77
CA TYR B 15 0.93 -14.82 13.17
C TYR B 15 -0.23 -14.87 12.17
N ASN B 16 -0.23 -15.90 11.33
CA ASN B 16 -1.33 -16.01 10.35
C ASN B 16 -2.73 -16.10 11.02
N PHE B 17 -2.78 -16.79 12.15
CA PHE B 17 -4.03 -16.99 12.89
C PHE B 17 -4.48 -15.63 13.39
N PHE B 18 -3.56 -14.86 13.96
CA PHE B 18 -4.01 -13.52 14.48
C PHE B 18 -4.45 -12.62 13.37
N GLU B 19 -3.73 -12.65 12.24
CA GLU B 19 -4.09 -11.78 11.10
C GLU B 19 -5.47 -12.19 10.56
N LYS B 20 -5.80 -13.50 10.57
CA LYS B 20 -7.10 -13.98 10.07
C LYS B 20 -8.26 -13.30 10.84
N TYR B 21 -8.11 -13.21 12.16
CA TYR B 21 -9.15 -12.58 12.98
C TYR B 21 -9.15 -11.07 12.78
N ALA B 22 -7.98 -10.49 12.53
CA ALA B 22 -7.99 -9.08 12.24
C ALA B 22 -8.80 -8.80 10.95
N ARG B 23 -8.63 -9.69 9.95
CA ARG B 23 -9.41 -9.48 8.70
C ARG B 23 -10.93 -9.61 9.00
N LEU B 24 -11.29 -10.69 9.70
CA LEU B 24 -12.73 -10.91 10.01
C LEU B 24 -13.34 -9.71 10.75
N ALA B 25 -12.57 -9.17 11.72
CA ALA B 25 -13.03 -7.95 12.48
C ALA B 25 -13.16 -6.78 11.55
N ASN B 26 -12.23 -6.60 10.61
CA ASN B 26 -12.34 -5.53 9.62
C ASN B 26 -13.61 -5.60 8.76
N ILE B 27 -14.02 -6.81 8.41
CA ILE B 27 -15.21 -7.00 7.58
C ILE B 27 -16.43 -6.54 8.36
N GLY B 28 -16.33 -6.45 9.70
CA GLY B 28 -17.44 -5.96 10.49
C GLY B 28 -17.77 -4.54 10.08
N TYR B 29 -16.77 -3.78 9.60
CA TYR B 29 -17.05 -2.41 9.13
C TYR B 29 -17.69 -2.31 7.75
N CYS B 30 -17.96 -3.47 7.12
CA CYS B 30 -18.74 -3.54 5.88
C CYS B 30 -20.24 -3.81 6.14
N VAL B 31 -20.58 -3.78 7.42
CA VAL B 31 -21.98 -3.91 7.85
C VAL B 31 -22.54 -2.51 8.12
N GLY B 32 -23.71 -2.23 7.58
CA GLY B 32 -24.44 -1.03 7.99
C GLY B 32 -24.80 -0.21 6.77
N PRO B 33 -25.42 0.96 6.98
CA PRO B 33 -25.77 1.86 5.86
C PRO B 33 -24.51 2.32 5.16
N GLY B 34 -24.53 2.42 3.87
CA GLY B 34 -23.45 3.00 3.16
C GLY B 34 -22.35 1.98 2.87
N THR B 35 -22.59 0.66 3.10
CA THR B 35 -21.58 -0.38 2.85
CA THR B 35 -21.65 -0.33 2.61
C THR B 35 -22.39 -1.67 2.59
N LYS B 36 -21.76 -2.68 2.06
CA LYS B 36 -22.48 -3.91 1.89
C LYS B 36 -21.55 -5.13 1.99
N ILE B 37 -22.01 -6.24 2.60
CA ILE B 37 -21.39 -7.54 2.33
C ILE B 37 -22.40 -8.27 1.42
N PHE B 38 -22.04 -8.49 0.19
CA PHE B 38 -22.90 -9.25 -0.73
C PHE B 38 -22.79 -10.73 -0.44
N LYS B 39 -23.91 -11.47 -0.59
CA LYS B 39 -23.83 -12.92 -0.51
C LYS B 39 -23.10 -13.59 -1.65
N PRO B 40 -22.36 -14.66 -1.36
CA PRO B 40 -22.27 -15.32 -0.06
C PRO B 40 -21.37 -14.60 0.94
N PHE B 41 -20.20 -14.13 0.50
CA PHE B 41 -19.33 -13.38 1.39
C PHE B 41 -18.41 -12.52 0.55
N ASN B 42 -18.95 -11.42 0.01
CA ASN B 42 -18.16 -10.64 -0.97
C ASN B 42 -18.16 -9.17 -0.52
N CYS B 43 -16.99 -8.61 -0.32
CA CYS B 43 -16.90 -7.25 0.19
C CYS B 43 -15.52 -6.66 -0.10
N GLY B 44 -14.95 -7.04 -1.23
CA GLY B 44 -13.63 -6.54 -1.63
C GLY B 44 -12.53 -7.45 -1.09
N LEU B 45 -11.35 -6.84 -0.94
CA LEU B 45 -10.15 -7.55 -0.64
C LEU B 45 -10.21 -8.44 0.58
N GLN B 46 -10.79 -7.99 1.69
CA GLN B 46 -10.66 -8.79 2.95
C GLN B 46 -11.58 -10.06 2.91
N CYS B 47 -12.81 -9.88 2.47
CA CYS B 47 -13.70 -11.09 2.28
C CYS B 47 -13.15 -12.08 1.23
N ALA B 48 -12.38 -11.60 0.26
CA ALA B 48 -11.78 -12.47 -0.69
C ALA B 48 -10.84 -13.47 -0.08
N HIS B 49 -10.34 -13.28 1.15
CA HIS B 49 -9.50 -14.30 1.76
C HIS B 49 -10.24 -15.51 2.45
N PHE B 50 -11.56 -15.57 2.23
CA PHE B 50 -12.41 -16.50 2.94
C PHE B 50 -13.26 -17.40 2.01
N PRO B 51 -12.63 -18.32 1.32
CA PRO B 51 -13.41 -19.25 0.45
C PRO B 51 -14.28 -20.15 1.33
N ASN B 52 -15.44 -20.50 0.79
CA ASN B 52 -16.37 -21.40 1.49
C ASN B 52 -17.02 -20.76 2.73
N VAL B 53 -17.04 -19.42 2.78
CA VAL B 53 -17.73 -18.75 3.89
C VAL B 53 -19.05 -18.20 3.38
N GLU B 54 -20.12 -18.40 4.17
CA GLU B 54 -21.36 -17.70 3.87
C GLU B 54 -21.81 -16.81 4.97
N LEU B 55 -22.24 -15.61 4.62
CA LEU B 55 -22.87 -14.70 5.56
C LEU B 55 -24.28 -15.23 5.94
N ILE B 56 -24.54 -15.36 7.23
CA ILE B 56 -25.90 -15.84 7.66
C ILE B 56 -26.81 -14.64 7.90
N GLU B 57 -26.34 -13.63 8.63
CA GLU B 57 -27.18 -12.53 8.99
C GLU B 57 -26.29 -11.39 9.44
N GLU B 58 -26.67 -10.16 9.10
CA GLU B 58 -26.00 -8.97 9.66
C GLU B 58 -26.90 -8.37 10.66
N PHE B 59 -26.40 -7.55 11.56
CA PHE B 59 -27.20 -6.78 12.48
C PHE B 59 -26.62 -5.38 12.65
N HIS B 60 -27.49 -4.40 12.97
CA HIS B 60 -27.02 -3.01 13.07
C HIS B 60 -28.04 -2.27 13.94
N ASP B 61 -27.57 -1.66 15.00
CA ASP B 61 -28.38 -0.80 15.90
C ASP B 61 -27.67 0.52 16.19
N PRO B 62 -28.21 1.64 15.71
CA PRO B 62 -27.57 2.91 15.81
C PRO B 62 -28.18 3.69 16.99
N ARG B 63 -29.11 3.07 17.76
CA ARG B 63 -29.87 3.92 18.71
C ARG B 63 -29.06 4.55 19.83
N LEU B 64 -28.05 3.86 20.32
CA LEU B 64 -27.35 4.27 21.53
C LEU B 64 -25.83 4.31 21.24
N ILE B 65 -25.09 5.11 22.02
CA ILE B 65 -23.63 5.26 21.78
C ILE B 65 -22.88 3.95 21.98
N PHE B 66 -23.38 3.07 22.88
CA PHE B 66 -22.72 1.79 23.10
C PHE B 66 -23.34 0.67 22.26
N ASP B 67 -24.16 0.96 21.26
CA ASP B 67 -24.78 -0.08 20.48
C ASP B 67 -23.81 -0.60 19.37
N VAL B 68 -24.13 -1.79 18.92
CA VAL B 68 -23.23 -2.55 18.02
C VAL B 68 -23.83 -2.94 16.69
N SER B 69 -22.95 -3.27 15.73
CA SER B 69 -23.31 -3.85 14.47
C SER B 69 -22.37 -5.02 14.22
N GLY B 70 -22.67 -5.85 13.26
CA GLY B 70 -21.74 -6.99 13.05
C GLY B 70 -22.37 -8.03 12.16
N TYR B 71 -21.78 -9.21 12.17
CA TYR B 71 -22.38 -10.29 11.36
C TYR B 71 -22.09 -11.65 11.93
N LEU B 72 -22.92 -12.60 11.48
CA LEU B 72 -22.81 -14.00 11.81
C LEU B 72 -22.53 -14.73 10.48
N ALA B 73 -21.45 -15.52 10.41
CA ALA B 73 -21.18 -16.24 9.18
C ALA B 73 -20.72 -17.65 9.50
N VAL B 74 -20.73 -18.53 8.52
CA VAL B 74 -20.26 -19.91 8.69
C VAL B 74 -19.15 -20.16 7.70
N ASP B 75 -18.04 -20.67 8.20
CA ASP B 75 -16.92 -21.01 7.36
C ASP B 75 -16.88 -22.51 7.23
N HIS B 76 -17.31 -23.01 6.06
CA HIS B 76 -17.24 -24.46 5.80
C HIS B 76 -15.86 -25.01 5.49
N ALA B 77 -14.88 -24.12 5.16
CA ALA B 77 -13.49 -24.59 4.95
C ALA B 77 -12.77 -24.82 6.30
N SER B 78 -12.92 -23.90 7.25
CA SER B 78 -12.27 -24.06 8.57
C SER B 78 -13.17 -24.76 9.58
N LYS B 79 -14.41 -25.00 9.17
CA LYS B 79 -15.45 -25.59 10.10
C LYS B 79 -15.67 -24.77 11.39
N GLN B 80 -16.04 -23.49 11.21
CA GLN B 80 -16.20 -22.55 12.32
C GLN B 80 -17.46 -21.75 12.04
N ILE B 81 -18.02 -21.21 13.11
CA ILE B 81 -19.02 -20.18 13.05
C ILE B 81 -18.41 -18.91 13.55
N TYR B 82 -18.55 -17.81 12.79
CA TYR B 82 -17.94 -16.54 13.19
C TYR B 82 -19.01 -15.60 13.68
N LEU B 83 -18.79 -14.98 14.85
CA LEU B 83 -19.63 -13.87 15.23
C LEU B 83 -18.68 -12.69 15.38
N VAL B 84 -18.95 -11.64 14.59
CA VAL B 84 -18.01 -10.47 14.51
C VAL B 84 -18.79 -9.22 14.91
N ILE B 85 -18.21 -8.42 15.81
CA ILE B 85 -18.95 -7.26 16.33
C ILE B 85 -18.08 -5.99 16.19
N ARG B 86 -18.73 -4.83 16.00
CA ARG B 86 -18.04 -3.58 16.00
C ARG B 86 -19.06 -2.58 16.60
N GLY B 87 -18.53 -1.47 17.13
CA GLY B 87 -19.50 -0.43 17.57
C GLY B 87 -20.15 0.19 16.36
N THR B 88 -21.43 0.58 16.48
CA THR B 88 -22.14 1.17 15.38
C THR B 88 -21.62 2.56 15.02
N HIS B 89 -21.33 3.29 16.04
CA HIS B 89 -20.95 4.67 15.91
C HIS B 89 -19.50 4.85 15.68
N SER B 90 -19.14 6.10 15.24
N SER B 90 -19.17 6.00 15.15
CA SER B 90 -17.74 6.33 14.89
CA SER B 90 -17.83 6.22 14.73
C SER B 90 -16.80 5.93 15.96
C SER B 90 -16.89 6.03 15.88
N LEU B 91 -15.75 5.50 15.57
CA LEU B 91 -14.72 5.17 16.53
C LEU B 91 -14.38 6.36 17.40
N GLU B 92 -14.24 7.49 16.75
CA GLU B 92 -13.86 8.72 17.46
C GLU B 92 -14.96 9.08 18.47
N ASP B 93 -16.21 9.01 18.05
CA ASP B 93 -17.31 9.28 19.01
C ASP B 93 -17.23 8.40 20.28
N VAL B 94 -17.05 7.09 20.08
CA VAL B 94 -17.21 6.09 21.19
C VAL B 94 -16.01 6.22 22.08
N ILE B 95 -14.78 6.37 21.52
CA ILE B 95 -13.62 6.49 22.41
C ILE B 95 -13.69 7.76 23.25
N THR B 96 -14.11 8.85 22.65
CA THR B 96 -14.23 10.09 23.41
C THR B 96 -15.14 9.93 24.60
N ASP B 97 -16.28 9.34 24.39
CA ASP B 97 -17.21 9.08 25.53
C ASP B 97 -16.60 8.19 26.62
N ILE B 98 -15.90 7.14 26.21
CA ILE B 98 -15.25 6.29 27.20
C ILE B 98 -14.22 7.06 28.10
N ARG B 99 -13.49 8.02 27.51
CA ARG B 99 -12.39 8.65 28.27
C ARG B 99 -12.82 9.82 29.19
N ILE B 100 -14.03 10.32 28.94
CA ILE B 100 -14.43 11.55 29.62
C ILE B 100 -15.53 11.35 30.66
N MET B 101 -16.34 10.29 30.44
CA MET B 101 -17.43 9.96 31.38
C MET B 101 -17.24 8.66 32.11
N GLN B 102 -17.15 8.74 33.44
CA GLN B 102 -17.22 7.56 34.27
C GLN B 102 -18.62 6.97 34.21
N ALA B 103 -18.68 5.64 34.07
CA ALA B 103 -19.95 4.88 34.08
C ALA B 103 -20.10 4.02 35.37
N PRO B 104 -21.34 3.76 35.82
CA PRO B 104 -21.32 2.88 37.00
C PRO B 104 -20.85 1.49 36.58
N LEU B 105 -20.22 0.76 37.48
N LEU B 105 -20.15 0.78 37.47
CA LEU B 105 -19.94 -0.65 37.20
CA LEU B 105 -19.90 -0.63 37.21
C LEU B 105 -21.05 -1.51 37.76
C LEU B 105 -21.20 -1.32 37.59
N THR B 106 -21.52 -2.42 36.92
CA THR B 106 -22.70 -3.17 37.14
C THR B 106 -22.26 -4.65 37.20
N ASN B 107 -22.98 -5.48 37.93
CA ASN B 107 -22.67 -6.89 37.97
C ASN B 107 -23.01 -7.53 36.64
N PHE B 108 -22.11 -8.34 36.11
CA PHE B 108 -22.33 -8.91 34.80
C PHE B 108 -23.56 -9.83 34.82
N ASP B 109 -23.98 -10.27 36.02
CA ASP B 109 -25.18 -11.14 36.02
C ASP B 109 -26.47 -10.41 35.62
N LEU B 110 -26.45 -9.11 35.52
CA LEU B 110 -27.60 -8.39 35.02
C LEU B 110 -27.69 -8.44 33.50
N ALA B 111 -26.67 -9.01 32.85
CA ALA B 111 -26.66 -9.10 31.41
C ALA B 111 -27.45 -10.32 30.91
N ALA B 112 -27.86 -10.26 29.65
CA ALA B 112 -28.64 -11.32 28.97
C ALA B 112 -27.95 -12.65 29.04
N ASN B 113 -28.75 -13.68 29.37
CA ASN B 113 -28.24 -15.05 29.41
C ASN B 113 -27.26 -15.42 30.51
N ILE B 114 -26.98 -14.51 31.43
CA ILE B 114 -26.04 -14.80 32.52
C ILE B 114 -26.84 -14.99 33.86
N SER B 115 -26.88 -16.22 34.38
CA SER B 115 -27.37 -16.51 35.80
C SER B 115 -26.70 -15.74 36.91
N SER B 116 -27.40 -15.56 38.04
CA SER B 116 -26.76 -15.08 39.28
C SER B 116 -25.64 -16.02 39.77
N THR B 117 -25.79 -17.31 39.44
CA THR B 117 -24.84 -18.35 39.81
C THR B 117 -23.55 -18.41 38.97
N ALA B 118 -23.59 -17.88 37.74
CA ALA B 118 -22.50 -18.07 36.77
C ALA B 118 -21.28 -17.19 37.07
N THR B 119 -21.50 -16.03 37.67
CA THR B 119 -20.36 -15.17 37.99
C THR B 119 -19.98 -15.11 39.44
N CYS B 120 -18.78 -14.64 39.68
CA CYS B 120 -18.40 -14.21 41.01
C CYS B 120 -19.26 -13.00 41.52
N ASP B 121 -19.34 -12.83 42.85
CA ASP B 121 -20.23 -11.77 43.39
C ASP B 121 -19.75 -10.37 43.07
N ASP B 122 -18.43 -10.25 42.97
CA ASP B 122 -17.73 -9.00 42.68
C ASP B 122 -17.30 -8.89 41.21
N CYS B 123 -18.03 -9.53 40.32
N CYS B 123 -18.09 -9.48 40.33
CA CYS B 123 -17.70 -9.47 38.91
CA CYS B 123 -17.81 -9.47 38.89
C CYS B 123 -18.40 -8.30 38.25
C CYS B 123 -18.45 -8.26 38.25
N LEU B 124 -17.78 -7.11 38.38
CA LEU B 124 -18.34 -5.84 37.92
C LEU B 124 -17.77 -5.38 36.59
N VAL B 125 -18.64 -4.95 35.71
CA VAL B 125 -18.23 -4.49 34.36
C VAL B 125 -18.77 -3.08 34.04
N HIS B 126 -18.01 -2.28 33.26
CA HIS B 126 -18.41 -0.99 32.76
C HIS B 126 -19.85 -1.08 32.17
N ASN B 127 -20.76 -0.19 32.57
CA ASN B 127 -22.17 -0.34 32.16
C ASN B 127 -22.42 -0.13 30.67
N GLY B 128 -21.53 0.64 30.07
CA GLY B 128 -21.57 0.86 28.62
C GLY B 128 -21.21 -0.40 27.88
N PHE B 129 -20.13 -1.07 28.31
CA PHE B 129 -19.74 -2.32 27.67
C PHE B 129 -20.79 -3.40 27.91
N ILE B 130 -21.44 -3.37 29.09
CA ILE B 130 -22.54 -4.36 29.28
C ILE B 130 -23.62 -4.15 28.25
N GLN B 131 -23.90 -2.89 27.91
CA GLN B 131 -24.87 -2.55 26.91
C GLN B 131 -24.39 -3.02 25.56
N SER B 132 -23.10 -2.92 25.22
CA SER B 132 -22.69 -3.42 23.90
CA SER B 132 -22.73 -3.39 23.88
C SER B 132 -22.89 -4.93 23.79
N TYR B 133 -22.60 -5.68 24.87
CA TYR B 133 -22.84 -7.13 24.89
C TYR B 133 -24.38 -7.39 24.77
N ASN B 134 -25.16 -6.70 25.61
CA ASN B 134 -26.59 -6.91 25.58
C ASN B 134 -27.21 -6.69 24.23
N ASN B 135 -26.77 -5.61 23.54
CA ASN B 135 -27.23 -5.27 22.22
C ASN B 135 -26.78 -6.28 21.17
N THR B 136 -25.61 -6.96 21.38
CA THR B 136 -25.23 -8.02 20.46
C THR B 136 -26.22 -9.23 20.71
N TYR B 137 -26.36 -9.60 21.96
CA TYR B 137 -27.18 -10.78 22.27
C TYR B 137 -28.63 -10.58 21.78
N ASN B 138 -29.14 -9.39 22.00
CA ASN B 138 -30.54 -9.16 21.66
C ASN B 138 -30.80 -9.03 20.13
N GLN B 139 -29.75 -8.77 19.34
CA GLN B 139 -29.90 -8.78 17.90
C GLN B 139 -29.56 -10.06 17.23
N ILE B 140 -28.74 -10.88 17.84
CA ILE B 140 -28.27 -12.07 17.17
C ILE B 140 -28.22 -13.41 17.98
N GLY B 141 -28.44 -13.37 19.31
CA GLY B 141 -28.24 -14.57 20.14
C GLY B 141 -29.10 -15.73 19.60
N PRO B 142 -30.39 -15.46 19.34
CA PRO B 142 -31.21 -16.62 18.97
C PRO B 142 -30.85 -17.20 17.59
N LYS B 143 -30.48 -16.32 16.66
CA LYS B 143 -29.94 -16.77 15.38
C LYS B 143 -28.67 -17.57 15.52
N LEU B 144 -27.74 -17.10 16.35
CA LEU B 144 -26.52 -17.85 16.66
C LEU B 144 -26.87 -19.26 17.19
N ASP B 145 -27.77 -19.32 18.20
CA ASP B 145 -28.24 -20.61 18.74
C ASP B 145 -28.73 -21.58 17.68
N SER B 146 -29.44 -21.06 16.69
CA SER B 146 -29.92 -21.92 15.59
CA SER B 146 -29.94 -21.88 15.56
C SER B 146 -28.83 -22.41 14.71
N VAL B 147 -27.81 -21.57 14.47
CA VAL B 147 -26.72 -21.99 13.62
C VAL B 147 -25.86 -23.03 14.33
N ILE B 148 -25.69 -22.87 15.65
CA ILE B 148 -24.87 -23.77 16.44
C ILE B 148 -25.63 -25.14 16.39
N GLU B 149 -26.95 -25.09 16.48
CA GLU B 149 -27.76 -26.38 16.37
C GLU B 149 -27.60 -27.03 14.99
N GLN B 150 -27.54 -26.23 13.94
CA GLN B 150 -27.24 -26.81 12.62
C GLN B 150 -25.86 -27.34 12.41
N TYR B 151 -24.86 -26.72 13.06
CA TYR B 151 -23.48 -27.11 12.88
C TYR B 151 -22.84 -27.38 14.24
N PRO B 152 -23.28 -28.44 14.91
CA PRO B 152 -22.85 -28.63 16.27
C PRO B 152 -21.34 -29.01 16.46
N ASP B 153 -20.63 -29.41 15.41
CA ASP B 153 -19.24 -29.77 15.49
C ASP B 153 -18.28 -28.62 15.03
N TYR B 154 -18.89 -27.51 14.58
CA TYR B 154 -18.04 -26.34 14.18
C TYR B 154 -17.69 -25.59 15.44
N GLN B 155 -16.50 -25.07 15.44
CA GLN B 155 -16.05 -24.23 16.52
C GLN B 155 -16.60 -22.82 16.39
N ILE B 156 -17.05 -22.25 17.50
CA ILE B 156 -17.58 -20.94 17.52
C ILE B 156 -16.41 -19.98 17.80
N ALA B 157 -16.30 -18.93 17.00
CA ALA B 157 -15.18 -17.96 17.21
C ALA B 157 -15.80 -16.59 17.26
N VAL B 158 -15.49 -15.78 18.28
CA VAL B 158 -16.10 -14.47 18.41
C VAL B 158 -14.97 -13.46 18.38
N THR B 159 -15.12 -12.43 17.53
CA THR B 159 -14.03 -11.47 17.40
C THR B 159 -14.59 -10.06 17.22
N GLY B 160 -13.80 -9.02 17.57
CA GLY B 160 -14.21 -7.69 17.26
C GLY B 160 -13.07 -6.74 17.58
N HIS B 161 -13.18 -5.56 17.00
CA HIS B 161 -12.17 -4.49 17.19
C HIS B 161 -12.85 -3.37 17.98
N SER B 162 -12.10 -2.75 18.87
CA SER B 162 -12.52 -1.54 19.63
C SER B 162 -13.69 -1.85 20.57
N LEU B 163 -14.78 -1.09 20.48
CA LEU B 163 -16.00 -1.51 21.27
C LEU B 163 -16.48 -2.90 20.89
N GLY B 164 -16.28 -3.31 19.63
CA GLY B 164 -16.58 -4.70 19.21
C GLY B 164 -15.76 -5.71 20.01
N GLY B 165 -14.49 -5.38 20.34
CA GLY B 165 -13.59 -6.23 21.15
C GLY B 165 -14.19 -6.41 22.57
N ALA B 166 -14.72 -5.32 23.13
CA ALA B 166 -15.24 -5.39 24.51
C ALA B 166 -16.51 -6.28 24.42
N ALA B 167 -17.34 -6.07 23.41
CA ALA B 167 -18.51 -6.93 23.29
C ALA B 167 -18.16 -8.40 23.03
N ALA B 168 -17.14 -8.67 22.18
CA ALA B 168 -16.67 -10.00 21.92
C ALA B 168 -16.21 -10.71 23.18
N LEU B 169 -15.46 -10.01 24.04
CA LEU B 169 -14.96 -10.68 25.22
C LEU B 169 -16.20 -11.10 26.07
N LEU B 170 -17.09 -10.15 26.29
CA LEU B 170 -18.24 -10.47 27.16
C LEU B 170 -19.16 -11.51 26.48
N PHE B 171 -19.28 -11.48 25.16
CA PHE B 171 -20.09 -12.53 24.47
C PHE B 171 -19.42 -13.86 24.60
N GLY B 172 -18.12 -13.89 24.42
CA GLY B 172 -17.30 -15.10 24.67
C GLY B 172 -17.62 -15.65 26.05
N ILE B 173 -17.50 -14.77 27.02
CA ILE B 173 -17.74 -15.19 28.40
C ILE B 173 -19.18 -15.77 28.54
N ASN B 174 -20.18 -15.12 27.96
CA ASN B 174 -21.58 -15.67 27.99
C ASN B 174 -21.60 -17.07 27.40
N LEU B 175 -20.98 -17.28 26.24
CA LEU B 175 -20.93 -18.62 25.64
C LEU B 175 -20.24 -19.70 26.48
N LYS B 176 -19.15 -19.32 27.10
CA LYS B 176 -18.39 -20.18 27.91
C LYS B 176 -19.19 -20.65 29.18
N VAL B 177 -19.70 -19.71 29.95
CA VAL B 177 -20.46 -20.09 31.16
C VAL B 177 -21.76 -20.81 30.80
N ASN B 178 -22.25 -20.63 29.56
CA ASN B 178 -23.45 -21.35 29.07
C ASN B 178 -23.21 -22.65 28.32
N GLY B 179 -22.08 -23.28 28.59
CA GLY B 179 -21.83 -24.65 28.06
C GLY B 179 -21.08 -24.86 26.75
N HIS B 180 -20.66 -23.77 26.12
CA HIS B 180 -20.01 -23.85 24.85
C HIS B 180 -18.54 -23.62 25.07
N ASP B 181 -17.77 -23.72 24.00
CA ASP B 181 -16.33 -23.71 24.02
C ASP B 181 -15.80 -22.73 22.94
N PRO B 182 -16.07 -21.46 23.12
CA PRO B 182 -15.70 -20.49 22.06
C PRO B 182 -14.24 -20.08 22.06
N LEU B 183 -13.76 -19.74 20.85
CA LEU B 183 -12.52 -18.98 20.71
C LEU B 183 -12.85 -17.49 20.71
N VAL B 184 -12.11 -16.71 21.51
CA VAL B 184 -12.38 -15.26 21.63
C VAL B 184 -11.09 -14.53 21.26
N VAL B 185 -11.16 -13.67 20.21
CA VAL B 185 -9.92 -12.93 19.82
C VAL B 185 -10.40 -11.49 19.74
N THR B 186 -9.86 -10.66 20.59
CA THR B 186 -10.26 -9.20 20.53
C THR B 186 -9.08 -8.36 19.99
N LEU B 187 -9.40 -7.21 19.38
CA LEU B 187 -8.37 -6.29 18.86
C LEU B 187 -8.64 -4.86 19.39
N GLY B 188 -7.64 -4.23 19.99
CA GLY B 188 -7.87 -2.80 20.40
C GLY B 188 -8.96 -2.72 21.46
N GLN B 189 -9.00 -3.68 22.37
CA GLN B 189 -10.16 -3.78 23.31
C GLN B 189 -9.86 -2.99 24.56
N PRO B 190 -10.80 -2.15 24.99
CA PRO B 190 -10.59 -1.37 26.21
C PRO B 190 -10.75 -2.27 27.42
N ILE B 191 -10.38 -1.78 28.60
CA ILE B 191 -10.55 -2.53 29.81
CA ILE B 191 -10.54 -2.54 29.81
C ILE B 191 -12.04 -2.63 30.18
N VAL B 192 -12.51 -3.84 30.43
CA VAL B 192 -13.95 -4.03 30.52
C VAL B 192 -14.44 -3.95 32.00
N GLY B 193 -13.67 -4.48 32.92
CA GLY B 193 -14.18 -4.57 34.31
C GLY B 193 -13.18 -4.43 35.42
N ASN B 194 -13.57 -4.84 36.64
CA ASN B 194 -12.74 -4.59 37.79
C ASN B 194 -11.88 -5.78 38.08
N ALA B 195 -11.19 -5.79 39.23
CA ALA B 195 -10.25 -6.89 39.57
C ALA B 195 -10.98 -8.19 39.69
N GLY B 196 -12.14 -8.13 40.36
CA GLY B 196 -12.93 -9.33 40.50
C GLY B 196 -13.27 -9.98 39.16
N PHE B 197 -13.77 -9.20 38.25
CA PHE B 197 -14.11 -9.63 36.92
C PHE B 197 -12.91 -10.23 36.21
N ALA B 198 -11.80 -9.48 36.20
CA ALA B 198 -10.51 -9.87 35.46
C ALA B 198 -9.99 -11.15 35.98
N ASN B 199 -9.92 -11.27 37.32
CA ASN B 199 -9.42 -12.49 37.86
C ASN B 199 -10.36 -13.69 37.62
N TRP B 200 -11.67 -13.42 37.59
CA TRP B 200 -12.66 -14.51 37.37
C TRP B 200 -12.60 -14.96 35.89
N VAL B 201 -12.35 -14.02 34.99
CA VAL B 201 -12.14 -14.35 33.56
C VAL B 201 -10.90 -15.26 33.42
N ASP B 202 -9.82 -14.95 34.13
CA ASP B 202 -8.54 -15.67 33.98
C ASP B 202 -8.79 -17.12 34.48
N LYS B 203 -9.58 -17.27 35.56
CA LYS B 203 -9.89 -18.61 36.01
C LYS B 203 -10.78 -19.31 34.99
N LEU B 204 -11.75 -18.62 34.38
CA LEU B 204 -12.64 -19.23 33.45
C LEU B 204 -11.92 -19.71 32.20
N PHE B 205 -11.07 -18.84 31.63
CA PHE B 205 -10.38 -19.20 30.36
C PHE B 205 -9.05 -19.88 30.49
N PHE B 206 -8.31 -19.60 31.57
CA PHE B 206 -6.95 -20.14 31.65
C PHE B 206 -6.79 -21.09 32.85
N GLY B 207 -7.85 -21.25 33.63
CA GLY B 207 -7.89 -22.27 34.68
C GLY B 207 -7.30 -21.89 36.03
N GLN B 208 -6.68 -20.72 36.12
CA GLN B 208 -6.11 -20.28 37.39
C GLN B 208 -5.93 -18.80 37.34
N GLU B 209 -5.68 -18.21 38.52
CA GLU B 209 -5.29 -16.82 38.58
C GLU B 209 -3.82 -16.71 38.22
N ASN B 210 -3.49 -15.54 37.67
CA ASN B 210 -2.14 -15.26 37.31
C ASN B 210 -1.56 -16.30 36.36
N PRO B 211 -2.28 -16.61 35.31
CA PRO B 211 -1.90 -17.72 34.42
C PRO B 211 -0.70 -17.47 33.52
N ASP B 212 -0.05 -18.55 33.07
CA ASP B 212 1.00 -18.47 32.07
C ASP B 212 0.31 -18.36 30.70
N VAL B 213 0.49 -17.20 30.05
CA VAL B 213 -0.12 -16.95 28.79
C VAL B 213 0.93 -16.61 27.75
N SER B 214 2.07 -17.31 27.89
CA SER B 214 3.20 -17.04 26.99
C SER B 214 3.09 -17.73 25.66
N LYS B 215 2.15 -18.68 25.53
CA LYS B 215 2.10 -19.59 24.36
C LYS B 215 0.79 -19.55 23.61
N VAL B 216 0.88 -19.75 22.29
CA VAL B 216 -0.29 -19.95 21.45
C VAL B 216 -0.44 -21.47 21.44
N SER B 217 -1.67 -21.93 21.65
CA SER B 217 -1.93 -23.39 21.52
C SER B 217 -3.36 -23.61 21.13
N LYS B 218 -3.60 -24.80 20.55
CA LYS B 218 -4.91 -25.21 20.10
C LYS B 218 -5.92 -25.19 21.25
N ASP B 219 -5.46 -25.46 22.46
CA ASP B 219 -6.35 -25.47 23.70
C ASP B 219 -6.73 -24.10 24.21
N ARG B 220 -5.90 -23.11 23.87
CA ARG B 220 -6.12 -21.75 24.40
C ARG B 220 -7.25 -21.06 23.63
N LYS B 221 -8.06 -20.31 24.38
CA LYS B 221 -9.34 -19.82 23.83
C LYS B 221 -9.50 -18.31 23.95
N LEU B 222 -8.51 -17.60 24.51
CA LEU B 222 -8.69 -16.17 24.67
C LEU B 222 -7.39 -15.43 24.30
N TYR B 223 -7.53 -14.48 23.39
CA TYR B 223 -6.37 -13.64 23.02
C TYR B 223 -6.83 -12.19 22.95
N ARG B 224 -6.07 -11.26 23.56
CA ARG B 224 -6.43 -9.76 23.47
C ARG B 224 -5.29 -9.15 22.68
N ILE B 225 -5.51 -8.85 21.40
CA ILE B 225 -4.44 -8.27 20.61
C ILE B 225 -4.45 -6.73 20.83
N THR B 226 -3.28 -6.20 21.06
CA THR B 226 -3.10 -4.74 21.31
C THR B 226 -1.96 -4.27 20.43
N HIS B 227 -1.78 -2.98 20.30
CA HIS B 227 -0.81 -2.43 19.32
C HIS B 227 -0.02 -1.28 19.97
N ARG B 228 1.28 -1.29 19.77
CA ARG B 228 2.13 -0.11 20.09
C ARG B 228 1.44 1.20 19.68
N GLY B 229 1.33 2.07 20.67
CA GLY B 229 0.79 3.36 20.52
C GLY B 229 -0.72 3.53 20.56
N ASP B 230 -1.45 2.40 20.64
CA ASP B 230 -2.88 2.46 20.79
C ASP B 230 -3.26 2.61 22.26
N ILE B 231 -3.90 3.77 22.56
CA ILE B 231 -4.26 4.03 23.97
C ILE B 231 -5.53 3.33 24.35
N VAL B 232 -6.29 2.82 23.40
CA VAL B 232 -7.59 2.23 23.73
C VAL B 232 -7.50 1.05 24.70
N PRO B 233 -6.53 0.14 24.51
CA PRO B 233 -6.39 -0.92 25.50
C PRO B 233 -5.96 -0.48 26.89
N GLN B 234 -5.65 0.81 27.07
CA GLN B 234 -5.27 1.32 28.36
C GLN B 234 -6.38 2.05 29.07
N VAL B 235 -7.52 2.20 28.43
CA VAL B 235 -8.61 2.96 29.05
C VAL B 235 -9.77 2.05 29.30
N PRO B 236 -10.61 2.41 30.28
CA PRO B 236 -10.45 3.58 31.17
C PRO B 236 -9.32 3.54 32.17
N PHE B 237 -8.81 4.75 32.46
CA PHE B 237 -7.80 4.91 33.47
C PHE B 237 -8.44 4.99 34.88
N TRP B 238 -9.75 5.06 34.99
CA TRP B 238 -10.37 5.13 36.34
C TRP B 238 -9.82 4.09 37.29
N ASP B 239 -9.73 4.50 38.55
CA ASP B 239 -9.42 3.59 39.59
C ASP B 239 -10.33 2.39 39.54
N GLY B 240 -9.77 1.19 39.74
CA GLY B 240 -10.58 -0.01 39.83
C GLY B 240 -10.62 -0.90 38.59
N TYR B 241 -10.37 -0.30 37.41
CA TYR B 241 -10.43 -1.11 36.14
C TYR B 241 -9.12 -1.86 35.94
N GLN B 242 -9.22 -3.14 35.54
CA GLN B 242 -8.00 -3.82 35.13
C GLN B 242 -8.34 -4.89 34.13
N HIS B 243 -7.37 -5.20 33.28
CA HIS B 243 -7.63 -6.23 32.26
C HIS B 243 -7.48 -7.63 32.82
N CYS B 244 -8.13 -8.57 32.14
CA CYS B 244 -7.78 -9.99 32.28
C CYS B 244 -6.42 -10.24 31.56
N SER B 245 -5.83 -11.41 31.82
CA SER B 245 -4.59 -11.87 31.11
C SER B 245 -4.91 -12.16 29.65
N GLY B 246 -3.85 -12.32 28.85
CA GLY B 246 -4.03 -12.88 27.51
C GLY B 246 -3.55 -11.90 26.43
N GLU B 247 -2.82 -10.86 26.77
CA GLU B 247 -2.41 -9.85 25.73
C GLU B 247 -1.41 -10.39 24.69
N VAL B 248 -1.69 -10.06 23.44
CA VAL B 248 -0.76 -10.27 22.30
C VAL B 248 -0.45 -8.92 21.76
N PHE B 249 0.80 -8.52 21.74
CA PHE B 249 1.16 -7.14 21.46
C PHE B 249 1.89 -7.02 20.16
N ILE B 250 1.42 -6.10 19.30
CA ILE B 250 2.09 -5.77 18.00
C ILE B 250 3.02 -4.66 18.30
N ASP B 251 4.28 -5.02 18.50
CA ASP B 251 5.28 -3.99 18.82
C ASP B 251 5.91 -3.42 17.54
N TRP B 252 5.11 -2.67 16.82
CA TRP B 252 5.53 -2.12 15.52
C TRP B 252 4.57 -0.97 15.19
N PRO B 253 5.05 0.09 14.57
CA PRO B 253 4.16 1.26 14.44
C PRO B 253 3.24 1.24 13.28
N LEU B 254 3.31 0.23 12.40
CA LEU B 254 2.51 0.16 11.18
C LEU B 254 1.67 -1.12 11.14
N ILE B 255 0.79 -1.20 10.13
CA ILE B 255 0.24 -2.50 9.76
C ILE B 255 1.31 -3.45 9.25
N HIS B 256 0.89 -4.69 8.96
CA HIS B 256 1.79 -5.78 8.42
C HIS B 256 3.15 -5.86 9.17
N PRO B 257 3.08 -6.06 10.47
CA PRO B 257 4.30 -6.08 11.27
C PRO B 257 5.14 -7.30 10.92
N PRO B 258 6.45 -7.18 11.11
CA PRO B 258 7.29 -8.38 10.96
C PRO B 258 6.94 -9.44 12.03
N LEU B 259 7.20 -10.72 11.67
CA LEU B 259 6.89 -11.83 12.58
C LEU B 259 7.59 -11.58 13.93
N SER B 260 8.81 -11.04 13.92
CA SER B 260 9.59 -10.91 15.19
C SER B 260 8.89 -9.91 16.14
N ASN B 261 7.97 -9.11 15.63
CA ASN B 261 7.45 -8.03 16.43
C ASN B 261 6.06 -8.23 16.96
N VAL B 262 5.55 -9.44 16.94
CA VAL B 262 4.24 -9.75 17.59
C VAL B 262 4.65 -10.68 18.71
N VAL B 263 4.34 -10.24 19.94
CA VAL B 263 4.85 -11.03 21.13
C VAL B 263 3.64 -11.35 22.07
N MET B 264 3.73 -12.46 22.78
CA MET B 264 2.77 -12.86 23.81
C MET B 264 3.24 -12.24 25.11
N CYS B 265 2.36 -11.49 25.77
CA CYS B 265 2.77 -10.78 27.01
C CYS B 265 2.17 -11.51 28.20
N GLN B 266 2.97 -11.67 29.22
CA GLN B 266 2.40 -12.23 30.48
C GLN B 266 1.77 -11.09 31.25
N GLY B 267 0.86 -11.45 32.15
CA GLY B 267 0.35 -10.45 33.09
C GLY B 267 -0.91 -9.75 32.68
N GLN B 268 -1.51 -9.10 33.67
CA GLN B 268 -2.65 -8.24 33.42
C GLN B 268 -2.27 -6.81 33.09
N SER B 269 -0.99 -6.49 33.30
CA SER B 269 -0.44 -5.20 32.91
C SER B 269 1.01 -5.54 32.63
N ASN B 270 1.56 -5.09 31.50
CA ASN B 270 2.96 -5.39 31.18
C ASN B 270 3.63 -4.21 30.48
N LYS B 271 4.67 -3.64 31.08
CA LYS B 271 5.31 -2.46 30.55
C LYS B 271 6.11 -2.70 29.30
N GLN B 272 6.23 -4.00 28.93
CA GLN B 272 6.85 -4.29 27.58
C GLN B 272 5.81 -4.22 26.52
N CYS B 273 4.54 -4.14 26.93
CA CYS B 273 3.42 -4.19 25.98
C CYS B 273 2.60 -2.90 26.10
N SER B 274 1.30 -3.01 25.98
CA SER B 274 0.45 -1.78 25.89
C SER B 274 0.59 -0.81 27.12
N ALA B 275 0.72 -1.39 28.32
CA ALA B 275 0.92 -0.56 29.51
C ALA B 275 2.15 0.31 29.43
N GLY B 276 3.18 -0.03 28.63
CA GLY B 276 4.35 0.78 28.43
C GLY B 276 4.30 1.78 27.28
N ASN B 277 3.15 1.99 26.63
CA ASN B 277 3.09 3.00 25.58
C ASN B 277 3.47 4.35 26.19
N THR B 278 4.26 5.10 25.46
CA THR B 278 4.65 6.44 25.92
C THR B 278 3.73 7.50 25.36
N LEU B 279 3.77 8.73 25.95
CA LEU B 279 2.96 9.81 25.38
C LEU B 279 3.27 10.08 23.94
N LEU B 280 4.52 10.01 23.57
CA LEU B 280 4.89 10.26 22.18
C LEU B 280 4.33 9.14 21.28
N GLN B 281 4.45 7.89 21.73
CA GLN B 281 3.90 6.76 20.93
C GLN B 281 2.39 6.85 20.73
N GLN B 282 1.71 7.44 21.68
CA GLN B 282 0.26 7.62 21.68
C GLN B 282 -0.24 8.73 20.78
N VAL B 283 0.67 9.53 20.20
CA VAL B 283 0.24 10.53 19.24
C VAL B 283 -0.40 9.79 18.01
N ASN B 284 -1.53 10.30 17.59
CA ASN B 284 -2.37 9.77 16.57
C ASN B 284 -3.24 8.69 17.16
N VAL B 285 -4.14 9.09 18.05
CA VAL B 285 -5.02 8.15 18.76
C VAL B 285 -5.80 7.26 17.80
N ILE B 286 -6.52 7.87 16.86
CA ILE B 286 -7.37 7.09 15.91
C ILE B 286 -6.46 6.24 15.01
N GLY B 287 -5.47 6.86 14.37
CA GLY B 287 -4.61 6.14 13.47
C GLY B 287 -3.94 4.95 14.08
N ASN B 288 -3.38 5.12 15.28
CA ASN B 288 -2.70 3.95 15.91
C ASN B 288 -3.70 2.84 16.31
N HIS B 289 -4.92 3.23 16.57
CA HIS B 289 -5.98 2.26 16.90
C HIS B 289 -6.49 1.44 15.70
N LEU B 290 -6.16 1.89 14.50
CA LEU B 290 -6.58 1.17 13.26
C LEU B 290 -5.58 0.11 12.87
N GLN B 291 -4.38 0.14 13.41
CA GLN B 291 -3.23 -0.60 12.79
C GLN B 291 -3.09 -1.97 13.52
N TYR B 292 -3.87 -2.94 13.04
CA TYR B 292 -3.87 -4.29 13.62
C TYR B 292 -3.70 -5.34 12.51
N PHE B 293 -2.49 -5.51 12.06
CA PHE B 293 -2.18 -6.32 10.90
C PHE B 293 -2.68 -5.73 9.58
N VAL B 294 -4.01 -5.60 9.46
CA VAL B 294 -4.59 -4.84 8.41
C VAL B 294 -5.07 -3.49 9.04
N THR B 295 -5.45 -2.54 8.19
CA THR B 295 -6.12 -1.37 8.70
C THR B 295 -7.60 -1.72 9.05
N GLU B 296 -8.02 -1.38 10.30
CA GLU B 296 -9.35 -1.65 10.79
C GLU B 296 -10.16 -0.35 10.61
N GLY B 297 -11.44 -0.50 10.44
CA GLY B 297 -12.39 0.67 10.57
C GLY B 297 -12.87 1.23 9.25
N VAL B 298 -12.30 0.79 8.12
CA VAL B 298 -12.71 1.22 6.79
C VAL B 298 -13.01 0.04 5.90
N CYS B 299 -14.27 -0.08 5.43
CA CYS B 299 -14.65 -1.19 4.54
C CYS B 299 -13.95 -0.98 3.20
N GLY B 300 -13.31 -2.05 2.71
CA GLY B 300 -12.83 -2.05 1.31
C GLY B 300 -11.30 -2.02 1.25
N ILE B 301 -10.66 -1.70 2.38
CA ILE B 301 -9.19 -1.81 2.43
C ILE B 301 -8.77 -2.87 3.44
N VAL C 1 40.70 -33.92 3.86
CA VAL C 1 39.50 -33.08 3.85
C VAL C 1 38.32 -33.87 3.44
N TYR C 2 37.29 -33.80 4.24
CA TYR C 2 36.11 -34.63 4.03
C TYR C 2 35.31 -33.79 3.04
N THR C 3 35.12 -34.31 1.83
CA THR C 3 34.44 -33.57 0.80
C THR C 3 33.10 -34.19 0.46
N SER C 4 32.17 -33.36 -0.02
CA SER C 4 30.89 -33.92 -0.44
C SER C 4 30.36 -33.00 -1.52
N THR C 5 29.35 -33.47 -2.20
CA THR C 5 28.53 -32.53 -3.01
C THR C 5 27.08 -32.62 -2.58
N GLU C 6 26.78 -33.27 -1.45
CA GLU C 6 25.42 -33.41 -1.00
C GLU C 6 24.97 -32.05 -0.32
N THR C 7 23.78 -31.60 -0.66
CA THR C 7 23.19 -30.45 0.05
C THR C 7 21.72 -30.82 0.34
N SER C 8 21.05 -30.08 1.27
CA SER C 8 19.67 -30.35 1.54
C SER C 8 18.93 -29.00 1.74
N HIS C 9 17.63 -28.99 1.50
CA HIS C 9 16.88 -27.72 1.64
C HIS C 9 16.51 -27.53 3.12
N ILE C 10 15.94 -26.37 3.41
CA ILE C 10 15.51 -26.05 4.81
C ILE C 10 14.09 -25.50 4.84
N ASP C 11 13.46 -25.53 6.02
CA ASP C 11 12.11 -24.92 6.14
C ASP C 11 12.20 -23.47 6.58
N GLN C 12 11.02 -22.84 6.52
CA GLN C 12 10.91 -21.39 6.70
C GLN C 12 11.35 -21.04 8.19
N GLU C 13 10.99 -21.88 9.13
CA GLU C 13 11.41 -21.59 10.58
C GLU C 13 12.93 -21.54 10.65
N SER C 14 13.59 -22.46 9.95
CA SER C 14 15.05 -22.43 9.90
C SER C 14 15.65 -21.18 9.21
N TYR C 15 15.07 -20.83 8.08
CA TYR C 15 15.44 -19.63 7.38
C TYR C 15 15.35 -18.42 8.33
N ASN C 16 14.25 -18.35 9.06
CA ASN C 16 14.02 -17.18 9.95
C ASN C 16 15.08 -17.13 11.11
N PHE C 17 15.48 -18.33 11.54
CA PHE C 17 16.53 -18.48 12.55
C PHE C 17 17.86 -17.97 12.03
N PHE C 18 18.27 -18.39 10.81
CA PHE C 18 19.47 -17.82 10.29
C PHE C 18 19.44 -16.29 10.02
N GLU C 19 18.28 -15.78 9.54
CA GLU C 19 18.15 -14.39 9.30
C GLU C 19 18.25 -13.58 10.64
N LYS C 20 17.71 -14.18 11.71
CA LYS C 20 17.80 -13.52 13.04
C LYS C 20 19.26 -13.24 13.35
N TYR C 21 20.16 -14.23 13.20
CA TYR C 21 21.57 -14.00 13.60
C TYR C 21 22.33 -13.11 12.63
N ALA C 22 21.88 -13.15 11.35
CA ALA C 22 22.39 -12.13 10.43
C ALA C 22 22.04 -10.70 10.85
N ARG C 23 20.84 -10.47 11.36
CA ARG C 23 20.48 -9.18 11.84
C ARG C 23 21.36 -8.83 13.06
N LEU C 24 21.44 -9.76 14.01
CA LEU C 24 22.27 -9.45 15.19
C LEU C 24 23.73 -9.09 14.81
N ALA C 25 24.31 -9.86 13.90
CA ALA C 25 25.69 -9.57 13.41
C ALA C 25 25.78 -8.24 12.77
N ASN C 26 24.77 -7.87 12.02
CA ASN C 26 24.73 -6.55 11.39
C ASN C 26 24.78 -5.42 12.42
N ILE C 27 24.07 -5.65 13.51
CA ILE C 27 24.03 -4.60 14.57
C ILE C 27 25.43 -4.43 15.22
N GLY C 28 26.32 -5.40 15.08
CA GLY C 28 27.71 -5.19 15.56
C GLY C 28 28.36 -4.04 14.87
N TYR C 29 27.93 -3.74 13.61
CA TYR C 29 28.46 -2.58 12.90
C TYR C 29 27.95 -1.25 13.37
N CYS C 30 27.03 -1.27 14.33
CA CYS C 30 26.57 -0.05 15.00
C CYS C 30 27.40 0.23 16.24
N VAL C 31 28.40 -0.61 16.52
CA VAL C 31 29.30 -0.33 17.64
C VAL C 31 30.55 0.33 17.05
N GLY C 32 30.90 1.47 17.66
CA GLY C 32 32.18 2.07 17.42
C GLY C 32 32.03 3.54 17.15
N PRO C 33 33.13 4.19 16.74
CA PRO C 33 33.12 5.64 16.41
C PRO C 33 32.16 5.97 15.30
N GLY C 34 31.38 7.04 15.46
CA GLY C 34 30.50 7.50 14.40
C GLY C 34 29.21 6.66 14.29
N THR C 35 28.91 5.82 15.27
CA THR C 35 27.65 5.08 15.29
C THR C 35 27.21 4.86 16.74
N LYS C 36 25.97 4.43 16.92
CA LYS C 36 25.51 4.26 18.29
C LYS C 36 24.48 3.17 18.36
N ILE C 37 24.53 2.39 19.40
CA ILE C 37 23.32 1.66 19.81
C ILE C 37 22.84 2.35 21.08
N PHE C 38 21.68 2.91 21.02
CA PHE C 38 21.09 3.62 22.19
C PHE C 38 20.36 2.62 23.08
N LYS C 39 20.33 2.90 24.38
CA LYS C 39 19.60 2.04 25.31
C LYS C 39 18.17 2.20 25.10
N PRO C 40 17.40 1.09 25.29
CA PRO C 40 17.79 -0.28 25.70
C PRO C 40 18.49 -0.99 24.52
N PHE C 41 17.94 -0.87 23.32
CA PHE C 41 18.48 -1.56 22.17
C PHE C 41 17.93 -0.94 20.92
N ASN C 42 18.41 0.26 20.61
CA ASN C 42 17.81 1.06 19.51
C ASN C 42 18.91 1.48 18.58
N CYS C 43 18.72 1.21 17.29
CA CYS C 43 19.72 1.59 16.31
C CYS C 43 19.15 1.54 14.91
N GLY C 44 17.87 1.88 14.77
CA GLY C 44 17.23 1.83 13.45
C GLY C 44 16.57 0.47 13.15
N LEU C 45 16.40 0.15 11.88
CA LEU C 45 15.51 -0.99 11.58
C LEU C 45 15.94 -2.35 12.04
N GLN C 46 17.23 -2.66 12.16
CA GLN C 46 17.61 -4.03 12.53
C GLN C 46 17.33 -4.25 14.01
N CYS C 47 17.69 -3.26 14.83
CA CYS C 47 17.41 -3.45 16.26
C CYS C 47 15.91 -3.46 16.55
N ALA C 48 15.14 -2.80 15.65
CA ALA C 48 13.69 -2.79 15.76
C ALA C 48 13.07 -4.14 15.74
N HIS C 49 13.77 -5.18 15.24
CA HIS C 49 13.24 -6.55 15.27
C HIS C 49 13.48 -7.32 16.58
N PHE C 50 13.92 -6.60 17.66
CA PHE C 50 14.32 -7.24 18.91
C PHE C 50 13.66 -6.70 20.17
N PRO C 51 12.37 -6.92 20.30
CA PRO C 51 11.67 -6.48 21.50
C PRO C 51 12.18 -7.19 22.75
N ASN C 52 12.16 -6.41 23.84
CA ASN C 52 12.63 -6.98 25.13
C ASN C 52 14.10 -7.35 25.16
N VAL C 53 14.93 -6.67 24.35
CA VAL C 53 16.39 -6.86 24.41
C VAL C 53 17.02 -5.68 25.06
N GLU C 54 18.01 -5.92 25.92
CA GLU C 54 18.80 -4.78 26.49
C GLU C 54 20.25 -4.93 26.23
N LEU C 55 20.89 -3.86 25.77
CA LEU C 55 22.29 -3.84 25.58
C LEU C 55 22.96 -3.72 26.95
N ILE C 56 23.90 -4.60 27.18
CA ILE C 56 24.63 -4.71 28.50
C ILE C 56 25.91 -3.83 28.41
N GLU C 57 26.69 -4.05 27.38
CA GLU C 57 27.93 -3.36 27.20
C GLU C 57 28.37 -3.51 25.74
N GLU C 58 29.01 -2.45 25.26
CA GLU C 58 29.73 -2.41 23.97
C GLU C 58 31.22 -2.53 24.21
N PHE C 59 31.97 -3.07 23.26
CA PHE C 59 33.44 -3.10 23.33
C PHE C 59 34.02 -2.73 22.02
N HIS C 60 35.23 -2.13 22.01
CA HIS C 60 35.81 -1.61 20.76
C HIS C 60 37.33 -1.47 20.99
N ASP C 61 38.17 -2.16 20.19
CA ASP C 61 39.65 -1.96 20.28
C ASP C 61 40.17 -1.86 18.84
N PRO C 62 40.80 -0.72 18.48
CA PRO C 62 41.34 -0.50 17.13
C PRO C 62 42.86 -0.66 16.99
N ARG C 63 43.50 -1.13 18.05
CA ARG C 63 44.97 -1.04 18.08
C ARG C 63 45.69 -1.93 17.07
N LEU C 64 45.17 -3.14 16.82
CA LEU C 64 45.80 -4.09 15.94
C LEU C 64 44.82 -4.45 14.79
N ILE C 65 45.35 -4.91 13.68
CA ILE C 65 44.51 -5.23 12.56
C ILE C 65 43.53 -6.37 12.82
N PHE C 66 43.88 -7.30 13.70
CA PHE C 66 43.00 -8.41 14.07
C PHE C 66 42.15 -8.10 15.32
N ASP C 67 42.12 -6.87 15.79
CA ASP C 67 41.30 -6.55 16.95
C ASP C 67 39.80 -6.46 16.61
N VAL C 68 39.01 -6.52 17.68
CA VAL C 68 37.56 -6.58 17.49
C VAL C 68 36.75 -5.54 18.26
N SER C 69 35.49 -5.43 17.85
CA SER C 69 34.48 -4.64 18.52
C SER C 69 33.22 -5.48 18.56
N GLY C 70 32.24 -5.03 19.35
CA GLY C 70 30.99 -5.83 19.38
C GLY C 70 30.18 -5.48 20.63
N TYR C 71 29.18 -6.30 20.92
CA TYR C 71 28.29 -6.04 22.06
C TYR C 71 27.85 -7.26 22.75
N LEU C 72 27.39 -7.03 23.98
CA LEU C 72 26.83 -8.10 24.75
C LEU C 72 25.43 -7.61 25.05
N ALA C 73 24.41 -8.44 24.85
CA ALA C 73 23.03 -8.02 25.09
C ALA C 73 22.23 -9.18 25.69
N VAL C 74 21.13 -8.88 26.32
CA VAL C 74 20.23 -9.96 26.87
C VAL C 74 18.89 -9.82 26.23
N ASP C 75 18.38 -10.94 25.73
CA ASP C 75 17.07 -10.95 25.13
C ASP C 75 16.13 -11.71 26.03
N HIS C 76 15.31 -10.92 26.70
CA HIS C 76 14.32 -11.48 27.61
C HIS C 76 13.12 -12.16 26.96
N ALA C 77 12.91 -11.91 25.68
CA ALA C 77 11.78 -12.49 24.92
C ALA C 77 12.19 -13.88 24.47
N SER C 78 13.45 -14.05 24.04
CA SER C 78 13.86 -15.41 23.60
C SER C 78 14.64 -16.15 24.70
N LYS C 79 14.91 -15.43 25.79
CA LYS C 79 15.70 -16.01 26.93
C LYS C 79 17.10 -16.44 26.52
N GLN C 80 17.84 -15.48 25.96
CA GLN C 80 19.15 -15.72 25.47
C GLN C 80 20.06 -14.52 25.87
N ILE C 81 21.36 -14.82 25.89
CA ILE C 81 22.38 -13.84 26.03
C ILE C 81 23.12 -13.82 24.66
N TYR C 82 23.24 -12.65 24.07
CA TYR C 82 23.92 -12.57 22.76
C TYR C 82 25.28 -11.93 22.96
N LEU C 83 26.27 -12.55 22.35
CA LEU C 83 27.57 -11.94 22.23
C LEU C 83 27.82 -11.81 20.70
N VAL C 84 28.08 -10.61 20.27
CA VAL C 84 28.19 -10.34 18.83
C VAL C 84 29.51 -9.63 18.58
N ILE C 85 30.27 -10.10 17.59
CA ILE C 85 31.64 -9.58 17.37
C ILE C 85 31.77 -9.16 15.91
N ARG C 86 32.55 -8.14 15.68
CA ARG C 86 33.01 -7.81 14.28
C ARG C 86 34.48 -7.37 14.36
N GLY C 87 35.16 -7.43 13.21
CA GLY C 87 36.51 -6.82 13.16
C GLY C 87 36.35 -5.31 13.31
N THR C 88 37.26 -4.70 14.08
CA THR C 88 37.26 -3.25 14.17
C THR C 88 37.64 -2.50 12.93
N HIS C 89 38.64 -3.00 12.23
CA HIS C 89 39.12 -2.35 10.99
C HIS C 89 38.27 -2.72 9.79
N SER C 90 38.45 -1.95 8.73
N SER C 90 38.38 -1.89 8.75
CA SER C 90 37.66 -2.14 7.52
CA SER C 90 37.61 -2.08 7.52
C SER C 90 37.73 -3.56 7.02
C SER C 90 37.70 -3.52 7.03
N LEU C 91 36.58 -4.03 6.52
CA LEU C 91 36.52 -5.36 5.92
C LEU C 91 37.65 -5.44 4.88
N GLU C 92 37.77 -4.44 4.04
CA GLU C 92 38.85 -4.36 2.97
CA GLU C 92 38.80 -4.58 2.96
C GLU C 92 40.22 -4.75 3.51
N ASP C 93 40.57 -4.04 4.57
CA ASP C 93 41.95 -4.13 5.06
C ASP C 93 42.25 -5.47 5.68
N VAL C 94 41.26 -6.00 6.40
CA VAL C 94 41.46 -7.25 7.10
C VAL C 94 41.56 -8.39 6.10
N ILE C 95 40.63 -8.42 5.14
CA ILE C 95 40.60 -9.48 4.18
C ILE C 95 41.89 -9.45 3.34
N THR C 96 42.31 -8.28 2.97
CA THR C 96 43.57 -8.18 2.23
C THR C 96 44.73 -8.79 3.01
N ASP C 97 44.86 -8.41 4.28
CA ASP C 97 45.91 -9.03 5.16
C ASP C 97 45.88 -10.55 5.22
N ILE C 98 44.68 -11.13 5.45
CA ILE C 98 44.59 -12.56 5.55
C ILE C 98 45.05 -13.28 4.26
N ARG C 99 44.77 -12.66 3.12
CA ARG C 99 45.06 -13.31 1.82
C ARG C 99 46.52 -13.12 1.38
N ILE C 100 47.22 -12.14 1.97
CA ILE C 100 48.57 -11.82 1.44
C ILE C 100 49.72 -12.31 2.38
N MET C 101 49.43 -12.40 3.68
CA MET C 101 50.47 -12.71 4.69
C MET C 101 50.10 -13.99 5.46
N GLN C 102 50.83 -15.08 5.30
CA GLN C 102 50.67 -16.18 6.32
C GLN C 102 50.93 -15.71 7.76
N ALA C 103 50.23 -16.31 8.72
CA ALA C 103 50.60 -16.10 10.14
C ALA C 103 51.06 -17.46 10.65
N PRO C 104 51.89 -17.43 11.69
CA PRO C 104 52.15 -18.72 12.29
C PRO C 104 50.83 -19.30 12.79
N LEU C 105 50.75 -20.62 12.86
CA LEU C 105 49.63 -21.27 13.45
C LEU C 105 50.11 -21.76 14.80
N THR C 106 49.33 -21.50 15.83
CA THR C 106 49.70 -21.99 17.15
C THR C 106 48.59 -22.71 17.76
N ASN C 107 48.88 -23.47 18.80
CA ASN C 107 47.85 -24.25 19.42
C ASN C 107 46.87 -23.30 20.11
N PHE C 108 45.56 -23.62 20.02
CA PHE C 108 44.49 -22.78 20.56
C PHE C 108 44.68 -22.74 22.12
N ASP C 109 45.42 -23.72 22.69
CA ASP C 109 45.65 -23.58 24.16
C ASP C 109 46.49 -22.40 24.60
N LEU C 110 47.08 -21.67 23.66
CA LEU C 110 47.82 -20.48 24.03
C LEU C 110 46.83 -19.26 24.29
N ALA C 111 45.57 -19.46 23.92
CA ALA C 111 44.55 -18.39 24.05
C ALA C 111 43.95 -18.42 25.44
N ALA C 112 43.36 -17.27 25.79
CA ALA C 112 42.73 -17.09 27.09
C ALA C 112 41.65 -18.13 27.38
N ASN C 113 41.62 -18.62 28.63
CA ASN C 113 40.64 -19.61 29.09
C ASN C 113 40.72 -20.97 28.48
N ILE C 114 41.71 -21.24 27.62
CA ILE C 114 41.72 -22.57 26.95
C ILE C 114 42.85 -23.38 27.62
N SER C 115 42.46 -24.51 28.21
CA SER C 115 43.44 -25.39 28.86
C SER C 115 44.14 -26.27 27.84
N SER C 116 45.44 -26.58 28.08
CA SER C 116 46.13 -27.64 27.30
C SER C 116 45.38 -29.00 27.42
N THR C 117 44.58 -29.17 28.47
CA THR C 117 43.78 -30.43 28.66
C THR C 117 42.56 -30.54 27.71
N ALA C 118 42.19 -29.40 27.11
CA ALA C 118 41.06 -29.37 26.21
C ALA C 118 41.42 -29.57 24.74
N THR C 119 42.51 -28.98 24.28
CA THR C 119 42.84 -29.15 22.85
C THR C 119 43.75 -30.34 22.57
N CYS C 120 43.82 -30.74 21.31
CA CYS C 120 44.66 -31.83 20.89
C CYS C 120 46.00 -31.23 20.56
N ASP C 121 47.04 -32.05 20.46
CA ASP C 121 48.36 -31.59 20.05
C ASP C 121 48.42 -30.78 18.77
N ASP C 122 47.59 -31.19 17.83
CA ASP C 122 47.66 -30.64 16.50
C ASP C 122 46.46 -29.71 16.22
N CYS C 123 45.90 -29.13 17.29
CA CYS C 123 44.80 -28.20 17.21
CA CYS C 123 44.79 -28.21 17.18
C CYS C 123 45.33 -26.78 16.98
N LEU C 124 45.79 -26.48 15.75
CA LEU C 124 46.49 -25.24 15.47
C LEU C 124 45.59 -24.20 14.73
N VAL C 125 45.76 -22.95 15.05
CA VAL C 125 44.86 -21.88 14.58
C VAL C 125 45.70 -20.70 14.13
N HIS C 126 45.27 -20.03 13.05
CA HIS C 126 45.96 -18.83 12.57
C HIS C 126 46.19 -17.85 13.71
N ASN C 127 47.41 -17.31 13.85
CA ASN C 127 47.71 -16.44 14.96
C ASN C 127 46.91 -15.12 15.01
N GLY C 128 46.55 -14.62 13.83
CA GLY C 128 45.65 -13.43 13.80
C GLY C 128 44.26 -13.76 14.34
N PHE C 129 43.68 -14.93 14.02
CA PHE C 129 42.35 -15.25 14.53
C PHE C 129 42.42 -15.54 16.00
N ILE C 130 43.55 -16.12 16.47
CA ILE C 130 43.67 -16.30 17.95
C ILE C 130 43.62 -14.91 18.60
N GLN C 131 44.29 -13.93 18.02
CA GLN C 131 44.32 -12.57 18.54
C GLN C 131 42.89 -11.98 18.52
N SER C 132 42.10 -12.29 17.46
CA SER C 132 40.74 -11.74 17.45
CA SER C 132 40.74 -11.74 17.43
C SER C 132 39.89 -12.31 18.58
N TYR C 133 40.05 -13.59 18.88
CA TYR C 133 39.38 -14.27 19.99
C TYR C 133 39.93 -13.69 21.33
N ASN C 134 41.27 -13.61 21.42
CA ASN C 134 41.82 -13.11 22.68
C ASN C 134 41.37 -11.70 23.00
N ASN C 135 41.33 -10.84 21.98
CA ASN C 135 40.86 -9.49 22.08
C ASN C 135 39.34 -9.41 22.41
N THR C 136 38.55 -10.42 22.01
CA THR C 136 37.12 -10.46 22.47
C THR C 136 37.13 -10.78 24.01
N TYR C 137 37.84 -11.87 24.38
CA TYR C 137 37.85 -12.38 25.77
C TYR C 137 38.36 -11.30 26.71
N ASN C 138 39.44 -10.62 26.32
CA ASN C 138 40.04 -9.67 27.26
C ASN C 138 39.20 -8.37 27.39
N GLN C 139 38.30 -8.11 26.41
CA GLN C 139 37.42 -7.00 26.56
C GLN C 139 36.08 -7.34 27.20
N ILE C 140 35.59 -8.57 27.06
CA ILE C 140 34.21 -8.83 27.52
C ILE C 140 34.00 -10.08 28.33
N GLY C 141 35.03 -10.90 28.46
CA GLY C 141 34.85 -12.20 29.11
C GLY C 141 34.30 -12.09 30.54
N PRO C 142 34.90 -11.23 31.40
CA PRO C 142 34.43 -11.21 32.82
C PRO C 142 33.02 -10.68 32.90
N LYS C 143 32.71 -9.69 32.04
CA LYS C 143 31.35 -9.14 31.94
C LYS C 143 30.39 -10.26 31.51
N LEU C 144 30.73 -11.01 30.46
CA LEU C 144 29.87 -12.16 30.07
C LEU C 144 29.63 -13.12 31.24
N ASP C 145 30.68 -13.53 31.96
CA ASP C 145 30.50 -14.41 33.10
C ASP C 145 29.54 -13.84 34.14
N SER C 146 29.59 -12.55 34.42
CA SER C 146 28.65 -11.96 35.39
CA SER C 146 28.65 -11.98 35.41
C SER C 146 27.21 -12.01 34.89
N VAL C 147 27.05 -11.85 33.56
CA VAL C 147 25.71 -11.95 32.97
C VAL C 147 25.20 -13.36 33.02
N ILE C 148 26.07 -14.34 32.76
CA ILE C 148 25.67 -15.72 32.82
C ILE C 148 25.22 -16.07 34.27
N GLU C 149 25.93 -15.55 35.24
CA GLU C 149 25.50 -15.72 36.68
C GLU C 149 24.10 -15.11 36.93
N GLN C 150 23.84 -13.91 36.35
CA GLN C 150 22.52 -13.30 36.49
C GLN C 150 21.39 -14.07 35.83
N TYR C 151 21.66 -14.70 34.64
CA TYR C 151 20.68 -15.41 33.89
C TYR C 151 21.11 -16.83 33.55
N PRO C 152 21.17 -17.71 34.56
CA PRO C 152 21.80 -18.99 34.31
C PRO C 152 21.00 -19.95 33.41
N ASP C 153 19.72 -19.63 33.23
CA ASP C 153 18.84 -20.45 32.40
C ASP C 153 18.79 -19.96 30.95
N TYR C 154 19.34 -18.76 30.69
CA TYR C 154 19.29 -18.25 29.32
C TYR C 154 20.31 -18.96 28.41
N GLN C 155 19.99 -19.19 27.14
CA GLN C 155 20.94 -19.81 26.21
C GLN C 155 21.92 -18.75 25.74
N ILE C 156 23.19 -19.09 25.73
CA ILE C 156 24.18 -18.13 25.24
C ILE C 156 24.31 -18.35 23.71
N ALA C 157 24.18 -17.27 22.93
CA ALA C 157 24.45 -17.37 21.47
C ALA C 157 25.55 -16.46 21.06
N VAL C 158 26.50 -16.93 20.25
CA VAL C 158 27.61 -16.08 19.85
C VAL C 158 27.60 -15.99 18.32
N THR C 159 27.62 -14.81 17.81
CA THR C 159 27.58 -14.64 16.30
C THR C 159 28.48 -13.58 15.88
N GLY C 160 28.85 -13.61 14.59
CA GLY C 160 29.68 -12.54 14.07
C GLY C 160 29.82 -12.71 12.56
N HIS C 161 30.09 -11.59 11.89
CA HIS C 161 30.33 -11.65 10.43
C HIS C 161 31.82 -11.38 10.14
N SER C 162 32.41 -12.11 9.17
CA SER C 162 33.79 -11.78 8.65
C SER C 162 34.76 -12.11 9.79
N LEU C 163 35.68 -11.21 10.13
CA LEU C 163 36.66 -11.47 11.24
C LEU C 163 35.84 -11.78 12.49
N GLY C 164 34.70 -11.08 12.65
CA GLY C 164 33.81 -11.46 13.83
C GLY C 164 33.35 -12.88 13.82
N GLY C 165 33.15 -13.46 12.63
CA GLY C 165 32.76 -14.87 12.60
C GLY C 165 33.90 -15.77 13.08
N ALA C 166 35.15 -15.47 12.69
CA ALA C 166 36.30 -16.30 13.16
C ALA C 166 36.39 -16.19 14.68
N ALA C 167 36.22 -14.98 15.18
CA ALA C 167 36.31 -14.76 16.67
C ALA C 167 35.15 -15.43 17.33
N ALA C 168 33.95 -15.37 16.74
CA ALA C 168 32.83 -16.09 17.28
C ALA C 168 32.95 -17.59 17.35
N LEU C 169 33.51 -18.22 16.33
CA LEU C 169 33.73 -19.62 16.38
C LEU C 169 34.70 -19.97 17.51
N LEU C 170 35.76 -19.22 17.65
CA LEU C 170 36.77 -19.55 18.69
C LEU C 170 36.16 -19.22 20.05
N PHE C 171 35.32 -18.19 20.13
CA PHE C 171 34.68 -17.86 21.41
C PHE C 171 33.69 -18.90 21.84
N GLY C 172 32.95 -19.45 20.87
CA GLY C 172 31.99 -20.50 21.09
C GLY C 172 32.74 -21.74 21.61
N ILE C 173 33.84 -22.06 20.96
CA ILE C 173 34.69 -23.22 21.40
C ILE C 173 35.19 -23.01 22.84
N ASN C 174 35.71 -21.83 23.14
CA ASN C 174 36.02 -21.47 24.56
C ASN C 174 34.85 -21.80 25.49
N LEU C 175 33.64 -21.30 25.19
CA LEU C 175 32.50 -21.54 26.09
C LEU C 175 32.16 -23.01 26.20
N LYS C 176 32.32 -23.74 25.12
CA LYS C 176 31.91 -25.14 25.07
C LYS C 176 32.93 -26.03 25.88
N VAL C 177 34.20 -25.74 25.77
CA VAL C 177 35.20 -26.57 26.47
C VAL C 177 35.22 -26.17 27.93
N ASN C 178 34.60 -25.02 28.27
CA ASN C 178 34.57 -24.55 29.66
C ASN C 178 33.22 -24.69 30.30
N GLY C 179 32.46 -25.70 29.88
CA GLY C 179 31.26 -26.11 30.59
C GLY C 179 29.99 -25.42 30.22
N HIS C 180 30.00 -24.63 29.13
CA HIS C 180 28.75 -23.99 28.69
C HIS C 180 28.23 -24.69 27.44
N ASP C 181 27.03 -24.33 26.97
CA ASP C 181 26.42 -25.00 25.84
C ASP C 181 26.00 -23.88 24.86
N PRO C 182 26.99 -23.22 24.22
CA PRO C 182 26.59 -22.06 23.40
C PRO C 182 26.02 -22.55 22.05
N LEU C 183 25.20 -21.70 21.46
CA LEU C 183 24.89 -21.75 20.01
C LEU C 183 25.93 -20.85 19.33
N VAL C 184 26.49 -21.29 18.16
CA VAL C 184 27.52 -20.49 17.47
C VAL C 184 26.97 -20.37 16.03
N VAL C 185 26.79 -19.12 15.59
CA VAL C 185 26.36 -18.93 14.15
C VAL C 185 27.35 -17.91 13.62
N THR C 186 28.11 -18.28 12.59
CA THR C 186 29.06 -17.37 11.93
C THR C 186 28.56 -16.99 10.51
N LEU C 187 28.98 -15.83 10.05
CA LEU C 187 28.57 -15.44 8.66
C LEU C 187 29.81 -14.93 7.93
N GLY C 188 30.03 -15.44 6.72
CA GLY C 188 31.24 -15.02 5.98
C GLY C 188 32.56 -15.26 6.75
N GLN C 189 32.65 -16.38 7.45
CA GLN C 189 33.82 -16.66 8.32
C GLN C 189 34.93 -17.29 7.47
N PRO C 190 36.12 -16.72 7.56
CA PRO C 190 37.29 -17.38 6.97
C PRO C 190 37.67 -18.69 7.67
N ILE C 191 38.56 -19.46 7.05
CA ILE C 191 38.93 -20.75 7.60
C ILE C 191 39.93 -20.38 8.75
N VAL C 192 39.68 -20.93 9.94
CA VAL C 192 40.40 -20.54 11.13
C VAL C 192 41.67 -21.36 11.41
N GLY C 193 41.67 -22.63 11.09
CA GLY C 193 42.87 -23.50 11.47
C GLY C 193 43.12 -24.66 10.54
N ASN C 194 43.91 -25.64 11.03
CA ASN C 194 44.37 -26.72 10.16
C ASN C 194 43.48 -27.90 10.28
N ALA C 195 43.86 -29.03 9.69
CA ALA C 195 43.03 -30.22 9.75
C ALA C 195 42.78 -30.74 11.14
N GLY C 196 43.83 -30.66 11.98
CA GLY C 196 43.71 -31.22 13.35
C GLY C 196 42.64 -30.40 14.10
N PHE C 197 42.71 -29.09 13.95
CA PHE C 197 41.68 -28.20 14.53
C PHE C 197 40.30 -28.54 14.00
N ALA C 198 40.18 -28.62 12.68
CA ALA C 198 38.84 -28.77 12.13
C ALA C 198 38.22 -30.05 12.50
N ASN C 199 38.99 -31.18 12.53
CA ASN C 199 38.43 -32.40 12.92
C ASN C 199 38.08 -32.46 14.43
N TRP C 200 38.83 -31.70 15.20
CA TRP C 200 38.59 -31.63 16.66
C TRP C 200 37.32 -30.78 16.93
N VAL C 201 37.14 -29.71 16.19
CA VAL C 201 35.86 -28.94 16.25
C VAL C 201 34.69 -29.83 15.88
N ASP C 202 34.83 -30.65 14.85
CA ASP C 202 33.73 -31.54 14.46
C ASP C 202 33.37 -32.54 15.57
N LYS C 203 34.40 -33.11 16.21
CA LYS C 203 34.12 -33.92 17.32
C LYS C 203 33.46 -33.19 18.49
N LEU C 204 33.93 -32.00 18.77
CA LEU C 204 33.42 -31.19 19.88
C LEU C 204 31.92 -30.91 19.69
N PHE C 205 31.53 -30.48 18.50
CA PHE C 205 30.15 -30.04 18.24
C PHE C 205 29.24 -31.13 17.72
N PHE C 206 29.78 -32.09 16.96
CA PHE C 206 28.96 -33.19 16.36
C PHE C 206 29.24 -34.62 16.78
N GLY C 207 30.32 -34.86 17.58
CA GLY C 207 30.62 -36.08 18.19
C GLY C 207 31.39 -37.04 17.36
N GLN C 208 31.64 -36.68 16.07
CA GLN C 208 32.48 -37.58 15.24
C GLN C 208 33.09 -36.78 14.11
N GLU C 209 34.09 -37.37 13.44
CA GLU C 209 34.62 -36.74 12.24
C GLU C 209 33.65 -37.02 11.14
N ASN C 210 33.72 -36.15 10.11
CA ASN C 210 32.82 -36.24 8.95
C ASN C 210 31.38 -36.45 9.39
N PRO C 211 30.90 -35.55 10.22
CA PRO C 211 29.52 -35.64 10.74
C PRO C 211 28.37 -35.31 9.74
N ASP C 212 27.16 -35.87 9.99
CA ASP C 212 25.96 -35.58 9.15
C ASP C 212 25.48 -34.17 9.61
N VAL C 213 25.72 -33.16 8.74
CA VAL C 213 25.31 -31.77 9.06
C VAL C 213 24.22 -31.33 8.05
N SER C 214 23.37 -32.28 7.69
CA SER C 214 22.31 -31.96 6.71
C SER C 214 21.09 -31.26 7.29
N LYS C 215 20.88 -31.28 8.60
CA LYS C 215 19.66 -30.82 9.22
C LYS C 215 19.91 -29.70 10.25
N VAL C 216 18.92 -28.85 10.33
CA VAL C 216 18.80 -27.88 11.43
C VAL C 216 18.00 -28.52 12.52
N SER C 217 18.42 -28.40 13.78
CA SER C 217 17.66 -29.01 14.85
C SER C 217 17.97 -28.25 16.15
N LYS C 218 17.09 -28.39 17.13
CA LYS C 218 17.35 -27.71 18.44
C LYS C 218 18.65 -28.08 19.06
N ASP C 219 19.07 -29.35 18.92
CA ASP C 219 20.26 -29.66 19.68
C ASP C 219 21.55 -29.37 18.96
N ARG C 220 21.48 -28.96 17.69
CA ARG C 220 22.67 -28.61 16.96
C ARG C 220 23.16 -27.20 17.30
N LYS C 221 24.46 -27.03 17.49
CA LYS C 221 24.94 -25.77 17.99
C LYS C 221 25.91 -25.05 17.16
N LEU C 222 26.20 -25.51 15.93
CA LEU C 222 27.23 -24.79 15.16
C LEU C 222 26.70 -24.66 13.68
N TYR C 223 26.67 -23.42 13.21
CA TYR C 223 26.29 -23.18 11.75
C TYR C 223 27.26 -22.14 11.21
N ARG C 224 27.86 -22.40 10.03
CA ARG C 224 28.76 -21.40 9.38
C ARG C 224 28.03 -20.98 8.13
N ILE C 225 27.45 -19.79 8.16
CA ILE C 225 26.65 -19.34 6.96
C ILE C 225 27.69 -18.79 5.97
N THR C 226 27.48 -19.17 4.68
CA THR C 226 28.38 -18.72 3.63
C THR C 226 27.46 -18.25 2.45
N HIS C 227 28.06 -17.53 1.49
CA HIS C 227 27.18 -16.93 0.41
C HIS C 227 27.89 -17.13 -0.90
N ARG C 228 27.04 -17.46 -1.90
CA ARG C 228 27.52 -17.53 -3.28
C ARG C 228 28.31 -16.29 -3.62
N GLY C 229 29.51 -16.47 -4.18
CA GLY C 229 30.34 -15.36 -4.61
C GLY C 229 31.28 -14.77 -3.58
N ASP C 230 31.08 -15.14 -2.32
CA ASP C 230 31.89 -14.58 -1.25
C ASP C 230 33.15 -15.42 -1.08
N ILE C 231 34.29 -14.83 -1.41
CA ILE C 231 35.50 -15.65 -1.31
C ILE C 231 36.03 -15.71 0.12
N VAL C 232 35.49 -14.93 1.07
CA VAL C 232 36.11 -14.92 2.44
C VAL C 232 36.04 -16.28 3.12
N PRO C 233 34.93 -17.04 3.02
CA PRO C 233 34.92 -18.43 3.51
C PRO C 233 35.85 -19.42 2.86
N GLN C 234 36.53 -18.98 1.76
CA GLN C 234 37.48 -19.84 1.11
C GLN C 234 38.89 -19.48 1.51
N VAL C 235 39.11 -18.43 2.30
CA VAL C 235 40.49 -17.97 2.55
C VAL C 235 40.77 -18.22 4.06
N PRO C 236 42.04 -18.39 4.43
CA PRO C 236 43.23 -18.48 3.54
C PRO C 236 43.30 -19.75 2.70
N PHE C 237 43.92 -19.61 1.53
CA PHE C 237 44.15 -20.74 0.65
C PHE C 237 45.42 -21.48 1.03
N TRP C 238 46.12 -21.07 2.10
CA TRP C 238 47.38 -21.75 2.51
C TRP C 238 47.24 -23.26 2.74
N ASP C 239 48.31 -23.95 2.34
CA ASP C 239 48.41 -25.37 2.46
C ASP C 239 48.03 -25.72 3.89
N GLY C 240 47.14 -26.68 4.09
CA GLY C 240 46.91 -27.15 5.45
C GLY C 240 45.64 -26.54 6.10
N TYR C 241 45.18 -25.37 5.64
CA TYR C 241 43.92 -24.87 6.29
C TYR C 241 42.74 -25.61 5.81
N GLN C 242 41.79 -25.93 6.71
CA GLN C 242 40.53 -26.43 6.20
C GLN C 242 39.46 -26.10 7.24
N HIS C 243 38.23 -25.96 6.76
CA HIS C 243 37.11 -25.66 7.64
C HIS C 243 36.71 -26.89 8.46
N CYS C 244 36.01 -26.61 9.61
CA CYS C 244 35.17 -27.58 10.24
C CYS C 244 33.90 -27.70 9.37
N SER C 245 33.10 -28.67 9.69
CA SER C 245 31.81 -28.94 9.07
C SER C 245 30.78 -27.96 9.53
N GLY C 246 29.64 -28.00 8.84
CA GLY C 246 28.51 -27.18 9.35
C GLY C 246 28.13 -26.00 8.47
N GLU C 247 28.49 -26.05 7.18
CA GLU C 247 28.20 -24.94 6.24
C GLU C 247 26.74 -24.84 5.86
N VAL C 248 26.25 -23.60 5.87
CA VAL C 248 24.87 -23.31 5.40
C VAL C 248 25.11 -22.25 4.30
N PHE C 249 24.73 -22.58 3.09
CA PHE C 249 25.11 -21.79 1.93
C PHE C 249 23.92 -21.01 1.33
N ILE C 250 24.10 -19.71 1.15
CA ILE C 250 23.06 -18.90 0.49
C ILE C 250 23.43 -18.95 -1.02
N ASP C 251 22.70 -19.80 -1.73
CA ASP C 251 22.95 -19.97 -3.19
C ASP C 251 22.09 -18.94 -3.97
N TRP C 252 22.46 -17.69 -3.85
CA TRP C 252 21.68 -16.61 -4.45
C TRP C 252 22.54 -15.40 -4.51
N PRO C 253 22.41 -14.50 -5.50
CA PRO C 253 23.42 -13.46 -5.61
C PRO C 253 23.09 -12.20 -4.82
N LEU C 254 21.95 -12.18 -4.16
CA LEU C 254 21.47 -10.97 -3.51
C LEU C 254 21.15 -11.21 -2.04
N ILE C 255 20.84 -10.12 -1.33
CA ILE C 255 20.16 -10.25 -0.03
C ILE C 255 18.76 -10.85 -0.22
N HIS C 256 18.10 -11.14 0.90
CA HIS C 256 16.75 -11.68 0.88
C HIS C 256 16.54 -12.86 -0.05
N PRO C 257 17.34 -13.89 0.14
CA PRO C 257 17.18 -15.01 -0.81
C PRO C 257 15.89 -15.74 -0.66
N PRO C 258 15.44 -16.41 -1.74
CA PRO C 258 14.27 -17.25 -1.55
C PRO C 258 14.58 -18.45 -0.64
N LEU C 259 13.52 -18.99 -0.05
CA LEU C 259 13.66 -20.12 0.90
C LEU C 259 14.37 -21.30 0.22
N SER C 260 14.06 -21.54 -1.07
CA SER C 260 14.65 -22.65 -1.81
C SER C 260 16.11 -22.57 -1.99
N ASN C 261 16.70 -21.40 -1.82
CA ASN C 261 18.07 -21.17 -2.13
C ASN C 261 19.04 -21.05 -0.94
N VAL C 262 18.56 -21.49 0.24
CA VAL C 262 19.45 -21.58 1.42
C VAL C 262 19.55 -23.09 1.72
N VAL C 263 20.79 -23.61 1.66
CA VAL C 263 20.89 -25.05 1.74
C VAL C 263 21.92 -25.47 2.83
N MET C 264 21.70 -26.65 3.42
CA MET C 264 22.73 -27.20 4.38
C MET C 264 23.73 -28.04 3.53
N CYS C 265 25.01 -27.81 3.72
CA CYS C 265 25.98 -28.54 2.91
C CYS C 265 26.69 -29.58 3.75
N GLN C 266 26.83 -30.81 3.24
CA GLN C 266 27.76 -31.74 3.91
C GLN C 266 29.19 -31.38 3.70
N GLY C 267 30.02 -31.91 4.62
CA GLY C 267 31.44 -31.89 4.31
C GLY C 267 32.22 -30.70 4.81
N GLN C 268 33.54 -30.85 4.77
CA GLN C 268 34.38 -29.72 5.06
C GLN C 268 34.73 -28.85 3.84
N SER C 269 34.40 -29.33 2.64
CA SER C 269 34.58 -28.56 1.39
C SER C 269 33.50 -29.13 0.53
N ASN C 270 32.71 -28.28 -0.15
CA ASN C 270 31.58 -28.84 -0.89
C ASN C 270 31.40 -27.95 -2.14
N LYS C 271 31.65 -28.55 -3.31
CA LYS C 271 31.68 -27.78 -4.54
C LYS C 271 30.29 -27.29 -4.95
N GLN C 272 29.24 -27.83 -4.32
CA GLN C 272 27.89 -27.22 -4.49
C GLN C 272 27.70 -25.96 -3.70
N CYS C 273 28.64 -25.66 -2.82
CA CYS C 273 28.57 -24.54 -1.87
C CYS C 273 29.75 -23.63 -2.05
N SER C 274 30.33 -23.11 -0.98
N SER C 274 30.33 -23.07 -1.01
CA SER C 274 31.33 -22.06 -1.11
CA SER C 274 31.32 -21.99 -1.20
C SER C 274 32.49 -22.49 -1.95
C SER C 274 32.57 -22.46 -1.90
N ALA C 275 32.91 -23.74 -1.76
CA ALA C 275 34.09 -24.21 -2.45
C ALA C 275 33.92 -24.25 -3.97
N GLY C 276 32.68 -24.18 -4.44
CA GLY C 276 32.39 -24.18 -5.89
C GLY C 276 32.22 -22.80 -6.48
N ASN C 277 32.50 -21.75 -5.71
CA ASN C 277 32.36 -20.38 -6.24
C ASN C 277 33.33 -20.27 -7.45
N THR C 278 32.82 -19.79 -8.55
CA THR C 278 33.70 -19.57 -9.72
C THR C 278 34.39 -18.22 -9.66
N LEU C 279 35.44 -18.04 -10.50
CA LEU C 279 36.09 -16.74 -10.58
C LEU C 279 35.12 -15.61 -10.93
N LEU C 280 34.23 -15.86 -11.89
CA LEU C 280 33.34 -14.78 -12.30
C LEU C 280 32.41 -14.46 -11.11
N GLN C 281 31.96 -15.50 -10.41
CA GLN C 281 31.05 -15.25 -9.23
C GLN C 281 31.74 -14.46 -8.10
N GLN C 282 33.04 -14.60 -7.96
CA GLN C 282 33.89 -13.94 -6.93
C GLN C 282 34.16 -12.43 -7.23
N VAL C 283 33.78 -11.99 -8.42
CA VAL C 283 33.85 -10.55 -8.73
C VAL C 283 32.94 -9.78 -7.81
N ASN C 284 33.48 -8.72 -7.28
CA ASN C 284 32.89 -7.91 -6.29
C ASN C 284 33.14 -8.54 -4.93
N VAL C 285 34.40 -8.62 -4.57
CA VAL C 285 34.77 -9.29 -3.32
C VAL C 285 34.02 -8.68 -2.13
N ILE C 286 34.05 -7.37 -1.97
CA ILE C 286 33.40 -6.77 -0.81
C ILE C 286 31.90 -6.90 -0.92
N GLY C 287 31.32 -6.51 -2.08
CA GLY C 287 29.88 -6.53 -2.10
C GLY C 287 29.33 -7.93 -1.82
N ASN C 288 29.94 -8.96 -2.38
CA ASN C 288 29.33 -10.31 -2.20
C ASN C 288 29.50 -10.83 -0.71
N HIS C 289 30.49 -10.25 -0.06
CA HIS C 289 30.74 -10.54 1.37
C HIS C 289 29.69 -9.90 2.27
N LEU C 290 28.99 -8.90 1.74
CA LEU C 290 28.02 -8.20 2.60
C LEU C 290 26.67 -8.83 2.54
N GLN C 291 26.40 -9.68 1.54
CA GLN C 291 25.01 -10.08 1.26
C GLN C 291 24.65 -11.36 1.97
N TYR C 292 24.22 -11.24 3.25
CA TYR C 292 23.88 -12.37 4.05
C TYR C 292 22.46 -12.17 4.67
N PHE C 293 21.43 -12.37 3.87
CA PHE C 293 20.07 -12.17 4.24
C PHE C 293 19.78 -10.67 4.27
N VAL C 294 20.44 -9.94 5.17
CA VAL C 294 20.45 -8.50 5.14
C VAL C 294 21.84 -8.05 4.70
N THR C 295 22.00 -6.76 4.44
CA THR C 295 23.32 -6.25 4.10
C THR C 295 24.13 -6.13 5.38
N GLU C 296 25.30 -6.78 5.41
CA GLU C 296 26.21 -6.64 6.61
C GLU C 296 27.17 -5.54 6.40
N GLY C 297 27.68 -4.91 7.48
CA GLY C 297 28.83 -4.04 7.32
C GLY C 297 28.52 -2.55 7.45
N VAL C 298 27.22 -2.18 7.38
CA VAL C 298 26.84 -0.79 7.43
C VAL C 298 25.72 -0.65 8.44
N CYS C 299 25.93 0.17 9.44
CA CYS C 299 24.91 0.43 10.47
C CYS C 299 23.77 1.21 9.89
N GLY C 300 22.53 0.73 10.16
CA GLY C 300 21.30 1.52 9.93
C GLY C 300 20.61 1.06 8.69
N ILE C 301 21.23 0.19 7.90
CA ILE C 301 20.47 -0.49 6.84
C ILE C 301 20.35 -1.99 7.16
N VAL D 1 30.54 32.21 4.11
CA VAL D 1 29.99 33.52 4.56
C VAL D 1 28.64 33.94 3.97
N TYR D 2 28.38 33.63 2.69
N TYR D 2 28.38 33.63 2.69
CA TYR D 2 27.06 33.94 2.13
CA TYR D 2 27.07 33.94 2.13
C TYR D 2 26.11 32.88 2.67
C TYR D 2 26.10 32.89 2.66
N THR D 3 25.21 33.26 3.58
CA THR D 3 24.35 32.32 4.23
C THR D 3 22.90 32.55 3.78
N SER D 4 22.05 31.52 3.87
CA SER D 4 20.67 31.65 3.41
C SER D 4 19.85 30.54 4.07
N THR D 5 18.53 30.68 4.00
CA THR D 5 17.61 29.57 4.34
C THR D 5 16.68 29.33 3.19
N GLU D 6 16.97 29.97 2.05
CA GLU D 6 16.14 29.78 0.87
C GLU D 6 16.43 28.43 0.16
N THR D 7 15.34 27.70 -0.16
CA THR D 7 15.44 26.49 -0.99
C THR D 7 14.31 26.46 -1.99
N SER D 8 14.44 25.61 -3.05
CA SER D 8 13.48 25.49 -4.07
C SER D 8 13.29 24.03 -4.46
N HIS D 9 12.12 23.73 -4.98
CA HIS D 9 11.88 22.36 -5.42
C HIS D 9 12.45 22.12 -6.83
N ILE D 10 12.41 20.82 -7.27
CA ILE D 10 12.92 20.49 -8.62
C ILE D 10 11.91 19.64 -9.34
N ASP D 11 12.04 19.54 -10.66
CA ASP D 11 11.17 18.65 -11.40
C ASP D 11 11.78 17.28 -11.62
N GLN D 12 10.99 16.35 -12.13
CA GLN D 12 11.42 14.97 -12.28
C GLN D 12 12.63 14.89 -13.25
N GLU D 13 12.62 15.67 -14.35
CA GLU D 13 13.75 15.57 -15.26
C GLU D 13 15.07 15.93 -14.55
N SER D 14 15.02 16.97 -13.67
CA SER D 14 16.18 17.30 -12.85
C SER D 14 16.60 16.25 -11.83
N TYR D 15 15.61 15.62 -11.21
CA TYR D 15 15.90 14.51 -10.30
C TYR D 15 16.59 13.39 -11.04
N ASN D 16 16.11 13.06 -12.26
CA ASN D 16 16.75 11.96 -12.98
C ASN D 16 18.18 12.28 -13.36
N PHE D 17 18.45 13.57 -13.62
CA PHE D 17 19.82 14.10 -13.94
C PHE D 17 20.76 13.90 -12.72
N PHE D 18 20.30 14.27 -11.52
CA PHE D 18 21.11 14.04 -10.33
C PHE D 18 21.32 12.56 -10.06
N GLU D 19 20.28 11.74 -10.18
CA GLU D 19 20.40 10.30 -9.97
C GLU D 19 21.41 9.68 -10.96
N LYS D 20 21.40 10.17 -12.19
CA LYS D 20 22.38 9.71 -13.20
C LYS D 20 23.82 9.85 -12.68
N TYR D 21 24.20 11.01 -12.17
CA TYR D 21 25.58 11.22 -11.71
C TYR D 21 25.84 10.40 -10.43
N ALA D 22 24.78 10.20 -9.58
CA ALA D 22 25.00 9.34 -8.43
C ALA D 22 25.35 7.92 -8.91
N ARG D 23 24.72 7.47 -9.99
CA ARG D 23 24.98 6.14 -10.52
C ARG D 23 26.42 6.03 -11.03
N LEU D 24 26.83 7.03 -11.81
CA LEU D 24 28.20 7.09 -12.36
C LEU D 24 29.25 7.11 -11.26
N ALA D 25 29.03 7.93 -10.23
CA ALA D 25 29.94 7.95 -9.08
C ALA D 25 30.03 6.64 -8.36
N ASN D 26 28.88 5.94 -8.19
CA ASN D 26 28.83 4.61 -7.65
C ASN D 26 29.71 3.61 -8.40
N ILE D 27 29.68 3.72 -9.73
CA ILE D 27 30.44 2.81 -10.55
C ILE D 27 31.98 3.05 -10.30
N GLY D 28 32.37 4.21 -9.78
CA GLY D 28 33.78 4.46 -9.46
C GLY D 28 34.24 3.45 -8.43
N TYR D 29 33.29 2.89 -7.64
CA TYR D 29 33.68 1.84 -6.67
C TYR D 29 33.90 0.46 -7.23
N CYS D 30 33.67 0.33 -8.52
CA CYS D 30 33.85 -0.99 -9.26
C CYS D 30 35.27 -0.99 -9.84
N VAL D 31 36.00 0.05 -9.57
CA VAL D 31 37.44 0.15 -9.98
C VAL D 31 38.30 -0.29 -8.82
N GLY D 32 39.19 -1.23 -9.08
CA GLY D 32 40.25 -1.52 -8.11
C GLY D 32 40.28 -2.98 -7.81
N PRO D 33 41.14 -3.39 -6.86
CA PRO D 33 41.25 -4.84 -6.67
C PRO D 33 39.93 -5.44 -6.17
N GLY D 34 39.59 -6.66 -6.58
CA GLY D 34 38.37 -7.35 -6.13
C GLY D 34 37.06 -7.03 -6.87
N THR D 35 37.14 -6.06 -7.76
CA THR D 35 35.97 -5.52 -8.48
CA THR D 35 35.96 -5.72 -8.53
C THR D 35 36.34 -5.39 -9.95
N LYS D 36 35.36 -5.22 -10.83
CA LYS D 36 35.70 -5.09 -12.25
C LYS D 36 34.70 -4.19 -12.88
N ILE D 37 35.10 -3.43 -13.90
CA ILE D 37 34.13 -2.92 -14.90
C ILE D 37 34.57 -3.64 -16.17
N PHE D 38 33.74 -4.52 -16.69
CA PHE D 38 34.00 -5.20 -17.96
C PHE D 38 33.68 -4.31 -19.16
N LYS D 39 34.45 -4.48 -20.23
CA LYS D 39 34.12 -3.79 -21.50
C LYS D 39 32.84 -4.34 -22.09
N PRO D 40 32.01 -3.49 -22.78
CA PRO D 40 32.27 -2.07 -22.96
C PRO D 40 32.04 -1.29 -21.70
N PHE D 41 31.03 -1.64 -20.92
CA PHE D 41 30.73 -0.91 -19.69
C PHE D 41 29.72 -1.72 -18.90
N ASN D 42 30.22 -2.77 -18.30
CA ASN D 42 29.37 -3.76 -17.62
C ASN D 42 29.87 -4.03 -16.20
N CYS D 43 28.99 -3.90 -15.25
CA CYS D 43 29.35 -4.02 -13.88
C CYS D 43 28.13 -4.27 -13.02
N GLY D 44 27.15 -4.96 -13.55
CA GLY D 44 25.97 -5.19 -12.74
C GLY D 44 24.94 -4.10 -12.93
N LEU D 45 24.04 -3.93 -11.94
N LEU D 45 24.11 -3.92 -11.89
CA LEU D 45 22.87 -3.08 -12.24
CA LEU D 45 22.91 -3.13 -12.10
C LEU D 45 23.19 -1.62 -12.54
C LEU D 45 23.14 -1.64 -12.44
N GLN D 46 24.21 -0.99 -11.93
CA GLN D 46 24.37 0.46 -12.16
C GLN D 46 24.85 0.74 -13.59
N CYS D 47 25.84 -0.04 -14.03
CA CYS D 47 26.31 0.15 -15.44
C CYS D 47 25.26 -0.16 -16.45
N ALA D 48 24.29 -1.01 -16.09
CA ALA D 48 23.30 -1.38 -17.06
C ALA D 48 22.42 -0.23 -17.52
N HIS D 49 22.36 0.86 -16.75
CA HIS D 49 21.60 2.08 -17.11
C HIS D 49 22.30 2.95 -18.14
N PHE D 50 23.44 2.49 -18.69
CA PHE D 50 24.25 3.35 -19.57
C PHE D 50 24.52 2.69 -20.94
N PRO D 51 23.50 2.57 -21.78
CA PRO D 51 23.72 2.02 -23.13
C PRO D 51 24.65 2.93 -23.93
N ASN D 52 25.42 2.28 -24.82
CA ASN D 52 26.30 3.06 -25.74
C ASN D 52 27.45 3.76 -25.02
N VAL D 53 27.92 3.17 -23.88
CA VAL D 53 29.03 3.78 -23.13
C VAL D 53 30.17 2.85 -23.27
N GLU D 54 31.33 3.43 -23.57
CA GLU D 54 32.58 2.62 -23.53
C GLU D 54 33.51 3.09 -22.47
N LEU D 55 33.98 2.14 -21.68
CA LEU D 55 35.09 2.36 -20.79
C LEU D 55 36.41 2.62 -21.60
N ILE D 56 37.06 3.68 -21.28
CA ILE D 56 38.40 4.04 -21.91
C ILE D 56 39.56 3.53 -21.07
N GLU D 57 39.60 3.88 -19.78
CA GLU D 57 40.75 3.57 -18.95
C GLU D 57 40.22 3.57 -17.53
N GLU D 58 40.65 2.60 -16.71
CA GLU D 58 40.49 2.79 -15.24
C GLU D 58 41.85 3.19 -14.66
N PHE D 59 41.85 3.74 -13.47
CA PHE D 59 43.10 4.10 -12.74
C PHE D 59 42.94 3.85 -11.26
N HIS D 60 44.02 3.61 -10.53
CA HIS D 60 43.91 3.20 -9.11
C HIS D 60 45.29 3.39 -8.51
N ASP D 61 45.37 4.18 -7.46
CA ASP D 61 46.63 4.38 -6.73
C ASP D 61 46.37 4.34 -5.21
N PRO D 62 46.94 3.33 -4.50
CA PRO D 62 46.71 3.17 -3.02
C PRO D 62 47.83 3.79 -2.16
N ARG D 63 48.93 4.12 -2.80
CA ARG D 63 50.15 4.53 -2.06
C ARG D 63 49.92 5.38 -0.84
N LEU D 64 49.08 6.37 -1.02
CA LEU D 64 48.81 7.37 -0.02
C LEU D 64 47.34 7.45 0.35
N ILE D 65 47.06 7.96 1.55
CA ILE D 65 45.68 8.11 2.07
C ILE D 65 44.77 9.02 1.22
N PHE D 66 45.34 10.04 0.57
CA PHE D 66 44.54 10.89 -0.28
C PHE D 66 44.59 10.49 -1.74
N ASP D 67 45.08 9.32 -2.08
CA ASP D 67 45.15 9.00 -3.48
C ASP D 67 43.76 8.51 -3.98
N VAL D 68 43.65 8.48 -5.31
CA VAL D 68 42.35 8.27 -5.96
C VAL D 68 42.34 7.07 -6.91
N SER D 69 41.13 6.56 -7.20
CA SER D 69 40.91 5.61 -8.24
C SER D 69 39.70 6.19 -9.01
N GLY D 70 39.46 5.58 -10.16
CA GLY D 70 38.33 6.04 -11.00
C GLY D 70 38.49 5.55 -12.41
N TYR D 71 37.62 6.11 -13.25
CA TYR D 71 37.61 5.74 -14.66
C TYR D 71 37.23 6.89 -15.56
N LEU D 72 37.56 6.67 -16.82
CA LEU D 72 37.29 7.59 -17.94
C LEU D 72 36.49 6.79 -18.93
N ALA D 73 35.35 7.37 -19.40
CA ALA D 73 34.42 6.63 -20.27
C ALA D 73 33.79 7.59 -21.22
N VAL D 74 33.31 7.08 -22.37
CA VAL D 74 32.63 7.92 -23.32
C VAL D 74 31.21 7.41 -23.48
N ASP D 75 30.26 8.30 -23.36
CA ASP D 75 28.87 7.94 -23.55
C ASP D 75 28.39 8.48 -24.93
N HIS D 76 28.23 7.60 -25.92
CA HIS D 76 27.87 7.98 -27.21
C HIS D 76 26.39 8.28 -27.33
N ALA D 77 25.61 7.81 -26.35
CA ALA D 77 24.17 8.19 -26.37
C ALA D 77 23.85 9.61 -25.92
N SER D 78 24.57 10.06 -24.91
CA SER D 78 24.40 11.42 -24.36
C SER D 78 25.43 12.39 -24.90
N LYS D 79 26.39 11.86 -25.65
CA LYS D 79 27.46 12.69 -26.24
C LYS D 79 28.28 13.36 -25.17
N GLN D 80 28.81 12.55 -24.25
CA GLN D 80 29.59 13.07 -23.15
C GLN D 80 30.84 12.24 -22.92
N ILE D 81 31.83 12.84 -22.27
CA ILE D 81 33.00 12.14 -21.76
C ILE D 81 32.82 12.20 -20.22
N TYR D 82 32.91 11.05 -19.56
CA TYR D 82 32.82 11.01 -18.08
C TYR D 82 34.17 10.77 -17.41
N LEU D 83 34.52 11.65 -16.45
CA LEU D 83 35.65 11.34 -15.58
C LEU D 83 35.04 11.15 -14.19
N VAL D 84 35.21 9.95 -13.65
CA VAL D 84 34.64 9.59 -12.33
C VAL D 84 35.75 9.30 -11.40
N ILE D 85 35.69 9.89 -10.19
CA ILE D 85 36.80 9.75 -9.18
C ILE D 85 36.26 9.29 -7.83
N ARG D 86 37.00 8.44 -7.12
CA ARG D 86 36.71 8.26 -5.70
C ARG D 86 38.03 8.10 -4.95
N GLY D 87 37.94 8.12 -3.61
CA GLY D 87 39.17 7.85 -2.78
C GLY D 87 39.56 6.42 -2.90
N THR D 88 40.85 6.08 -2.96
CA THR D 88 41.19 4.70 -3.09
C THR D 88 40.98 3.93 -1.75
N HIS D 89 41.33 4.59 -0.66
CA HIS D 89 41.27 3.94 0.66
C HIS D 89 39.83 3.89 1.18
N SER D 90 39.55 2.90 2.02
CA SER D 90 38.22 2.75 2.65
C SER D 90 37.68 4.11 3.13
N LEU D 91 36.36 4.33 3.00
CA LEU D 91 35.79 5.60 3.41
C LEU D 91 36.03 5.94 4.85
N GLU D 92 35.83 4.96 5.72
CA GLU D 92 36.12 5.17 7.16
C GLU D 92 37.52 5.73 7.42
N ASP D 93 38.54 5.18 6.77
CA ASP D 93 39.92 5.72 6.95
C ASP D 93 40.07 7.15 6.46
N VAL D 94 39.54 7.40 5.27
CA VAL D 94 39.73 8.69 4.69
C VAL D 94 39.03 9.83 5.49
N ILE D 95 37.79 9.60 5.94
CA ILE D 95 37.05 10.62 6.67
C ILE D 95 37.67 10.89 8.02
N THR D 96 38.16 9.83 8.67
CA THR D 96 38.90 10.02 9.92
C THR D 96 40.07 11.02 9.71
N ASP D 97 40.94 10.73 8.74
CA ASP D 97 42.03 11.62 8.37
C ASP D 97 41.61 13.06 7.99
N ILE D 98 40.54 13.22 7.18
CA ILE D 98 40.14 14.56 6.75
C ILE D 98 39.83 15.44 7.94
N ARG D 99 39.00 14.90 8.84
CA ARG D 99 38.51 15.62 10.03
C ARG D 99 39.67 16.16 10.85
N ILE D 100 40.77 15.42 10.82
CA ILE D 100 42.07 15.78 11.46
C ILE D 100 43.01 16.52 10.45
N LEU D 105 47.09 24.08 3.79
CA LEU D 105 46.42 25.08 2.93
C LEU D 105 47.44 25.76 1.97
N THR D 106 47.55 25.13 0.80
CA THR D 106 48.50 25.42 -0.24
C THR D 106 47.75 26.18 -1.35
N ASN D 107 48.40 27.13 -2.03
CA ASN D 107 47.77 27.80 -3.17
C ASN D 107 47.45 26.76 -4.25
N PHE D 108 46.28 26.93 -4.87
CA PHE D 108 45.81 25.98 -5.87
C PHE D 108 46.75 26.08 -7.07
N ASP D 109 47.39 27.24 -7.27
CA ASP D 109 48.29 27.34 -8.44
C ASP D 109 49.57 26.46 -8.37
N LEU D 110 49.79 25.78 -7.24
CA LEU D 110 50.80 24.74 -7.12
C LEU D 110 50.42 23.35 -7.68
N ALA D 111 49.18 23.20 -8.15
CA ALA D 111 48.67 21.89 -8.58
C ALA D 111 49.03 21.56 -10.03
N ALA D 112 49.04 20.29 -10.41
CA ALA D 112 49.30 19.91 -11.82
C ALA D 112 48.48 20.70 -12.83
N ASN D 113 49.14 21.11 -13.90
CA ASN D 113 48.46 21.82 -14.97
C ASN D 113 47.87 23.14 -14.67
N ILE D 114 48.09 23.66 -13.48
CA ILE D 114 47.49 24.97 -13.14
C ILE D 114 48.55 26.11 -13.17
N SER D 115 48.20 27.30 -13.72
CA SER D 115 49.04 28.58 -13.73
C SER D 115 48.83 29.65 -12.65
N SER D 116 49.90 30.39 -12.27
CA SER D 116 49.73 31.39 -11.20
C SER D 116 48.82 32.58 -11.52
N THR D 117 48.66 32.85 -12.81
CA THR D 117 47.72 33.85 -13.30
C THR D 117 46.24 33.34 -13.29
N ALA D 118 46.05 32.03 -13.25
CA ALA D 118 44.73 31.39 -13.38
C ALA D 118 43.88 31.49 -12.09
N THR D 119 44.54 31.27 -10.95
CA THR D 119 43.92 31.31 -9.64
C THR D 119 44.11 32.67 -9.00
N CYS D 120 43.20 33.01 -8.07
CA CYS D 120 43.23 34.25 -7.28
C CYS D 120 44.38 34.26 -6.24
N ASP D 121 44.73 35.45 -5.73
CA ASP D 121 45.82 35.55 -4.74
C ASP D 121 45.54 34.81 -3.41
N ASP D 122 44.33 34.91 -2.93
CA ASP D 122 43.94 34.23 -1.72
C ASP D 122 43.23 32.85 -1.95
N CYS D 123 43.50 32.14 -3.04
CA CYS D 123 42.89 30.81 -3.38
C CYS D 123 43.62 29.56 -2.82
N LEU D 124 43.37 29.27 -1.54
N LEU D 124 43.33 29.25 -1.54
CA LEU D 124 44.00 28.11 -0.89
CA LEU D 124 43.96 28.14 -0.85
C LEU D 124 43.02 26.97 -0.68
C LEU D 124 43.02 26.97 -0.65
N VAL D 125 43.58 25.78 -0.61
CA VAL D 125 42.88 24.56 -0.62
C VAL D 125 43.69 23.64 0.24
N HIS D 126 43.06 22.77 1.02
N HIS D 126 43.07 22.83 1.07
CA HIS D 126 43.58 21.63 1.77
CA HIS D 126 43.94 22.05 1.89
C HIS D 126 44.67 20.89 0.96
C HIS D 126 44.77 21.17 0.99
N ASN D 127 45.89 20.77 1.48
CA ASN D 127 47.01 20.20 0.78
C ASN D 127 46.76 18.73 0.49
N GLY D 128 45.95 18.08 1.29
CA GLY D 128 45.54 16.75 1.00
C GLY D 128 44.67 16.60 -0.25
N PHE D 129 43.73 17.51 -0.37
CA PHE D 129 42.80 17.54 -1.52
C PHE D 129 43.56 17.92 -2.79
N ILE D 130 44.61 18.74 -2.65
CA ILE D 130 45.46 19.04 -3.82
C ILE D 130 46.11 17.75 -4.23
N GLN D 131 46.55 16.94 -3.27
CA GLN D 131 47.08 15.66 -3.62
C GLN D 131 46.04 14.79 -4.38
N SER D 132 44.77 14.77 -3.94
CA SER D 132 43.84 13.87 -4.63
CA SER D 132 43.83 13.87 -4.63
C SER D 132 43.65 14.36 -6.06
N TYR D 133 43.61 15.66 -6.20
CA TYR D 133 43.50 16.28 -7.57
C TYR D 133 44.77 15.96 -8.39
N ASN D 134 45.96 16.21 -7.85
CA ASN D 134 47.23 15.69 -8.50
C ASN D 134 47.34 14.23 -8.87
N ASN D 135 46.96 13.31 -7.97
CA ASN D 135 46.95 11.92 -8.25
C ASN D 135 45.96 11.65 -9.41
N THR D 136 44.84 12.39 -9.47
CA THR D 136 43.93 12.22 -10.63
C THR D 136 44.63 12.59 -11.94
N TYR D 137 45.10 13.80 -11.95
CA TYR D 137 45.75 14.36 -13.14
C TYR D 137 46.94 13.50 -13.60
N ASN D 138 47.83 13.10 -12.68
CA ASN D 138 48.90 12.11 -13.08
C ASN D 138 48.55 10.74 -13.60
N GLN D 139 47.35 10.23 -13.24
CA GLN D 139 47.02 8.96 -13.68
C GLN D 139 46.23 9.03 -14.96
N ILE D 140 45.52 10.15 -15.20
CA ILE D 140 44.55 10.20 -16.32
C ILE D 140 44.54 11.40 -17.24
N GLY D 141 45.19 12.50 -16.83
CA GLY D 141 45.21 13.70 -17.57
C GLY D 141 45.58 13.48 -19.05
N PRO D 142 46.68 12.76 -19.30
CA PRO D 142 47.17 12.58 -20.70
C PRO D 142 46.15 11.81 -21.58
N LYS D 143 45.60 10.73 -21.03
CA LYS D 143 44.59 10.00 -21.75
C LYS D 143 43.37 10.95 -21.95
N LEU D 144 43.00 11.69 -20.94
CA LEU D 144 41.80 12.59 -21.08
C LEU D 144 41.98 13.57 -22.21
N ASP D 145 43.17 14.20 -22.27
CA ASP D 145 43.43 15.11 -23.43
C ASP D 145 43.27 14.40 -24.75
N SER D 146 43.69 13.17 -24.83
CA SER D 146 43.55 12.40 -26.05
CA SER D 146 43.56 12.44 -26.06
C SER D 146 42.09 12.15 -26.40
N VAL D 147 41.30 11.80 -25.37
CA VAL D 147 39.88 11.57 -25.63
C VAL D 147 39.15 12.84 -26.01
N ILE D 148 39.51 13.97 -25.42
CA ILE D 148 38.87 15.25 -25.75
C ILE D 148 39.17 15.58 -27.25
N GLU D 149 40.39 15.27 -27.67
CA GLU D 149 40.71 15.42 -29.12
C GLU D 149 39.86 14.51 -30.02
N GLN D 150 39.56 13.30 -29.55
CA GLN D 150 38.78 12.37 -30.35
C GLN D 150 37.33 12.78 -30.50
N TYR D 151 36.80 13.39 -29.43
CA TYR D 151 35.40 13.75 -29.37
C TYR D 151 35.21 15.16 -28.96
N PRO D 152 35.56 16.10 -29.84
CA PRO D 152 35.63 17.49 -29.50
C PRO D 152 34.18 18.08 -29.33
N ASP D 153 33.18 17.36 -29.80
CA ASP D 153 31.80 17.81 -29.69
C ASP D 153 31.11 17.21 -28.46
N TYR D 154 31.81 16.37 -27.69
CA TYR D 154 31.13 15.79 -26.51
C TYR D 154 31.35 16.70 -25.30
N GLN D 155 30.34 16.79 -24.42
CA GLN D 155 30.49 17.57 -23.18
C GLN D 155 31.24 16.70 -22.14
N ILE D 156 32.22 17.31 -21.45
CA ILE D 156 32.99 16.63 -20.45
C ILE D 156 32.24 16.81 -19.10
N ALA D 157 32.03 15.69 -18.43
CA ALA D 157 31.38 15.70 -17.09
C ALA D 157 32.26 15.02 -16.08
N VAL D 158 32.53 15.73 -14.95
CA VAL D 158 33.33 15.13 -13.93
C VAL D 158 32.51 14.95 -12.69
N THR D 159 32.60 13.77 -12.07
CA THR D 159 31.73 13.51 -10.89
C THR D 159 32.48 12.65 -9.93
N GLY D 160 32.13 12.73 -8.65
CA GLY D 160 32.70 11.82 -7.70
C GLY D 160 32.01 11.95 -6.37
N HIS D 161 32.09 10.86 -5.60
CA HIS D 161 31.55 10.81 -4.25
C HIS D 161 32.72 10.93 -3.23
N SER D 162 32.46 11.68 -2.16
CA SER D 162 33.36 11.66 -0.95
C SER D 162 34.67 12.37 -1.39
N LEU D 163 35.79 11.73 -1.10
CA LEU D 163 37.09 12.29 -1.54
C LEU D 163 37.02 12.49 -3.05
N GLY D 164 36.34 11.56 -3.72
CA GLY D 164 36.17 11.70 -5.19
C GLY D 164 35.51 13.04 -5.59
N GLY D 165 34.58 13.52 -4.76
CA GLY D 165 33.89 14.73 -4.98
C GLY D 165 34.85 15.92 -4.90
N ALA D 166 35.73 15.84 -3.91
CA ALA D 166 36.73 16.91 -3.72
C ALA D 166 37.68 16.95 -4.95
N ALA D 167 38.13 15.80 -5.40
CA ALA D 167 39.02 15.66 -6.58
C ALA D 167 38.26 16.07 -7.83
N ALA D 168 36.97 15.73 -7.88
CA ALA D 168 36.13 16.22 -9.01
C ALA D 168 35.96 17.71 -9.15
N LEU D 169 35.71 18.42 -8.05
CA LEU D 169 35.56 19.83 -8.04
C LEU D 169 36.88 20.49 -8.53
N LEU D 170 38.00 19.95 -8.02
CA LEU D 170 39.32 20.61 -8.32
C LEU D 170 39.66 20.33 -9.79
N PHE D 171 39.33 19.13 -10.22
CA PHE D 171 39.58 18.74 -11.62
C PHE D 171 38.75 19.55 -12.52
N GLY D 172 37.48 19.74 -12.18
CA GLY D 172 36.64 20.55 -13.01
C GLY D 172 37.16 22.02 -13.09
N ILE D 173 37.69 22.53 -11.98
CA ILE D 173 38.24 23.84 -12.02
C ILE D 173 39.42 23.86 -12.98
N ASN D 174 40.31 22.87 -12.87
CA ASN D 174 41.46 22.71 -13.85
C ASN D 174 40.96 22.81 -15.29
N LEU D 175 39.95 21.99 -15.60
CA LEU D 175 39.42 21.97 -16.95
C LEU D 175 38.83 23.35 -17.35
N LYS D 176 38.12 23.99 -16.46
CA LYS D 176 37.48 25.25 -16.71
C LYS D 176 38.53 26.37 -16.99
N VAL D 177 39.57 26.47 -16.16
CA VAL D 177 40.63 27.50 -16.33
C VAL D 177 41.52 27.25 -17.53
N ASN D 178 41.45 26.05 -18.04
CA ASN D 178 42.31 25.59 -19.14
C ASN D 178 41.54 25.44 -20.44
N GLY D 179 40.43 26.10 -20.62
CA GLY D 179 39.86 26.14 -21.97
C GLY D 179 38.68 25.23 -22.26
N HIS D 180 38.26 24.48 -21.25
CA HIS D 180 37.23 23.50 -21.50
C HIS D 180 36.01 23.97 -20.68
N ASP D 181 34.89 23.33 -20.87
CA ASP D 181 33.62 23.87 -20.30
C ASP D 181 32.98 22.66 -19.60
N PRO D 182 33.57 22.16 -18.49
CA PRO D 182 33.10 20.91 -17.86
C PRO D 182 31.82 21.10 -17.06
N LEU D 183 31.00 20.05 -17.06
CA LEU D 183 29.95 19.89 -16.01
C LEU D 183 30.55 19.20 -14.78
N VAL D 184 30.27 19.69 -13.57
CA VAL D 184 30.87 19.16 -12.35
C VAL D 184 29.71 18.85 -11.39
N VAL D 185 29.58 17.58 -11.05
CA VAL D 185 28.54 17.17 -10.07
C VAL D 185 29.25 16.40 -8.98
N THR D 186 29.21 16.86 -7.74
CA THR D 186 29.90 16.12 -6.68
C THR D 186 28.82 15.63 -5.68
N LEU D 187 29.17 14.61 -4.95
CA LEU D 187 28.23 14.01 -3.99
C LEU D 187 28.95 13.78 -2.67
N GLY D 188 28.41 14.28 -1.58
CA GLY D 188 29.02 14.07 -0.22
C GLY D 188 30.42 14.71 -0.17
N GLN D 189 30.57 15.79 -0.87
CA GLN D 189 31.94 16.36 -0.99
C GLN D 189 32.30 17.21 0.25
N PRO D 190 33.45 16.91 0.88
CA PRO D 190 34.00 17.80 1.95
C PRO D 190 34.33 19.25 1.48
N ILE D 191 34.50 20.20 2.40
CA ILE D 191 34.90 21.52 2.07
C ILE D 191 36.38 21.45 1.67
N VAL D 192 36.70 22.16 0.60
CA VAL D 192 37.99 21.93 -0.06
C VAL D 192 38.94 23.09 0.28
N GLY D 193 38.41 24.30 0.37
CA GLY D 193 39.29 25.45 0.50
C GLY D 193 38.76 26.55 1.37
N ASN D 194 39.36 27.75 1.24
CA ASN D 194 39.02 28.87 2.06
C ASN D 194 38.02 29.84 1.42
N ALA D 195 37.75 30.98 2.06
CA ALA D 195 36.78 31.95 1.55
C ALA D 195 37.18 32.45 0.18
N GLY D 196 38.50 32.69 0.04
CA GLY D 196 39.05 33.14 -1.23
C GLY D 196 38.69 32.22 -2.39
N PHE D 197 39.06 30.97 -2.20
CA PHE D 197 38.82 29.89 -3.16
C PHE D 197 37.31 29.78 -3.44
N ALA D 198 36.50 29.75 -2.40
CA ALA D 198 35.04 29.56 -2.59
C ALA D 198 34.40 30.66 -3.43
N ASN D 199 34.75 31.93 -3.14
CA ASN D 199 34.19 33.05 -3.86
C ASN D 199 34.76 33.09 -5.27
N TRP D 200 35.97 32.62 -5.45
CA TRP D 200 36.55 32.58 -6.79
C TRP D 200 35.89 31.49 -7.63
N VAL D 201 35.67 30.33 -7.00
CA VAL D 201 34.87 29.26 -7.69
C VAL D 201 33.47 29.77 -8.08
N ASP D 202 32.76 30.49 -7.20
CA ASP D 202 31.48 31.04 -7.54
C ASP D 202 31.59 31.95 -8.72
N LYS D 203 32.59 32.84 -8.72
CA LYS D 203 32.71 33.69 -9.89
C LYS D 203 33.02 32.87 -11.14
N LEU D 204 33.85 31.86 -11.02
CA LEU D 204 34.25 31.02 -12.19
C LEU D 204 33.04 30.29 -12.80
N PHE D 205 32.26 29.61 -11.94
CA PHE D 205 31.11 28.77 -12.46
C PHE D 205 29.78 29.46 -12.59
N PHE D 206 29.52 30.46 -11.79
CA PHE D 206 28.21 31.13 -11.78
C PHE D 206 28.25 32.57 -12.26
N GLY D 207 29.46 33.12 -12.48
CA GLY D 207 29.59 34.46 -13.05
C GLY D 207 29.55 35.63 -12.05
N GLN D 208 29.28 35.34 -10.77
CA GLN D 208 29.21 36.38 -9.75
C GLN D 208 29.41 35.79 -8.35
N GLU D 209 29.70 36.67 -7.40
CA GLU D 209 29.60 36.28 -5.99
C GLU D 209 28.15 36.27 -5.59
N ASN D 210 27.82 35.47 -4.58
CA ASN D 210 26.45 35.40 -4.04
C ASN D 210 25.47 35.08 -5.14
N PRO D 211 25.81 34.09 -5.99
CA PRO D 211 24.97 33.76 -7.14
C PRO D 211 23.62 33.11 -6.75
N ASP D 212 22.61 33.38 -7.58
CA ASP D 212 21.32 32.74 -7.50
C ASP D 212 21.50 31.31 -8.01
N VAL D 213 21.41 30.36 -7.11
CA VAL D 213 21.65 28.94 -7.52
C VAL D 213 20.34 28.11 -7.26
N SER D 214 19.18 28.75 -7.45
CA SER D 214 17.88 28.12 -7.09
C SER D 214 17.41 27.17 -8.22
N LYS D 215 18.00 27.27 -9.41
CA LYS D 215 17.47 26.56 -10.65
C LYS D 215 18.46 25.56 -11.21
N VAL D 216 17.92 24.43 -11.69
CA VAL D 216 18.65 23.53 -12.56
C VAL D 216 18.46 24.00 -14.01
N SER D 217 19.51 23.98 -14.82
CA SER D 217 19.35 24.38 -16.24
C SER D 217 20.47 23.75 -16.99
N LYS D 218 20.28 23.70 -18.31
CA LYS D 218 21.27 23.08 -19.17
C LYS D 218 22.54 23.96 -19.19
N ASP D 219 22.42 25.24 -18.87
CA ASP D 219 23.60 26.12 -18.84
C ASP D 219 24.43 26.09 -17.59
N ARG D 220 23.87 25.56 -16.52
CA ARG D 220 24.53 25.57 -15.25
C ARG D 220 25.55 24.40 -15.19
N LYS D 221 26.75 24.67 -14.66
CA LYS D 221 27.81 23.68 -14.73
C LYS D 221 28.37 23.15 -13.41
N LEU D 222 27.76 23.50 -12.30
CA LEU D 222 28.29 23.04 -11.01
C LEU D 222 27.14 22.72 -10.04
N TYR D 223 27.19 21.54 -9.47
CA TYR D 223 26.20 21.13 -8.47
C TYR D 223 26.92 20.37 -7.38
N ARG D 224 26.67 20.69 -6.09
CA ARG D 224 27.25 19.88 -4.97
C ARG D 224 26.12 19.14 -4.27
N ILE D 225 25.99 17.84 -4.45
CA ILE D 225 24.83 17.14 -3.86
C ILE D 225 25.24 16.73 -2.43
N THR D 226 24.32 17.00 -1.51
CA THR D 226 24.53 16.71 -0.07
C THR D 226 23.30 15.97 0.46
N HIS D 227 23.43 15.30 1.60
CA HIS D 227 22.35 14.43 2.13
C HIS D 227 22.14 14.73 3.58
N ARG D 228 20.88 14.78 4.00
CA ARG D 228 20.54 15.02 5.40
CA ARG D 228 20.54 15.02 5.40
C ARG D 228 21.30 14.00 6.25
N GLY D 229 21.93 14.50 7.31
CA GLY D 229 22.73 13.64 8.22
C GLY D 229 24.16 13.24 7.82
N ASP D 230 24.60 13.57 6.61
CA ASP D 230 25.93 13.30 6.21
C ASP D 230 26.83 14.49 6.66
N ILE D 231 27.75 14.18 7.56
CA ILE D 231 28.70 15.18 8.11
C ILE D 231 29.83 15.51 7.18
N VAL D 232 30.02 14.68 6.15
CA VAL D 232 31.24 14.88 5.31
C VAL D 232 31.25 16.24 4.62
N PRO D 233 30.11 16.74 4.12
CA PRO D 233 30.08 18.06 3.48
C PRO D 233 30.25 19.17 4.53
N GLN D 234 30.33 18.81 5.81
CA GLN D 234 30.58 19.83 6.83
C GLN D 234 32.02 19.79 7.36
N VAL D 235 32.84 18.89 6.86
CA VAL D 235 34.22 18.77 7.41
C VAL D 235 35.19 19.19 6.27
N PRO D 236 36.40 19.67 6.60
CA PRO D 236 36.96 19.92 7.97
C PRO D 236 36.14 20.96 8.69
N PHE D 237 35.95 20.84 10.01
CA PHE D 237 35.07 21.82 10.69
C PHE D 237 35.80 23.14 11.13
N TRP D 238 37.11 23.10 10.99
CA TRP D 238 38.02 24.18 11.35
C TRP D 238 37.59 25.47 10.70
N ASP D 239 37.85 26.57 11.39
CA ASP D 239 37.57 27.88 10.78
C ASP D 239 38.61 28.10 9.63
N GLY D 240 38.25 28.93 8.64
CA GLY D 240 39.04 29.07 7.44
C GLY D 240 38.31 28.41 6.27
N TYR D 241 37.78 27.21 6.46
CA TYR D 241 37.15 26.40 5.34
C TYR D 241 35.74 26.89 5.03
N GLN D 242 35.38 27.04 3.75
CA GLN D 242 34.08 27.57 3.35
C GLN D 242 33.76 26.88 2.02
N HIS D 243 32.49 26.45 1.83
CA HIS D 243 32.08 25.95 0.53
C HIS D 243 31.86 26.99 -0.49
N CYS D 244 32.00 26.60 -1.74
CA CYS D 244 31.36 27.41 -2.80
C CYS D 244 29.85 27.16 -2.83
N SER D 245 29.15 27.94 -3.64
CA SER D 245 27.66 27.81 -3.77
C SER D 245 27.34 26.59 -4.62
N GLY D 246 26.08 26.22 -4.66
CA GLY D 246 25.69 25.21 -5.63
C GLY D 246 25.09 23.96 -4.99
N GLU D 247 24.67 24.06 -3.73
CA GLU D 247 24.25 22.85 -3.02
C GLU D 247 22.84 22.38 -3.45
N VAL D 248 22.73 21.06 -3.55
CA VAL D 248 21.49 20.37 -3.85
C VAL D 248 21.34 19.33 -2.73
N PHE D 249 20.30 19.45 -1.91
CA PHE D 249 20.20 18.71 -0.70
C PHE D 249 19.12 17.66 -0.78
N ILE D 250 19.51 16.44 -0.42
CA ILE D 250 18.54 15.37 -0.31
C ILE D 250 18.00 15.35 1.13
N ASP D 251 16.80 15.92 1.32
CA ASP D 251 16.21 16.03 2.69
C ASP D 251 15.38 14.78 2.96
N TRP D 252 16.05 13.65 3.16
CA TRP D 252 15.36 12.38 3.26
C TRP D 252 16.31 11.43 3.90
N PRO D 253 15.82 10.55 4.79
CA PRO D 253 16.80 9.68 5.44
C PRO D 253 17.37 8.54 4.65
N LEU D 254 16.81 8.23 3.48
CA LEU D 254 17.13 6.97 2.80
C LEU D 254 17.59 7.24 1.37
N ILE D 255 18.02 6.20 0.67
CA ILE D 255 18.18 6.28 -0.78
C ILE D 255 16.79 6.39 -1.44
N HIS D 256 16.76 6.64 -2.74
CA HIS D 256 15.52 6.78 -3.49
C HIS D 256 14.56 7.79 -2.85
N PRO D 257 15.03 9.00 -2.65
CA PRO D 257 14.11 9.98 -2.02
C PRO D 257 12.93 10.34 -2.93
N PRO D 258 11.81 10.74 -2.35
CA PRO D 258 10.72 11.31 -3.18
C PRO D 258 11.16 12.60 -3.88
N LEU D 259 10.52 12.88 -5.04
CA LEU D 259 10.89 14.05 -5.83
C LEU D 259 10.75 15.35 -4.97
N SER D 260 9.74 15.38 -4.09
CA SER D 260 9.55 16.59 -3.25
C SER D 260 10.69 16.88 -2.28
N ASN D 261 11.57 15.91 -2.05
CA ASN D 261 12.58 15.99 -0.98
C ASN D 261 14.01 16.24 -1.42
N VAL D 262 14.15 16.59 -2.69
CA VAL D 262 15.49 17.02 -3.16
C VAL D 262 15.32 18.49 -3.48
N VAL D 263 16.12 19.36 -2.86
CA VAL D 263 15.92 20.80 -3.03
C VAL D 263 17.21 21.53 -3.45
N MET D 264 17.07 22.62 -4.19
CA MET D 264 18.23 23.50 -4.52
C MET D 264 18.36 24.53 -3.39
N CYS D 265 19.56 24.62 -2.84
CA CYS D 265 19.75 25.51 -1.68
C CYS D 265 20.52 26.74 -2.14
N GLN D 266 20.06 27.91 -1.67
CA GLN D 266 20.87 29.13 -1.88
C GLN D 266 22.04 29.17 -0.92
N GLY D 267 23.14 29.84 -1.35
CA GLY D 267 24.20 30.14 -0.40
C GLY D 267 25.33 29.21 -0.20
N GLN D 268 26.37 29.69 0.50
CA GLN D 268 27.47 28.83 0.84
C GLN D 268 27.32 28.00 2.08
N SER D 269 26.30 28.33 2.90
CA SER D 269 25.96 27.58 4.09
C SER D 269 24.46 27.84 4.22
N ASN D 270 23.69 26.80 4.53
CA ASN D 270 22.23 26.98 4.50
C ASN D 270 21.64 26.00 5.54
N LYS D 271 21.00 26.57 6.60
CA LYS D 271 20.52 25.77 7.70
C LYS D 271 19.31 24.88 7.35
N GLN D 272 18.73 25.12 6.16
CA GLN D 272 17.70 24.17 5.71
C GLN D 272 18.34 22.97 5.06
N CYS D 273 19.61 23.12 4.73
CA CYS D 273 20.37 22.03 4.07
C CYS D 273 21.48 21.44 4.95
N SER D 274 22.67 21.15 4.42
CA SER D 274 23.73 20.39 5.13
CA SER D 274 23.63 20.33 5.18
C SER D 274 24.10 21.08 6.44
N ALA D 275 24.12 22.38 6.39
CA ALA D 275 24.64 23.12 7.56
C ALA D 275 23.69 22.99 8.73
N GLY D 276 22.44 22.67 8.39
CA GLY D 276 21.42 22.41 9.42
C GLY D 276 21.41 21.03 10.04
N ASN D 277 22.29 20.11 9.64
CA ASN D 277 22.30 18.75 10.21
C ASN D 277 22.41 18.82 11.74
N THR D 278 21.50 18.14 12.44
CA THR D 278 21.53 18.13 13.94
C THR D 278 22.38 16.96 14.40
N LEU D 279 22.76 17.00 15.69
CA LEU D 279 23.57 15.92 16.30
C LEU D 279 22.95 14.54 16.12
N LEU D 280 21.65 14.40 16.39
CA LEU D 280 20.96 13.13 16.19
C LEU D 280 21.02 12.63 14.73
N GLN D 281 20.77 13.52 13.78
CA GLN D 281 20.77 13.18 12.34
C GLN D 281 22.14 12.69 11.89
N GLN D 282 23.19 13.37 12.34
CA GLN D 282 24.52 13.03 11.90
C GLN D 282 25.11 11.86 12.68
N VAL D 283 24.28 11.19 13.51
CA VAL D 283 24.69 9.90 14.03
C VAL D 283 24.51 8.91 12.88
N ASN D 284 25.46 8.08 12.72
CA ASN D 284 25.52 7.17 11.67
C ASN D 284 26.27 7.77 10.49
N VAL D 285 27.48 8.12 10.79
CA VAL D 285 28.31 8.84 9.88
C VAL D 285 28.48 8.14 8.57
N ILE D 286 28.98 6.94 8.59
CA ILE D 286 29.19 6.25 7.37
C ILE D 286 27.90 5.98 6.65
N GLY D 287 26.92 5.42 7.31
CA GLY D 287 25.74 5.06 6.56
C GLY D 287 25.09 6.28 5.92
N ASN D 288 25.03 7.41 6.62
CA ASN D 288 24.38 8.61 6.06
C ASN D 288 25.16 9.16 4.83
N HIS D 289 26.46 8.91 4.88
CA HIS D 289 27.33 9.32 3.73
C HIS D 289 27.16 8.45 2.51
N LEU D 290 26.50 7.29 2.62
CA LEU D 290 26.37 6.41 1.45
C LEU D 290 25.08 6.73 0.68
N GLN D 291 24.13 7.42 1.30
CA GLN D 291 22.72 7.42 0.82
C GLN D 291 22.53 8.64 -0.10
N TYR D 292 22.91 8.49 -1.38
CA TYR D 292 22.80 9.59 -2.38
C TYR D 292 22.06 9.06 -3.62
N PHE D 293 20.74 9.00 -3.52
CA PHE D 293 19.86 8.38 -4.54
C PHE D 293 20.00 6.85 -4.60
N VAL D 294 21.21 6.40 -4.91
CA VAL D 294 21.64 5.00 -4.79
C VAL D 294 22.63 4.87 -3.60
N THR D 295 22.94 3.65 -3.17
CA THR D 295 23.89 3.49 -2.08
C THR D 295 25.26 3.62 -2.75
N GLU D 296 26.07 4.51 -2.20
CA GLU D 296 27.45 4.74 -2.72
C GLU D 296 28.44 3.91 -1.90
N GLY D 297 29.58 3.57 -2.50
CA GLY D 297 30.66 3.00 -1.70
C GLY D 297 30.87 1.52 -1.92
N VAL D 298 29.92 0.80 -2.53
CA VAL D 298 30.08 -0.64 -2.73
C VAL D 298 29.69 -1.01 -4.12
N CYS D 299 30.60 -1.63 -4.87
CA CYS D 299 30.29 -2.10 -6.19
C CYS D 299 29.27 -3.22 -6.07
N GLY D 300 28.24 -3.11 -6.88
CA GLY D 300 27.38 -4.26 -7.12
C GLY D 300 25.99 -3.95 -6.71
N ILE D 301 25.82 -2.87 -5.92
CA ILE D 301 24.46 -2.44 -5.55
C ILE D 301 24.13 -1.02 -6.03
N VAL E 1 -25.44 21.39 -15.24
CA VAL E 1 -26.36 21.95 -16.25
C VAL E 1 -25.73 22.42 -17.55
N TYR E 2 -24.54 23.00 -17.52
N TYR E 2 -24.49 23.08 -17.53
CA TYR E 2 -23.69 22.94 -18.64
CA TYR E 2 -23.60 22.96 -18.66
C TYR E 2 -23.06 21.54 -18.55
C TYR E 2 -23.03 21.54 -18.55
N THR E 3 -23.38 20.67 -19.49
CA THR E 3 -22.95 19.27 -19.38
C THR E 3 -22.02 18.97 -20.49
N SER E 4 -21.16 17.90 -20.32
CA SER E 4 -20.28 17.50 -21.36
C SER E 4 -20.03 16.02 -21.10
N THR E 5 -19.46 15.36 -22.09
CA THR E 5 -18.74 14.10 -21.81
C THR E 5 -17.30 14.15 -22.30
N GLU E 6 -16.76 15.34 -22.56
CA GLU E 6 -15.37 15.50 -22.97
CA GLU E 6 -15.37 15.44 -22.99
C GLU E 6 -14.47 15.37 -21.74
N THR E 7 -13.44 14.57 -21.84
CA THR E 7 -12.41 14.61 -20.76
C THR E 7 -11.03 14.68 -21.49
N SER E 8 -9.94 14.99 -20.73
CA SER E 8 -8.60 15.07 -21.29
C SER E 8 -7.59 14.49 -20.32
N HIS E 9 -6.56 13.87 -20.84
CA HIS E 9 -5.51 13.34 -19.97
C HIS E 9 -4.57 14.46 -19.43
N ILE E 10 -3.74 14.13 -18.45
CA ILE E 10 -2.80 15.07 -17.89
C ILE E 10 -1.35 14.50 -17.92
N ASP E 11 -0.40 15.43 -17.75
CA ASP E 11 0.97 14.95 -17.61
C ASP E 11 1.37 14.74 -16.16
N GLN E 12 2.54 14.18 -16.01
CA GLN E 12 3.04 13.79 -14.66
C GLN E 12 3.21 14.98 -13.77
N GLU E 13 3.69 16.11 -14.31
CA GLU E 13 3.89 17.30 -13.48
C GLU E 13 2.51 17.75 -12.91
N SER E 14 1.46 17.58 -13.72
CA SER E 14 0.13 17.93 -13.22
C SER E 14 -0.36 17.00 -12.18
N TYR E 15 -0.11 15.72 -12.42
CA TYR E 15 -0.49 14.72 -11.42
C TYR E 15 0.21 14.98 -10.08
N ASN E 16 1.50 15.31 -10.15
CA ASN E 16 2.23 15.59 -8.88
C ASN E 16 1.66 16.77 -8.13
N PHE E 17 1.18 17.75 -8.89
CA PHE E 17 0.48 18.88 -8.36
C PHE E 17 -0.78 18.52 -7.64
N PHE E 18 -1.68 17.75 -8.25
CA PHE E 18 -2.89 17.31 -7.51
C PHE E 18 -2.54 16.47 -6.27
N GLU E 19 -1.53 15.58 -6.39
CA GLU E 19 -1.15 14.76 -5.25
C GLU E 19 -0.66 15.64 -4.10
N LYS E 20 0.12 16.68 -4.38
CA LYS E 20 0.62 17.57 -3.36
C LYS E 20 -0.55 18.10 -2.49
N TYR E 21 -1.61 18.60 -3.12
CA TYR E 21 -2.79 19.15 -2.33
C TYR E 21 -3.53 18.07 -1.64
N ALA E 22 -3.50 16.86 -2.23
CA ALA E 22 -4.13 15.76 -1.49
C ALA E 22 -3.39 15.49 -0.21
N ARG E 23 -2.04 15.58 -0.27
CA ARG E 23 -1.28 15.45 0.98
C ARG E 23 -1.59 16.57 1.99
N LEU E 24 -1.59 17.79 1.51
CA LEU E 24 -1.78 18.92 2.45
C LEU E 24 -3.16 18.79 3.06
N ALA E 25 -4.15 18.40 2.27
CA ALA E 25 -5.50 18.18 2.87
C ALA E 25 -5.51 17.11 3.94
N ASN E 26 -4.79 16.01 3.68
CA ASN E 26 -4.67 14.92 4.62
C ASN E 26 -4.08 15.38 5.93
N ILE E 27 -3.13 16.27 5.86
CA ILE E 27 -2.48 16.78 7.07
C ILE E 27 -3.50 17.52 7.92
N GLY E 28 -4.54 18.02 7.29
CA GLY E 28 -5.63 18.66 8.11
C GLY E 28 -6.24 17.74 9.14
N TYR E 29 -6.13 16.45 8.92
CA TYR E 29 -6.64 15.50 9.86
C TYR E 29 -5.69 15.26 11.03
N CYS E 30 -4.55 15.92 10.98
CA CYS E 30 -3.54 15.88 12.08
C CYS E 30 -3.78 17.07 13.02
N VAL E 31 -4.85 17.80 12.76
CA VAL E 31 -5.25 18.89 13.64
C VAL E 31 -6.35 18.37 14.57
N GLY E 32 -6.14 18.61 15.86
CA GLY E 32 -7.26 18.34 16.81
C GLY E 32 -6.78 17.42 17.94
N PRO E 33 -7.72 17.07 18.81
CA PRO E 33 -7.37 16.31 19.98
C PRO E 33 -6.91 14.92 19.53
N GLY E 34 -5.88 14.42 20.17
CA GLY E 34 -5.34 13.11 19.87
C GLY E 34 -4.44 13.02 18.69
N THR E 35 -4.24 14.16 18.00
N THR E 35 -4.07 14.17 18.13
CA THR E 35 -3.34 14.25 16.86
CA THR E 35 -3.08 14.09 17.12
C THR E 35 -2.45 15.49 17.02
C THR E 35 -2.29 15.39 17.19
N LYS E 36 -1.34 15.54 16.29
CA LYS E 36 -0.33 16.61 16.39
C LYS E 36 0.31 16.95 15.07
N ILE E 37 0.48 18.24 14.85
CA ILE E 37 1.50 18.73 13.92
C ILE E 37 2.54 19.42 14.76
N PHE E 38 3.70 18.80 14.85
CA PHE E 38 4.77 19.42 15.67
C PHE E 38 5.49 20.45 14.81
N LYS E 39 5.97 21.50 15.44
CA LYS E 39 6.79 22.46 14.70
C LYS E 39 8.11 21.86 14.27
N PRO E 40 8.67 22.33 13.14
CA PRO E 40 8.06 23.30 12.23
C PRO E 40 6.92 22.72 11.39
N PHE E 41 7.02 21.51 10.88
CA PHE E 41 5.89 20.94 10.14
C PHE E 41 6.08 19.42 10.05
N ASN E 42 5.83 18.77 11.17
CA ASN E 42 6.20 17.34 11.36
C ASN E 42 4.99 16.56 11.87
N CYS E 43 4.66 15.48 11.18
CA CYS E 43 3.47 14.72 11.53
C CYS E 43 3.52 13.36 10.87
N GLY E 44 4.74 12.89 10.65
CA GLY E 44 4.97 11.61 9.98
C GLY E 44 5.07 11.73 8.47
N LEU E 45 4.57 10.69 7.79
CA LEU E 45 4.92 10.52 6.40
C LEU E 45 4.41 11.65 5.53
N GLN E 46 3.23 12.20 5.76
CA GLN E 46 2.76 13.19 4.75
C GLN E 46 3.48 14.58 4.91
N CYS E 47 3.68 15.03 6.16
CA CYS E 47 4.38 16.32 6.32
C CYS E 47 5.85 16.22 5.89
N ALA E 48 6.41 14.99 5.87
CA ALA E 48 7.83 14.81 5.48
C ALA E 48 8.06 15.23 4.03
N HIS E 49 6.98 15.30 3.23
CA HIS E 49 7.15 15.78 1.81
C HIS E 49 7.24 17.29 1.61
N PHE E 50 7.33 18.02 2.71
CA PHE E 50 7.22 19.46 2.71
C PHE E 50 8.36 20.16 3.43
N PRO E 51 9.54 20.11 2.84
CA PRO E 51 10.68 20.85 3.45
C PRO E 51 10.45 22.37 3.39
N ASN E 52 11.01 23.06 4.39
CA ASN E 52 10.95 24.52 4.43
C ASN E 52 9.53 25.03 4.61
N VAL E 53 8.69 24.22 5.26
CA VAL E 53 7.34 24.66 5.62
C VAL E 53 7.30 24.94 7.12
N GLU E 54 6.68 26.08 7.48
CA GLU E 54 6.44 26.34 8.91
C GLU E 54 4.97 26.40 9.17
N LEU E 55 4.51 25.73 10.22
CA LEU E 55 3.14 25.83 10.67
C LEU E 55 2.99 27.14 11.41
N ILE E 56 2.01 27.93 11.01
CA ILE E 56 1.73 29.23 11.70
C ILE E 56 0.73 29.05 12.84
N GLU E 57 -0.40 28.39 12.58
N GLU E 57 -0.37 28.34 12.63
CA GLU E 57 -1.53 28.31 13.53
CA GLU E 57 -1.40 28.23 13.66
C GLU E 57 -2.31 27.06 13.19
C GLU E 57 -2.35 27.15 13.22
N GLU E 58 -2.86 26.38 14.18
CA GLU E 58 -3.89 25.35 13.91
C GLU E 58 -5.16 25.93 14.50
N PHE E 59 -6.32 25.47 14.03
CA PHE E 59 -7.58 25.88 14.68
C PHE E 59 -8.51 24.70 14.72
N HIS E 60 -9.38 24.61 15.70
CA HIS E 60 -10.31 23.47 15.83
C HIS E 60 -11.55 23.99 16.59
N ASP E 61 -12.74 23.79 16.00
CA ASP E 61 -14.02 24.09 16.74
C ASP E 61 -14.92 22.89 16.58
N PRO E 62 -15.34 22.29 17.70
CA PRO E 62 -16.25 21.14 17.60
C PRO E 62 -17.69 21.43 18.00
N ARG E 63 -18.03 22.70 18.09
CA ARG E 63 -19.37 23.03 18.69
C ARG E 63 -20.56 22.54 17.86
N LEU E 64 -20.55 22.82 16.56
CA LEU E 64 -21.66 22.49 15.64
C LEU E 64 -21.23 21.52 14.54
N ILE E 65 -22.21 20.80 13.99
CA ILE E 65 -21.84 19.67 13.06
C ILE E 65 -21.11 20.18 11.81
N PHE E 66 -21.37 21.43 11.42
CA PHE E 66 -20.70 22.07 10.30
C PHE E 66 -19.46 22.84 10.68
N ASP E 67 -18.97 22.72 11.89
CA ASP E 67 -17.78 23.48 12.23
C ASP E 67 -16.50 22.81 11.71
N VAL E 68 -15.41 23.58 11.75
CA VAL E 68 -14.16 23.19 11.04
C VAL E 68 -12.94 23.20 11.92
N SER E 69 -11.90 22.51 11.43
CA SER E 69 -10.59 22.56 12.03
C SER E 69 -9.60 22.67 10.80
N GLY E 70 -8.39 22.96 11.08
CA GLY E 70 -7.41 23.04 9.97
C GLY E 70 -6.18 23.79 10.41
N TYR E 71 -5.37 24.21 9.42
CA TYR E 71 -4.13 24.93 9.78
C TYR E 71 -3.73 25.92 8.69
N LEU E 72 -2.85 26.83 9.09
CA LEU E 72 -2.26 27.85 8.22
C LEU E 72 -0.76 27.63 8.30
N ALA E 73 -0.13 27.45 7.13
CA ALA E 73 1.27 27.25 7.11
C ALA E 73 1.89 28.12 6.00
N VAL E 74 3.21 28.28 6.04
CA VAL E 74 3.89 29.01 4.97
C VAL E 74 4.99 28.12 4.38
N ASP E 75 4.98 27.98 3.06
CA ASP E 75 5.97 27.07 2.42
C ASP E 75 7.01 27.98 1.77
N HIS E 76 8.20 28.06 2.37
CA HIS E 76 9.25 28.95 1.82
C HIS E 76 9.93 28.34 0.58
N ALA E 77 9.75 27.01 0.39
CA ALA E 77 10.38 26.38 -0.82
C ALA E 77 9.55 26.62 -2.06
N SER E 78 8.23 26.61 -1.95
CA SER E 78 7.36 26.85 -3.10
C SER E 78 6.85 28.34 -3.16
N LYS E 79 7.17 29.07 -2.07
CA LYS E 79 6.69 30.48 -1.92
C LYS E 79 5.21 30.58 -1.93
N GLN E 80 4.59 29.80 -1.04
CA GLN E 80 3.17 29.77 -0.90
C GLN E 80 2.69 29.88 0.56
N ILE E 81 1.44 30.33 0.78
CA ILE E 81 0.77 30.21 2.08
C ILE E 81 -0.32 29.23 1.90
N TYR E 82 -0.43 28.26 2.81
CA TYR E 82 -1.47 27.23 2.67
C TYR E 82 -2.48 27.48 3.75
N LEU E 83 -3.74 27.47 3.38
CA LEU E 83 -4.82 27.36 4.38
C LEU E 83 -5.51 26.03 4.04
N VAL E 84 -5.59 25.14 5.05
CA VAL E 84 -6.12 23.82 4.86
C VAL E 84 -7.28 23.64 5.83
N ILE E 85 -8.38 23.08 5.35
CA ILE E 85 -9.57 23.01 6.20
C ILE E 85 -10.15 21.58 6.17
N ARG E 86 -10.78 21.15 7.26
CA ARG E 86 -11.59 19.94 7.22
C ARG E 86 -12.74 20.09 8.22
N GLY E 87 -13.72 19.19 8.10
CA GLY E 87 -14.79 19.26 9.11
C GLY E 87 -14.26 18.70 10.42
N THR E 88 -14.69 19.26 11.55
CA THR E 88 -14.22 18.81 12.86
C THR E 88 -14.82 17.45 13.17
N HIS E 89 -16.13 17.33 12.96
CA HIS E 89 -16.79 16.06 13.32
C HIS E 89 -16.48 14.89 12.41
N SER E 90 -16.71 13.68 12.89
CA SER E 90 -16.49 12.49 12.06
C SER E 90 -17.12 12.58 10.64
N LEU E 91 -16.37 12.09 9.63
CA LEU E 91 -16.87 12.12 8.27
C LEU E 91 -18.20 11.48 8.20
N GLU E 92 -18.38 10.35 8.85
CA GLU E 92 -19.69 9.71 8.70
C GLU E 92 -20.85 10.59 9.20
N ASP E 93 -20.68 11.21 10.36
CA ASP E 93 -21.71 12.08 10.88
C ASP E 93 -21.97 13.30 9.98
N VAL E 94 -20.89 13.91 9.44
CA VAL E 94 -21.10 15.10 8.68
C VAL E 94 -21.75 14.75 7.34
N ILE E 95 -21.27 13.67 6.69
CA ILE E 95 -21.92 13.34 5.39
C ILE E 95 -23.38 12.90 5.59
N THR E 96 -23.67 12.17 6.67
CA THR E 96 -25.09 11.76 6.89
C THR E 96 -25.91 13.03 6.96
N ASP E 97 -25.47 13.96 7.77
CA ASP E 97 -26.16 15.26 7.89
C ASP E 97 -26.39 15.98 6.56
N ILE E 98 -25.36 16.05 5.71
CA ILE E 98 -25.46 16.69 4.42
C ILE E 98 -26.49 16.02 3.48
N ARG E 99 -26.58 14.69 3.55
CA ARG E 99 -27.50 13.90 2.69
C ARG E 99 -28.95 13.85 3.11
N ILE E 100 -29.21 13.85 4.42
CA ILE E 100 -30.60 13.65 4.87
C ILE E 100 -31.21 14.88 5.48
N MET E 101 -30.40 15.89 5.77
CA MET E 101 -30.98 17.14 6.20
C MET E 101 -31.18 17.94 4.93
N GLN E 102 -32.25 18.72 4.90
CA GLN E 102 -32.54 19.57 3.75
C GLN E 102 -32.16 20.99 4.16
N ALA E 103 -31.09 21.54 3.58
CA ALA E 103 -30.66 22.89 3.94
C ALA E 103 -31.19 23.92 2.96
N PRO E 104 -31.70 25.05 3.49
CA PRO E 104 -32.08 26.17 2.64
C PRO E 104 -30.84 26.91 2.05
N LEU E 105 -30.99 27.39 0.84
CA LEU E 105 -30.02 28.22 0.23
C LEU E 105 -30.17 29.66 0.72
N THR E 106 -29.07 30.26 1.12
CA THR E 106 -29.05 31.68 1.47
C THR E 106 -28.03 32.44 0.68
N ASN E 107 -28.14 33.76 0.62
CA ASN E 107 -27.22 34.54 -0.22
C ASN E 107 -25.83 34.58 0.41
N PHE E 108 -24.79 34.28 -0.39
CA PHE E 108 -23.43 34.26 0.11
C PHE E 108 -22.98 35.62 0.67
N ASP E 109 -23.63 36.70 0.22
CA ASP E 109 -23.31 38.04 0.74
C ASP E 109 -23.62 38.26 2.24
N LEU E 110 -24.28 37.30 2.85
CA LEU E 110 -24.48 37.26 4.30
C LEU E 110 -23.31 36.66 5.03
N ALA E 111 -22.31 36.21 4.25
CA ALA E 111 -21.18 35.50 4.88
C ALA E 111 -20.19 36.53 5.35
N ALA E 112 -19.37 36.14 6.32
CA ALA E 112 -18.31 37.00 6.82
C ALA E 112 -17.43 37.58 5.73
N ASN E 113 -17.13 38.88 5.86
CA ASN E 113 -16.19 39.51 4.90
C ASN E 113 -16.68 39.69 3.47
N ILE E 114 -17.93 39.33 3.18
CA ILE E 114 -18.44 39.42 1.80
C ILE E 114 -19.32 40.70 1.70
N SER E 115 -18.92 41.69 0.92
CA SER E 115 -19.69 42.94 0.93
C SER E 115 -20.93 42.79 0.04
N SER E 116 -21.90 43.64 0.34
CA SER E 116 -23.21 43.61 -0.29
C SER E 116 -23.21 43.51 -1.84
N THR E 117 -22.17 44.07 -2.49
CA THR E 117 -22.06 44.10 -3.95
C THR E 117 -21.10 43.08 -4.58
N ALA E 118 -20.57 42.17 -3.77
CA ALA E 118 -19.50 41.30 -4.23
C ALA E 118 -20.08 40.17 -5.06
N THR E 119 -21.31 39.79 -4.72
CA THR E 119 -21.97 38.62 -5.32
C THR E 119 -23.12 39.01 -6.26
N CYS E 120 -23.61 38.01 -6.99
CA CYS E 120 -24.81 38.20 -7.81
C CYS E 120 -26.03 38.12 -6.90
N ASP E 121 -27.16 38.65 -7.37
CA ASP E 121 -28.45 38.64 -6.61
C ASP E 121 -28.90 37.22 -6.27
N ASP E 122 -28.65 36.29 -7.19
CA ASP E 122 -29.10 34.92 -7.03
C ASP E 122 -27.97 33.97 -6.62
N CYS E 123 -26.98 34.49 -5.90
CA CYS E 123 -25.79 33.70 -5.55
CA CYS E 123 -25.81 33.68 -5.57
C CYS E 123 -26.07 33.01 -4.23
N LEU E 124 -26.78 31.87 -4.32
CA LEU E 124 -27.25 31.22 -3.12
C LEU E 124 -26.46 29.94 -2.69
N VAL E 125 -26.26 29.74 -1.39
CA VAL E 125 -25.37 28.64 -0.92
C VAL E 125 -25.99 27.92 0.27
N HIS E 126 -25.74 26.60 0.39
CA HIS E 126 -26.25 25.79 1.48
C HIS E 126 -25.93 26.52 2.74
N ASN E 127 -26.91 26.77 3.60
CA ASN E 127 -26.66 27.54 4.81
C ASN E 127 -25.66 26.90 5.80
N GLY E 128 -25.65 25.56 5.88
CA GLY E 128 -24.65 24.79 6.63
C GLY E 128 -23.20 25.15 6.10
N PHE E 129 -23.00 25.16 4.79
CA PHE E 129 -21.66 25.42 4.24
C PHE E 129 -21.27 26.85 4.46
N ILE E 130 -22.25 27.79 4.46
CA ILE E 130 -21.92 29.14 4.85
C ILE E 130 -21.37 29.17 6.27
N GLN E 131 -22.00 28.43 7.17
CA GLN E 131 -21.52 28.28 8.55
C GLN E 131 -20.09 27.73 8.58
N SER E 132 -19.79 26.66 7.81
CA SER E 132 -18.39 26.10 7.76
CA SER E 132 -18.39 26.11 7.79
C SER E 132 -17.40 27.18 7.31
N TYR E 133 -17.74 27.93 6.26
CA TYR E 133 -16.92 29.04 5.80
C TYR E 133 -16.81 30.12 6.92
N ASN E 134 -17.94 30.48 7.53
CA ASN E 134 -17.86 31.46 8.60
C ASN E 134 -17.00 31.03 9.76
N ASN E 135 -17.07 29.74 10.10
CA ASN E 135 -16.29 29.19 11.23
C ASN E 135 -14.76 29.20 10.81
N THR E 136 -14.46 29.08 9.51
CA THR E 136 -13.06 29.19 9.07
C THR E 136 -12.59 30.63 9.28
N TYR E 137 -13.37 31.55 8.71
CA TYR E 137 -12.97 32.94 8.73
C TYR E 137 -12.84 33.44 10.18
N ASN E 138 -13.77 33.07 11.06
CA ASN E 138 -13.72 33.53 12.48
C ASN E 138 -12.55 32.96 13.28
N GLN E 139 -12.08 31.76 12.90
CA GLN E 139 -10.96 31.16 13.58
C GLN E 139 -9.58 31.53 13.00
N ILE E 140 -9.51 31.90 11.73
CA ILE E 140 -8.19 32.12 11.12
C ILE E 140 -8.06 33.33 10.23
N GLY E 141 -9.16 34.04 9.91
CA GLY E 141 -9.07 35.11 8.93
C GLY E 141 -8.12 36.21 9.42
N PRO E 142 -8.20 36.65 10.72
CA PRO E 142 -7.28 37.71 11.18
C PRO E 142 -5.80 37.30 11.05
N LYS E 143 -5.49 36.06 11.45
CA LYS E 143 -4.10 35.58 11.33
C LYS E 143 -3.66 35.50 9.90
N LEU E 144 -4.57 35.04 9.05
CA LEU E 144 -4.22 35.03 7.62
C LEU E 144 -3.88 36.37 7.05
N ASP E 145 -4.66 37.43 7.37
CA ASP E 145 -4.28 38.69 6.82
C ASP E 145 -2.91 39.16 7.32
N SER E 146 -2.57 38.77 8.53
N SER E 146 -2.52 38.80 8.55
CA SER E 146 -1.27 39.08 9.06
CA SER E 146 -1.18 39.16 8.98
C SER E 146 -0.17 38.36 8.28
C SER E 146 -0.13 38.37 8.22
N VAL E 147 -0.44 37.09 7.93
CA VAL E 147 0.57 36.29 7.15
C VAL E 147 0.70 36.83 5.69
N ILE E 148 -0.41 37.18 5.11
CA ILE E 148 -0.40 37.73 3.77
C ILE E 148 0.48 39.02 3.75
N GLU E 149 0.32 39.88 4.76
CA GLU E 149 1.07 41.11 4.84
C GLU E 149 2.57 40.82 4.99
N GLN E 150 2.93 39.71 5.67
CA GLN E 150 4.33 39.33 5.85
C GLN E 150 4.98 38.80 4.58
N TYR E 151 4.14 38.16 3.76
CA TYR E 151 4.62 37.49 2.53
C TYR E 151 3.70 37.84 1.36
N PRO E 152 3.78 39.10 0.91
CA PRO E 152 2.81 39.61 -0.05
C PRO E 152 3.09 39.00 -1.45
N ASP E 153 4.28 38.44 -1.65
CA ASP E 153 4.64 37.84 -2.92
CA ASP E 153 4.47 37.82 -3.01
C ASP E 153 4.31 36.35 -3.01
N TYR E 154 3.97 35.73 -1.89
CA TYR E 154 3.65 34.27 -1.91
C TYR E 154 2.24 34.06 -2.40
N GLN E 155 2.08 32.96 -3.12
CA GLN E 155 0.77 32.62 -3.63
C GLN E 155 -0.05 31.97 -2.51
N ILE E 156 -1.26 32.44 -2.27
CA ILE E 156 -2.16 31.81 -1.32
C ILE E 156 -2.84 30.60 -1.94
N ALA E 157 -2.78 29.44 -1.28
CA ALA E 157 -3.53 28.27 -1.83
C ALA E 157 -4.46 27.75 -0.74
N VAL E 158 -5.71 27.44 -1.02
CA VAL E 158 -6.58 26.97 -0.02
C VAL E 158 -7.03 25.59 -0.47
N THR E 159 -7.00 24.64 0.43
CA THR E 159 -7.41 23.30 0.02
C THR E 159 -8.19 22.64 1.11
N GLY E 160 -8.96 21.59 0.81
CA GLY E 160 -9.57 20.80 1.89
C GLY E 160 -10.32 19.64 1.29
N HIS E 161 -10.51 18.62 2.12
CA HIS E 161 -11.23 17.43 1.70
C HIS E 161 -12.64 17.46 2.36
N SER E 162 -13.65 16.99 1.63
CA SER E 162 -15.01 16.74 2.20
C SER E 162 -15.62 18.10 2.60
N LEU E 163 -16.14 18.20 3.84
CA LEU E 163 -16.67 19.50 4.30
C LEU E 163 -15.57 20.60 4.15
N GLY E 164 -14.31 20.23 4.36
CA GLY E 164 -13.20 21.19 4.22
C GLY E 164 -13.09 21.67 2.79
N GLY E 165 -13.44 20.86 1.81
CA GLY E 165 -13.55 21.31 0.42
C GLY E 165 -14.59 22.35 0.15
N ALA E 166 -15.78 22.15 0.71
CA ALA E 166 -16.83 23.18 0.60
C ALA E 166 -16.32 24.47 1.28
N ALA E 167 -15.78 24.38 2.50
CA ALA E 167 -15.20 25.58 3.19
C ALA E 167 -14.10 26.22 2.36
N ALA E 168 -13.21 25.40 1.76
CA ALA E 168 -12.17 25.94 0.97
C ALA E 168 -12.63 26.69 -0.28
N LEU E 169 -13.61 26.13 -0.98
CA LEU E 169 -14.11 26.83 -2.15
C LEU E 169 -14.71 28.22 -1.73
N LEU E 170 -15.57 28.17 -0.71
CA LEU E 170 -16.12 29.45 -0.22
C LEU E 170 -15.01 30.43 0.28
N PHE E 171 -14.02 29.95 0.99
CA PHE E 171 -12.96 30.81 1.46
C PHE E 171 -12.17 31.34 0.30
N GLY E 172 -11.95 30.50 -0.75
CA GLY E 172 -11.23 30.94 -1.93
C GLY E 172 -12.00 32.08 -2.62
N ILE E 173 -13.31 31.93 -2.69
CA ILE E 173 -14.15 32.96 -3.28
C ILE E 173 -14.07 34.27 -2.49
N ASN E 174 -14.12 34.18 -1.16
CA ASN E 174 -13.98 35.34 -0.26
C ASN E 174 -12.68 36.06 -0.55
N LEU E 175 -11.58 35.27 -0.66
CA LEU E 175 -10.32 35.88 -1.02
C LEU E 175 -10.23 36.58 -2.41
N LYS E 176 -10.81 35.99 -3.42
CA LYS E 176 -10.86 36.43 -4.73
CA LYS E 176 -10.75 36.49 -4.68
C LYS E 176 -11.69 37.75 -4.76
N VAL E 177 -12.89 37.81 -4.24
CA VAL E 177 -13.66 39.01 -4.38
C VAL E 177 -13.09 40.12 -3.56
N ASN E 178 -12.28 39.74 -2.58
CA ASN E 178 -11.62 40.70 -1.71
C ASN E 178 -10.19 41.04 -2.11
N GLY E 179 -9.90 40.93 -3.38
CA GLY E 179 -8.69 41.47 -3.91
C GLY E 179 -7.45 40.61 -3.90
N HIS E 180 -7.57 39.34 -3.54
CA HIS E 180 -6.44 38.39 -3.62
C HIS E 180 -6.61 37.43 -4.82
N ASP E 181 -5.58 36.62 -5.07
CA ASP E 181 -5.65 35.77 -6.29
C ASP E 181 -5.31 34.31 -5.84
N PRO E 182 -6.16 33.74 -5.04
CA PRO E 182 -5.82 32.41 -4.54
C PRO E 182 -5.95 31.25 -5.52
N LEU E 183 -5.17 30.21 -5.26
CA LEU E 183 -5.37 28.90 -5.91
C LEU E 183 -6.27 28.16 -4.99
N VAL E 184 -7.28 27.50 -5.59
CA VAL E 184 -8.20 26.69 -4.79
C VAL E 184 -8.21 25.26 -5.33
N VAL E 185 -7.97 24.31 -4.45
CA VAL E 185 -8.03 22.86 -4.87
C VAL E 185 -8.86 22.15 -3.85
N THR E 186 -10.03 21.64 -4.25
CA THR E 186 -10.84 20.86 -3.30
C THR E 186 -10.79 19.34 -3.63
N LEU E 187 -11.06 18.48 -2.64
CA LEU E 187 -11.11 17.06 -2.86
C LEU E 187 -12.40 16.49 -2.23
N GLY E 188 -13.18 15.76 -3.00
CA GLY E 188 -14.42 15.08 -2.48
C GLY E 188 -15.37 16.17 -1.99
N GLN E 189 -15.42 17.29 -2.71
CA GLN E 189 -16.23 18.42 -2.21
C GLN E 189 -17.70 18.25 -2.58
N PRO E 190 -18.62 18.37 -1.63
CA PRO E 190 -20.08 18.38 -1.99
C PRO E 190 -20.47 19.59 -2.82
N ILE E 191 -21.65 19.55 -3.41
CA ILE E 191 -22.24 20.70 -4.08
C ILE E 191 -22.64 21.83 -3.14
N VAL E 192 -22.14 23.03 -3.42
CA VAL E 192 -22.18 24.09 -2.44
C VAL E 192 -23.41 24.99 -2.65
N GLY E 193 -23.76 25.25 -3.89
CA GLY E 193 -24.80 26.28 -4.14
C GLY E 193 -25.69 25.95 -5.31
N ASN E 194 -26.48 26.96 -5.69
CA ASN E 194 -27.37 26.81 -6.82
C ASN E 194 -26.76 27.18 -8.14
N ALA E 195 -27.60 27.25 -9.18
CA ALA E 195 -27.12 27.64 -10.50
C ALA E 195 -26.52 29.04 -10.55
N GLY E 196 -27.15 30.02 -9.84
CA GLY E 196 -26.64 31.39 -9.83
C GLY E 196 -25.21 31.43 -9.28
N PHE E 197 -25.04 30.77 -8.14
CA PHE E 197 -23.70 30.65 -7.50
C PHE E 197 -22.72 29.97 -8.47
N ALA E 198 -23.10 28.81 -9.00
CA ALA E 198 -22.17 28.07 -9.93
C ALA E 198 -21.71 28.85 -11.11
N ASN E 199 -22.64 29.48 -11.84
CA ASN E 199 -22.27 30.23 -13.02
C ASN E 199 -21.47 31.48 -12.66
N TRP E 200 -21.75 32.06 -11.51
CA TRP E 200 -20.98 33.19 -11.06
C TRP E 200 -19.53 32.77 -10.66
N VAL E 201 -19.41 31.63 -9.97
CA VAL E 201 -18.06 31.11 -9.66
C VAL E 201 -17.29 30.88 -10.98
N ASP E 202 -17.91 30.24 -11.99
CA ASP E 202 -17.25 30.03 -13.24
C ASP E 202 -16.76 31.39 -13.86
N LYS E 203 -17.62 32.41 -13.89
CA LYS E 203 -17.14 33.68 -14.44
C LYS E 203 -15.97 34.27 -13.62
N LEU E 204 -16.06 34.10 -12.31
CA LEU E 204 -15.10 34.68 -11.36
C LEU E 204 -13.70 34.04 -11.55
N PHE E 205 -13.71 32.68 -11.54
CA PHE E 205 -12.44 31.95 -11.69
C PHE E 205 -12.00 31.66 -13.09
N PHE E 206 -12.92 31.40 -14.04
CA PHE E 206 -12.43 31.07 -15.41
C PHE E 206 -12.69 32.15 -16.46
N GLY E 207 -13.39 33.20 -16.07
CA GLY E 207 -13.51 34.35 -16.98
C GLY E 207 -14.78 34.34 -17.83
N GLN E 208 -15.52 33.23 -17.82
CA GLN E 208 -16.77 33.14 -18.59
C GLN E 208 -17.58 31.95 -18.17
N GLU E 209 -18.83 31.94 -18.57
CA GLU E 209 -19.63 30.76 -18.43
C GLU E 209 -19.23 29.68 -19.41
N ASN E 210 -19.59 28.43 -19.13
N ASN E 210 -19.55 28.44 -19.08
CA ASN E 210 -19.24 27.29 -19.98
CA ASN E 210 -19.20 27.30 -19.89
C ASN E 210 -17.73 27.26 -20.33
C ASN E 210 -17.73 27.26 -20.32
N PRO E 211 -16.89 27.44 -19.35
CA PRO E 211 -15.47 27.55 -19.59
C PRO E 211 -14.81 26.27 -20.04
N ASP E 212 -13.77 26.40 -20.84
CA ASP E 212 -12.90 25.31 -21.27
C ASP E 212 -11.98 25.02 -20.07
N VAL E 213 -12.24 23.89 -19.42
CA VAL E 213 -11.43 23.54 -18.22
C VAL E 213 -10.69 22.20 -18.50
N SER E 214 -10.35 21.98 -19.77
CA SER E 214 -9.60 20.76 -20.10
C SER E 214 -8.13 20.76 -19.74
N LYS E 215 -7.53 21.91 -19.42
CA LYS E 215 -6.06 21.94 -19.21
C LYS E 215 -5.70 22.39 -17.83
N VAL E 216 -4.53 21.88 -17.37
CA VAL E 216 -3.88 22.38 -16.19
C VAL E 216 -2.91 23.45 -16.68
N SER E 217 -2.82 24.55 -15.96
CA SER E 217 -1.89 25.60 -16.35
C SER E 217 -1.58 26.48 -15.14
N LYS E 218 -0.45 27.20 -15.23
CA LYS E 218 -0.02 28.05 -14.15
C LYS E 218 -1.06 29.09 -13.83
N ASP E 219 -1.80 29.58 -14.83
CA ASP E 219 -2.81 30.65 -14.70
CA ASP E 219 -2.73 30.66 -14.46
C ASP E 219 -4.17 30.24 -14.10
N ARG E 220 -4.45 28.93 -14.15
CA ARG E 220 -5.71 28.45 -13.68
C ARG E 220 -5.75 28.35 -12.16
N LYS E 221 -6.85 28.72 -11.55
CA LYS E 221 -6.86 28.83 -10.10
C LYS E 221 -7.91 28.00 -9.36
N LEU E 222 -8.61 27.13 -10.10
CA LEU E 222 -9.65 26.38 -9.44
C LEU E 222 -9.69 24.92 -9.99
N TYR E 223 -9.67 23.95 -9.06
CA TYR E 223 -9.77 22.46 -9.39
C TYR E 223 -10.56 21.77 -8.33
N ARG E 224 -11.55 20.98 -8.76
CA ARG E 224 -12.34 20.22 -7.83
C ARG E 224 -12.04 18.77 -8.12
N ILE E 225 -11.28 18.15 -7.24
CA ILE E 225 -10.87 16.77 -7.54
C ILE E 225 -11.96 15.85 -7.01
N THR E 226 -12.37 14.86 -7.84
CA THR E 226 -13.43 13.91 -7.42
C THR E 226 -12.92 12.51 -7.72
N HIS E 227 -13.57 11.51 -7.17
CA HIS E 227 -13.03 10.12 -7.29
C HIS E 227 -14.16 9.24 -7.68
N ARG E 228 -13.91 8.36 -8.63
CA ARG E 228 -14.88 7.35 -9.03
C ARG E 228 -15.49 6.65 -7.81
N GLY E 229 -16.81 6.61 -7.78
CA GLY E 229 -17.60 5.98 -6.70
C GLY E 229 -17.92 6.91 -5.52
N ASP E 230 -17.26 8.04 -5.39
CA ASP E 230 -17.48 8.83 -4.21
C ASP E 230 -18.79 9.64 -4.40
N ILE E 231 -19.79 9.40 -3.53
CA ILE E 231 -21.05 10.10 -3.72
C ILE E 231 -21.01 11.51 -3.15
N VAL E 232 -20.00 11.86 -2.36
CA VAL E 232 -20.02 13.21 -1.71
C VAL E 232 -20.03 14.37 -2.74
N PRO E 233 -19.31 14.28 -3.83
CA PRO E 233 -19.43 15.31 -4.84
C PRO E 233 -20.77 15.29 -5.58
N GLN E 234 -21.68 14.39 -5.25
CA GLN E 234 -22.95 14.33 -5.97
C GLN E 234 -24.06 14.74 -5.05
N VAL E 235 -23.73 15.16 -3.85
CA VAL E 235 -24.77 15.58 -2.91
C VAL E 235 -24.43 17.00 -2.45
N PRO E 236 -25.42 17.74 -1.95
CA PRO E 236 -26.83 17.43 -1.76
C PRO E 236 -27.43 17.24 -3.12
N PHE E 237 -28.31 16.24 -3.26
CA PHE E 237 -28.94 15.93 -4.55
C PHE E 237 -30.40 16.37 -4.59
N TRP E 238 -30.61 17.68 -4.59
CA TRP E 238 -31.92 18.25 -4.69
C TRP E 238 -32.00 19.66 -5.12
N ASP E 239 -33.26 20.05 -5.23
CA ASP E 239 -33.74 21.25 -5.87
C ASP E 239 -32.69 22.30 -6.12
N GLY E 240 -32.09 22.28 -7.30
CA GLY E 240 -31.40 23.47 -7.70
C GLY E 240 -29.92 23.51 -7.43
N TYR E 241 -29.44 22.62 -6.58
CA TYR E 241 -27.98 22.56 -6.28
C TYR E 241 -27.24 22.15 -7.54
N GLN E 242 -26.13 22.81 -7.84
CA GLN E 242 -25.31 22.34 -8.95
C GLN E 242 -23.87 22.80 -8.79
N HIS E 243 -22.92 22.05 -9.37
CA HIS E 243 -21.52 22.46 -9.19
C HIS E 243 -21.11 23.57 -10.15
N CYS E 244 -20.02 24.26 -9.80
CA CYS E 244 -19.26 24.99 -10.80
C CYS E 244 -18.41 24.07 -11.65
N SER E 245 -17.74 24.61 -12.66
CA SER E 245 -16.95 23.80 -13.55
C SER E 245 -15.63 23.54 -12.82
N GLY E 246 -14.82 22.68 -13.42
CA GLY E 246 -13.44 22.55 -12.99
C GLY E 246 -13.14 21.18 -12.40
N GLU E 247 -13.97 20.19 -12.75
CA GLU E 247 -13.78 18.81 -12.16
C GLU E 247 -12.48 18.13 -12.66
N VAL E 248 -11.78 17.43 -11.75
CA VAL E 248 -10.59 16.64 -12.11
C VAL E 248 -10.96 15.31 -11.52
N PHE E 249 -11.02 14.24 -12.33
CA PHE E 249 -11.67 12.99 -11.85
C PHE E 249 -10.63 11.84 -11.83
N ILE E 250 -10.57 11.20 -10.66
CA ILE E 250 -9.68 10.01 -10.53
C ILE E 250 -10.54 8.84 -10.93
N ASP E 251 -10.29 8.33 -12.11
CA ASP E 251 -11.03 7.16 -12.64
C ASP E 251 -10.31 5.88 -12.33
N TRP E 252 -10.32 5.52 -11.03
CA TRP E 252 -9.52 4.36 -10.57
C TRP E 252 -10.11 4.01 -9.23
N PRO E 253 -10.11 2.73 -8.84
CA PRO E 253 -10.78 2.43 -7.57
C PRO E 253 -9.96 2.70 -6.31
N LEU E 254 -8.64 2.82 -6.44
CA LEU E 254 -7.74 2.89 -5.30
C LEU E 254 -6.99 4.21 -5.19
N ILE E 255 -6.28 4.38 -4.08
CA ILE E 255 -5.24 5.42 -3.99
C ILE E 255 -4.13 5.12 -5.01
N HIS E 256 -3.22 6.10 -5.16
CA HIS E 256 -2.06 6.06 -6.11
C HIS E 256 -2.51 5.59 -7.48
N PRO E 257 -3.42 6.32 -8.09
CA PRO E 257 -3.93 5.93 -9.44
C PRO E 257 -2.85 6.09 -10.49
N PRO E 258 -2.90 5.25 -11.55
CA PRO E 258 -1.97 5.52 -12.66
C PRO E 258 -2.20 6.88 -13.33
N LEU E 259 -1.12 7.41 -13.92
CA LEU E 259 -1.21 8.74 -14.52
C LEU E 259 -2.32 8.78 -15.55
N SER E 260 -2.51 7.66 -16.26
CA SER E 260 -3.49 7.63 -17.38
C SER E 260 -4.91 7.82 -16.83
N ASN E 261 -5.11 7.67 -15.54
CA ASN E 261 -6.47 7.60 -15.01
C ASN E 261 -6.89 8.76 -14.20
N VAL E 262 -6.19 9.87 -14.32
CA VAL E 262 -6.72 11.11 -13.70
C VAL E 262 -7.00 11.99 -14.94
N VAL E 263 -8.24 12.47 -15.05
CA VAL E 263 -8.59 13.21 -16.24
C VAL E 263 -9.26 14.55 -15.89
N MET E 264 -9.10 15.49 -16.81
CA MET E 264 -9.77 16.80 -16.64
C MET E 264 -11.15 16.73 -17.32
N CYS E 265 -12.21 17.07 -16.62
CA CYS E 265 -13.54 16.92 -17.14
C CYS E 265 -14.11 18.25 -17.55
N GLN E 266 -14.71 18.32 -18.75
CA GLN E 266 -15.50 19.57 -19.07
C GLN E 266 -16.82 19.58 -18.35
N GLY E 267 -17.40 20.78 -18.17
CA GLY E 267 -18.78 20.82 -17.65
C GLY E 267 -19.00 21.01 -16.21
N GLN E 268 -20.24 21.37 -15.85
CA GLN E 268 -20.65 21.35 -14.50
C GLN E 268 -21.17 20.00 -14.07
N SER E 269 -21.41 19.15 -15.08
CA SER E 269 -21.84 17.75 -14.84
C SER E 269 -21.29 16.98 -15.99
N ASN E 270 -20.76 15.75 -15.76
CA ASN E 270 -20.10 15.10 -16.83
C ASN E 270 -20.18 13.59 -16.56
N LYS E 271 -20.91 12.84 -17.41
CA LYS E 271 -21.19 11.45 -17.07
C LYS E 271 -19.94 10.56 -17.29
N GLN E 272 -18.87 11.11 -17.86
CA GLN E 272 -17.62 10.30 -17.89
C GLN E 272 -16.89 10.42 -16.57
N CYS E 273 -17.31 11.35 -15.74
CA CYS E 273 -16.73 11.69 -14.45
C CYS E 273 -17.73 11.44 -13.30
N SER E 274 -17.75 12.23 -12.23
CA SER E 274 -18.56 11.88 -11.03
CA SER E 274 -18.53 11.79 -11.06
C SER E 274 -20.03 11.62 -11.33
N ALA E 275 -20.59 12.39 -12.25
CA ALA E 275 -22.03 12.30 -12.54
C ALA E 275 -22.39 10.95 -13.17
N GLY E 276 -21.38 10.21 -13.67
CA GLY E 276 -21.59 8.89 -14.25
C GLY E 276 -21.30 7.72 -13.29
N ASN E 277 -21.10 8.04 -11.99
CA ASN E 277 -20.94 6.98 -10.98
C ASN E 277 -22.16 5.99 -11.02
N THR E 278 -21.85 4.71 -11.10
CA THR E 278 -22.95 3.69 -11.12
C THR E 278 -23.44 3.32 -9.75
N LEU E 279 -24.63 2.69 -9.69
CA LEU E 279 -25.04 2.21 -8.36
C LEU E 279 -24.05 1.31 -7.66
N LEU E 280 -23.48 0.37 -8.39
CA LEU E 280 -22.52 -0.55 -7.81
C LEU E 280 -21.25 0.22 -7.35
N GLN E 281 -20.81 1.19 -8.17
CA GLN E 281 -19.61 1.96 -7.72
C GLN E 281 -19.87 2.79 -6.47
N GLN E 282 -21.11 3.21 -6.24
CA GLN E 282 -21.48 4.06 -5.10
C GLN E 282 -21.65 3.32 -3.79
N VAL E 283 -21.55 1.99 -3.83
CA VAL E 283 -21.92 1.20 -2.67
C VAL E 283 -21.13 1.57 -1.44
N ASN E 284 -19.80 1.60 -1.57
CA ASN E 284 -19.00 1.74 -0.39
C ASN E 284 -18.66 3.22 -0.03
N VAL E 285 -19.60 3.88 0.64
CA VAL E 285 -19.60 5.34 0.67
C VAL E 285 -18.35 5.94 1.35
N ILE E 286 -18.05 5.58 2.61
CA ILE E 286 -16.91 6.22 3.28
C ILE E 286 -15.58 5.81 2.57
N GLY E 287 -15.38 4.51 2.28
CA GLY E 287 -14.10 4.08 1.73
C GLY E 287 -13.83 4.83 0.43
N ASN E 288 -14.84 5.00 -0.41
CA ASN E 288 -14.67 5.63 -1.73
C ASN E 288 -14.32 7.13 -1.59
N HIS E 289 -14.82 7.72 -0.50
CA HIS E 289 -14.58 9.13 -0.24
C HIS E 289 -13.18 9.38 0.29
N LEU E 290 -12.47 8.35 0.78
CA LEU E 290 -11.12 8.59 1.34
C LEU E 290 -10.06 8.51 0.28
N GLN E 291 -10.37 7.92 -0.90
CA GLN E 291 -9.30 7.46 -1.83
C GLN E 291 -8.98 8.59 -2.83
N TYR E 292 -8.14 9.53 -2.36
CA TYR E 292 -7.74 10.68 -3.24
C TYR E 292 -6.20 10.85 -3.34
N PHE E 293 -5.60 9.99 -4.17
CA PHE E 293 -4.16 9.90 -4.33
C PHE E 293 -3.52 9.20 -3.12
N VAL E 294 -3.72 9.81 -1.96
CA VAL E 294 -3.38 9.20 -0.66
C VAL E 294 -4.70 8.94 0.07
N THR E 295 -4.66 8.19 1.17
N THR E 295 -4.66 8.17 1.15
CA THR E 295 -5.89 7.96 1.95
CA THR E 295 -5.90 8.03 1.90
C THR E 295 -6.20 9.16 2.84
C THR E 295 -6.14 9.32 2.67
N GLU E 296 -7.39 9.74 2.70
CA GLU E 296 -7.74 10.99 3.41
C GLU E 296 -8.50 10.57 4.68
N GLY E 297 -8.47 11.42 5.68
CA GLY E 297 -9.35 11.17 6.82
C GLY E 297 -8.68 10.74 8.05
N VAL E 298 -7.46 10.26 7.96
CA VAL E 298 -6.80 9.68 9.17
C VAL E 298 -5.38 10.22 9.24
N CYS E 299 -5.02 10.87 10.36
CA CYS E 299 -3.59 11.28 10.57
C CYS E 299 -2.68 10.10 10.66
N GLY E 300 -1.61 10.17 9.87
CA GLY E 300 -0.45 9.33 10.08
C GLY E 300 -0.22 8.33 8.98
N ILE E 301 -1.22 8.15 8.12
CA ILE E 301 -0.97 7.32 6.93
C ILE E 301 -1.06 8.27 5.71
N VAL F 1 21.76 -0.22 -47.46
CA VAL F 1 21.10 -0.16 -46.10
C VAL F 1 21.93 0.78 -45.26
N TYR F 2 21.28 1.87 -44.84
CA TYR F 2 21.92 2.89 -44.04
C TYR F 2 22.09 2.34 -42.63
N THR F 3 23.37 2.28 -42.22
CA THR F 3 23.85 1.61 -41.02
C THR F 3 24.35 2.69 -40.05
N SER F 4 24.26 2.42 -38.73
CA SER F 4 24.66 3.40 -37.71
C SER F 4 24.88 2.70 -36.37
N THR F 5 25.59 3.37 -35.47
CA THR F 5 25.63 2.88 -34.06
C THR F 5 25.22 3.99 -33.11
N GLU F 6 24.67 5.05 -33.66
CA GLU F 6 24.24 6.23 -32.87
C GLU F 6 22.86 5.94 -32.27
N THR F 7 22.73 6.32 -30.99
CA THR F 7 21.45 6.15 -30.29
C THR F 7 21.32 7.38 -29.39
N SER F 8 20.11 7.59 -28.89
CA SER F 8 19.84 8.78 -28.03
C SER F 8 18.82 8.40 -26.96
N HIS F 9 18.94 9.07 -25.83
CA HIS F 9 17.97 8.78 -24.73
C HIS F 9 16.66 9.48 -24.98
N ILE F 10 15.65 9.14 -24.19
CA ILE F 10 14.34 9.80 -24.25
C ILE F 10 13.84 10.29 -22.88
N ASP F 11 12.82 11.18 -22.91
CA ASP F 11 12.26 11.69 -21.62
C ASP F 11 11.05 10.85 -21.23
N GLN F 12 10.64 11.04 -19.98
CA GLN F 12 9.54 10.25 -19.46
C GLN F 12 8.22 10.39 -20.25
N GLU F 13 7.87 11.60 -20.72
CA GLU F 13 6.65 11.78 -21.47
C GLU F 13 6.71 10.90 -22.76
N SER F 14 7.88 10.88 -23.38
CA SER F 14 8.11 9.88 -24.49
C SER F 14 8.00 8.41 -24.16
N TYR F 15 8.59 8.04 -23.02
CA TYR F 15 8.45 6.67 -22.57
C TYR F 15 6.95 6.30 -22.34
N ASN F 16 6.18 7.22 -21.72
CA ASN F 16 4.76 6.94 -21.42
C ASN F 16 3.94 6.77 -22.73
N PHE F 17 4.37 7.51 -23.75
CA PHE F 17 3.77 7.47 -25.10
C PHE F 17 4.03 6.09 -25.72
N PHE F 18 5.27 5.66 -25.76
CA PHE F 18 5.52 4.28 -26.23
C PHE F 18 4.78 3.20 -25.42
N GLU F 19 4.75 3.33 -24.09
CA GLU F 19 4.02 2.32 -23.29
C GLU F 19 2.52 2.28 -23.59
N LYS F 20 1.95 3.47 -23.85
CA LYS F 20 0.53 3.53 -24.22
C LYS F 20 0.20 2.62 -25.43
N TYR F 21 1.01 2.75 -26.50
CA TYR F 21 0.73 1.90 -27.71
C TYR F 21 1.06 0.45 -27.43
N ALA F 22 2.04 0.18 -26.54
CA ALA F 22 2.24 -1.20 -26.11
C ALA F 22 1.00 -1.78 -25.44
N ARG F 23 0.35 -0.95 -24.64
CA ARG F 23 -0.89 -1.34 -23.97
C ARG F 23 -2.01 -1.61 -24.98
N LEU F 24 -2.19 -0.70 -25.93
CA LEU F 24 -3.25 -0.84 -26.95
C LEU F 24 -3.00 -2.08 -27.81
N ALA F 25 -1.75 -2.30 -28.16
CA ALA F 25 -1.42 -3.52 -28.95
C ALA F 25 -1.70 -4.84 -28.21
N ASN F 26 -1.51 -4.83 -26.89
CA ASN F 26 -1.70 -6.01 -26.06
C ASN F 26 -3.20 -6.31 -26.04
N ILE F 27 -4.00 -5.26 -25.99
CA ILE F 27 -5.46 -5.49 -25.95
C ILE F 27 -5.96 -6.09 -27.29
N GLY F 28 -5.16 -6.05 -28.32
CA GLY F 28 -5.46 -6.79 -29.57
C GLY F 28 -5.60 -8.27 -29.33
N TYR F 29 -4.83 -8.78 -28.36
CA TYR F 29 -4.89 -10.19 -28.01
C TYR F 29 -6.17 -10.57 -27.26
N CYS F 30 -7.03 -9.58 -26.96
CA CYS F 30 -8.32 -9.86 -26.28
C CYS F 30 -9.47 -10.00 -27.31
N VAL F 31 -9.07 -9.97 -28.58
CA VAL F 31 -10.06 -10.13 -29.73
C VAL F 31 -9.94 -11.55 -30.23
N GLY F 32 -11.06 -12.25 -30.25
CA GLY F 32 -11.05 -13.60 -30.84
C GLY F 32 -11.81 -14.56 -29.96
N PRO F 33 -11.91 -15.80 -30.40
CA PRO F 33 -12.53 -16.85 -29.58
C PRO F 33 -11.75 -17.02 -28.31
N GLY F 34 -12.50 -17.18 -27.24
CA GLY F 34 -11.95 -17.49 -25.92
C GLY F 34 -11.43 -16.29 -25.23
N THR F 35 -11.66 -15.10 -25.83
N THR F 35 -11.80 -15.11 -25.70
CA THR F 35 -11.33 -13.81 -25.17
CA THR F 35 -11.51 -13.92 -24.92
C THR F 35 -12.52 -12.84 -25.41
C THR F 35 -12.45 -12.83 -25.42
N LYS F 36 -12.55 -11.73 -24.67
CA LYS F 36 -13.54 -10.68 -24.93
C LYS F 36 -13.05 -9.31 -24.60
N ILE F 37 -13.47 -8.32 -25.42
CA ILE F 37 -13.43 -6.94 -24.98
C ILE F 37 -14.90 -6.60 -24.89
N PHE F 38 -15.41 -6.31 -23.72
CA PHE F 38 -16.84 -5.99 -23.67
C PHE F 38 -16.97 -4.49 -23.79
N LYS F 39 -18.15 -4.07 -24.17
CA LYS F 39 -18.37 -2.64 -24.47
C LYS F 39 -18.60 -1.99 -23.12
N PRO F 40 -18.14 -0.73 -22.91
CA PRO F 40 -17.48 0.09 -23.94
C PRO F 40 -16.09 -0.28 -24.25
N PHE F 41 -15.25 -0.59 -23.28
CA PHE F 41 -13.87 -0.96 -23.54
C PHE F 41 -13.33 -1.58 -22.27
N ASN F 42 -13.84 -2.74 -21.97
CA ASN F 42 -13.46 -3.42 -20.76
C ASN F 42 -12.82 -4.74 -21.09
N CYS F 43 -11.62 -5.00 -20.55
CA CYS F 43 -10.95 -6.25 -20.82
C CYS F 43 -9.92 -6.52 -19.73
N GLY F 44 -10.19 -6.05 -18.53
CA GLY F 44 -9.25 -6.22 -17.45
C GLY F 44 -8.24 -5.06 -17.39
N LEU F 45 -7.06 -5.40 -16.86
CA LEU F 45 -6.09 -4.42 -16.48
C LEU F 45 -5.66 -3.44 -17.57
N GLN F 46 -5.38 -3.94 -18.77
CA GLN F 46 -4.82 -3.01 -19.72
C GLN F 46 -5.90 -2.02 -20.24
N CYS F 47 -7.09 -2.49 -20.46
CA CYS F 47 -8.23 -1.60 -20.89
C CYS F 47 -8.54 -0.57 -19.83
N ALA F 48 -8.23 -0.90 -18.55
CA ALA F 48 -8.60 0.00 -17.44
C ALA F 48 -7.77 1.28 -17.52
N HIS F 49 -6.69 1.35 -18.34
CA HIS F 49 -5.92 2.56 -18.48
C HIS F 49 -6.44 3.52 -19.55
N PHE F 50 -7.63 3.24 -20.06
CA PHE F 50 -8.21 4.03 -21.19
C PHE F 50 -9.57 4.57 -20.95
N PRO F 51 -9.68 5.60 -20.10
CA PRO F 51 -11.00 6.20 -19.87
C PRO F 51 -11.49 6.93 -21.12
N ASN F 52 -12.82 6.94 -21.27
CA ASN F 52 -13.42 7.61 -22.44
C ASN F 52 -13.08 6.96 -23.78
N VAL F 53 -12.70 5.66 -23.75
CA VAL F 53 -12.56 4.93 -25.05
C VAL F 53 -13.77 4.02 -25.25
N GLU F 54 -14.21 3.97 -26.51
CA GLU F 54 -15.24 3.03 -26.92
C GLU F 54 -14.75 2.16 -28.06
N LEU F 55 -14.99 0.85 -27.91
CA LEU F 55 -14.77 -0.08 -28.97
C LEU F 55 -15.89 0.11 -30.00
N ILE F 56 -15.45 0.30 -31.23
CA ILE F 56 -16.41 0.47 -32.36
C ILE F 56 -16.69 -0.92 -32.97
N GLU F 57 -15.64 -1.67 -33.31
CA GLU F 57 -15.84 -2.95 -34.01
C GLU F 57 -14.59 -3.80 -33.86
N GLU F 58 -14.77 -5.10 -33.71
CA GLU F 58 -13.66 -6.02 -33.73
C GLU F 58 -13.62 -6.67 -35.08
N PHE F 59 -12.49 -7.25 -35.43
CA PHE F 59 -12.47 -8.15 -36.62
C PHE F 59 -11.58 -9.35 -36.32
N HIS F 60 -11.90 -10.52 -36.91
CA HIS F 60 -11.12 -11.75 -36.72
C HIS F 60 -11.30 -12.67 -37.94
N ASP F 61 -10.18 -13.06 -38.53
CA ASP F 61 -10.25 -14.07 -39.67
C ASP F 61 -9.17 -15.09 -39.44
N PRO F 62 -9.55 -16.39 -39.25
CA PRO F 62 -8.58 -17.45 -39.01
C PRO F 62 -8.23 -18.25 -40.29
N ARG F 63 -8.70 -17.80 -41.45
N ARG F 63 -8.73 -17.83 -41.44
CA ARG F 63 -8.62 -18.63 -42.70
CA ARG F 63 -8.60 -18.64 -42.69
C ARG F 63 -7.23 -18.95 -43.24
C ARG F 63 -7.16 -19.03 -42.97
N LEU F 64 -6.31 -18.00 -43.14
CA LEU F 64 -4.91 -18.17 -43.63
C LEU F 64 -3.91 -17.88 -42.55
N ILE F 65 -2.68 -18.42 -42.69
CA ILE F 65 -1.66 -18.26 -41.63
C ILE F 65 -1.28 -16.79 -41.44
N PHE F 66 -1.47 -15.96 -42.47
CA PHE F 66 -1.13 -14.53 -42.35
C PHE F 66 -2.35 -13.69 -42.11
N ASP F 67 -3.50 -14.26 -41.76
CA ASP F 67 -4.70 -13.44 -41.51
C ASP F 67 -4.67 -12.77 -40.12
N VAL F 68 -5.54 -11.81 -39.94
CA VAL F 68 -5.40 -10.86 -38.76
C VAL F 68 -6.64 -10.76 -38.00
N SER F 69 -6.54 -10.18 -36.75
CA SER F 69 -7.66 -9.95 -35.91
C SER F 69 -7.31 -8.62 -35.25
N GLY F 70 -8.29 -7.96 -34.65
CA GLY F 70 -7.94 -6.68 -34.01
C GLY F 70 -9.21 -5.88 -33.82
N TYR F 71 -9.02 -4.60 -33.52
CA TYR F 71 -10.19 -3.74 -33.23
C TYR F 71 -9.99 -2.33 -33.66
N LEU F 72 -11.11 -1.61 -33.76
CA LEU F 72 -11.16 -0.23 -34.07
C LEU F 72 -11.85 0.37 -32.88
N ALA F 73 -11.22 1.43 -32.35
CA ALA F 73 -11.81 2.11 -31.19
C ALA F 73 -11.66 3.61 -31.34
N VAL F 74 -12.46 4.36 -30.59
CA VAL F 74 -12.32 5.83 -30.56
C VAL F 74 -12.00 6.27 -29.12
N ASP F 75 -10.92 7.06 -29.02
CA ASP F 75 -10.55 7.61 -27.64
C ASP F 75 -10.98 9.09 -27.56
N HIS F 76 -12.10 9.35 -26.90
CA HIS F 76 -12.59 10.72 -26.79
C HIS F 76 -11.73 11.55 -25.82
N ALA F 77 -10.91 10.89 -24.99
CA ALA F 77 -10.04 11.66 -24.08
C ALA F 77 -8.82 12.17 -24.80
N SER F 78 -8.18 11.33 -25.65
CA SER F 78 -6.95 11.76 -26.39
C SER F 78 -7.30 12.35 -27.79
N LYS F 79 -8.58 12.21 -28.18
CA LYS F 79 -9.12 12.64 -29.54
C LYS F 79 -8.44 11.90 -30.64
N GLN F 80 -8.47 10.55 -30.58
CA GLN F 80 -7.82 9.69 -31.56
C GLN F 80 -8.75 8.55 -31.91
N ILE F 81 -8.49 8.00 -33.08
CA ILE F 81 -9.09 6.79 -33.55
C ILE F 81 -7.93 5.77 -33.51
N TYR F 82 -8.18 4.59 -32.88
CA TYR F 82 -7.14 3.56 -32.87
C TYR F 82 -7.49 2.37 -33.75
N LEU F 83 -6.57 1.96 -34.60
CA LEU F 83 -6.74 0.69 -35.31
C LEU F 83 -5.62 -0.19 -34.78
N VAL F 84 -6.00 -1.30 -34.13
CA VAL F 84 -5.02 -2.23 -33.56
C VAL F 84 -5.14 -3.57 -34.24
N ILE F 85 -4.00 -4.14 -34.59
CA ILE F 85 -3.94 -5.37 -35.42
C ILE F 85 -3.04 -6.39 -34.75
N ARG F 86 -3.38 -7.66 -34.85
CA ARG F 86 -2.43 -8.71 -34.57
C ARG F 86 -2.69 -9.94 -35.43
N GLY F 87 -1.76 -10.89 -35.42
CA GLY F 87 -1.99 -12.14 -36.19
C GLY F 87 -3.02 -13.01 -35.55
N THR F 88 -3.90 -13.63 -36.31
CA THR F 88 -4.93 -14.44 -35.74
C THR F 88 -4.36 -15.73 -35.15
N HIS F 89 -3.38 -16.31 -35.82
CA HIS F 89 -2.90 -17.62 -35.42
C HIS F 89 -1.85 -17.48 -34.32
N SER F 90 -1.63 -18.58 -33.55
CA SER F 90 -0.57 -18.52 -32.50
C SER F 90 0.71 -17.87 -32.93
N LEU F 91 1.25 -17.01 -32.04
CA LEU F 91 2.52 -16.31 -32.37
C LEU F 91 3.62 -17.32 -32.70
N GLU F 92 3.73 -18.35 -31.87
CA GLU F 92 4.77 -19.33 -32.09
C GLU F 92 4.66 -19.96 -33.47
N ASP F 93 3.46 -20.19 -33.95
CA ASP F 93 3.31 -20.78 -35.31
C ASP F 93 3.47 -19.78 -36.47
N VAL F 94 2.98 -18.56 -36.31
CA VAL F 94 3.25 -17.56 -37.33
C VAL F 94 4.77 -17.28 -37.46
N ILE F 95 5.48 -17.09 -36.33
CA ILE F 95 6.91 -16.75 -36.42
C ILE F 95 7.72 -17.77 -37.23
N THR F 96 7.52 -19.06 -36.96
CA THR F 96 8.11 -20.16 -37.77
C THR F 96 7.95 -19.93 -39.27
N ASP F 97 6.70 -19.79 -39.68
CA ASP F 97 6.35 -19.49 -41.06
C ASP F 97 6.89 -18.21 -41.74
N ILE F 98 7.08 -17.13 -40.98
CA ILE F 98 7.64 -15.94 -41.58
C ILE F 98 9.04 -16.20 -42.10
N ARG F 99 9.90 -16.73 -41.21
CA ARG F 99 11.35 -16.77 -41.45
C ARG F 99 11.72 -17.21 -42.87
N ALA F 103 10.26 -15.88 -47.72
CA ALA F 103 10.03 -16.12 -49.15
C ALA F 103 9.83 -14.80 -49.95
N PRO F 104 9.03 -14.82 -51.06
CA PRO F 104 9.24 -13.84 -52.17
C PRO F 104 8.53 -12.51 -52.00
N LEU F 105 8.87 -11.58 -52.87
CA LEU F 105 8.38 -10.22 -52.79
C LEU F 105 7.44 -9.91 -53.94
N THR F 106 6.39 -9.15 -53.64
CA THR F 106 5.45 -8.68 -54.64
C THR F 106 5.19 -7.17 -54.49
N ASN F 107 4.86 -6.47 -55.59
CA ASN F 107 4.71 -4.99 -55.55
C ASN F 107 3.53 -4.51 -54.70
N PHE F 108 3.81 -3.50 -53.87
CA PHE F 108 2.77 -2.98 -52.97
C PHE F 108 1.53 -2.39 -53.68
N ASP F 109 1.64 -2.01 -54.97
CA ASP F 109 0.45 -1.53 -55.68
C ASP F 109 -0.61 -2.60 -55.94
N LEU F 110 -0.29 -3.86 -55.70
CA LEU F 110 -1.24 -4.95 -55.79
C LEU F 110 -2.20 -5.07 -54.57
N ALA F 111 -1.89 -4.27 -53.56
CA ALA F 111 -2.65 -4.25 -52.28
C ALA F 111 -3.95 -3.44 -52.36
N ALA F 112 -4.94 -3.82 -51.57
CA ALA F 112 -6.18 -3.03 -51.46
C ALA F 112 -5.95 -1.52 -51.24
N ASN F 113 -6.66 -0.72 -52.02
CA ASN F 113 -6.61 0.73 -51.90
C ASN F 113 -5.32 1.37 -52.34
N ILE F 114 -4.38 0.63 -52.91
CA ILE F 114 -3.15 1.32 -53.30
C ILE F 114 -3.13 1.50 -54.84
N SER F 115 -3.30 2.73 -55.32
CA SER F 115 -3.32 3.03 -56.78
C SER F 115 -1.99 2.69 -57.51
N SER F 116 -2.05 2.66 -58.83
CA SER F 116 -0.85 2.35 -59.59
C SER F 116 0.34 3.30 -59.31
N THR F 117 0.05 4.58 -59.11
CA THR F 117 1.07 5.65 -58.99
C THR F 117 1.44 6.04 -57.54
N ALA F 118 0.71 5.50 -56.54
CA ALA F 118 0.99 5.76 -55.10
C ALA F 118 2.43 5.45 -54.64
N THR F 119 3.02 4.45 -55.27
CA THR F 119 4.23 3.80 -54.81
C THR F 119 5.39 3.94 -55.80
N CYS F 120 6.61 3.60 -55.37
CA CYS F 120 7.78 3.62 -56.22
C CYS F 120 7.80 2.32 -57.06
N ASP F 121 8.53 2.30 -58.17
CA ASP F 121 8.46 1.14 -59.06
C ASP F 121 9.07 -0.15 -58.47
N ASP F 122 10.09 0.01 -57.64
CA ASP F 122 10.81 -1.10 -57.00
C ASP F 122 10.35 -1.33 -55.53
N CYS F 123 9.11 -1.00 -55.22
CA CYS F 123 8.60 -1.06 -53.84
C CYS F 123 7.91 -2.41 -53.55
N LEU F 124 8.75 -3.38 -53.18
CA LEU F 124 8.38 -4.80 -53.04
C LEU F 124 8.25 -5.22 -51.56
N VAL F 125 7.23 -6.03 -51.25
CA VAL F 125 6.84 -6.43 -49.88
C VAL F 125 6.67 -7.96 -49.83
N HIS F 126 7.07 -8.59 -48.74
CA HIS F 126 6.77 -9.98 -48.39
C HIS F 126 5.34 -10.31 -48.72
N ASN F 127 5.13 -11.38 -49.48
CA ASN F 127 3.79 -11.65 -50.01
C ASN F 127 2.78 -12.04 -48.93
N GLY F 128 3.27 -12.67 -47.87
CA GLY F 128 2.52 -12.95 -46.67
C GLY F 128 2.09 -11.66 -45.96
N PHE F 129 3.02 -10.73 -45.73
CA PHE F 129 2.64 -9.49 -45.01
C PHE F 129 1.68 -8.70 -45.82
N ILE F 130 1.80 -8.76 -47.15
CA ILE F 130 0.84 -8.06 -47.99
C ILE F 130 -0.56 -8.66 -47.83
N GLN F 131 -0.63 -9.97 -47.63
CA GLN F 131 -1.90 -10.59 -47.23
C GLN F 131 -2.42 -10.11 -45.84
N SER F 132 -1.53 -9.86 -44.89
CA SER F 132 -2.02 -9.43 -43.57
CA SER F 132 -2.04 -9.43 -43.57
C SER F 132 -2.66 -8.05 -43.71
N TYR F 133 -2.01 -7.17 -44.49
CA TYR F 133 -2.56 -5.83 -44.77
C TYR F 133 -3.90 -5.97 -45.48
N ASN F 134 -3.91 -6.73 -46.57
CA ASN F 134 -5.18 -6.95 -47.27
C ASN F 134 -6.34 -7.46 -46.41
N ASN F 135 -6.05 -8.41 -45.53
CA ASN F 135 -7.03 -8.94 -44.65
C ASN F 135 -7.46 -7.91 -43.62
N THR F 136 -6.56 -7.02 -43.21
CA THR F 136 -7.01 -5.92 -42.33
C THR F 136 -8.00 -5.01 -43.15
N TYR F 137 -7.54 -4.55 -44.32
CA TYR F 137 -8.37 -3.64 -45.14
C TYR F 137 -9.74 -4.23 -45.48
N ASN F 138 -9.75 -5.49 -45.89
CA ASN F 138 -11.00 -6.15 -46.31
C ASN F 138 -11.97 -6.38 -45.17
N GLN F 139 -11.47 -6.47 -43.92
CA GLN F 139 -12.33 -6.55 -42.78
C GLN F 139 -12.78 -5.19 -42.16
N ILE F 140 -11.92 -4.16 -42.12
CA ILE F 140 -12.31 -3.02 -41.35
C ILE F 140 -12.24 -1.68 -42.09
N GLY F 141 -11.62 -1.68 -43.27
CA GLY F 141 -11.36 -0.44 -44.07
C GLY F 141 -12.56 0.48 -44.26
N PRO F 142 -13.67 -0.03 -44.77
CA PRO F 142 -14.88 0.80 -44.85
C PRO F 142 -15.45 1.30 -43.53
N LYS F 143 -15.35 0.53 -42.45
CA LYS F 143 -15.86 1.01 -41.16
C LYS F 143 -14.90 2.13 -40.67
N LEU F 144 -13.63 1.89 -40.81
CA LEU F 144 -12.65 2.94 -40.51
C LEU F 144 -12.93 4.26 -41.26
N ASP F 145 -13.19 4.19 -42.56
CA ASP F 145 -13.63 5.44 -43.24
C ASP F 145 -14.84 6.05 -42.67
N SER F 146 -15.80 5.23 -42.26
CA SER F 146 -17.01 5.78 -41.69
C SER F 146 -16.68 6.48 -40.32
N VAL F 147 -15.74 5.92 -39.54
CA VAL F 147 -15.39 6.59 -38.27
C VAL F 147 -14.63 7.92 -38.48
N ILE F 148 -13.71 7.93 -39.42
CA ILE F 148 -12.97 9.13 -39.77
CA ILE F 148 -12.94 9.10 -39.85
C ILE F 148 -13.94 10.26 -40.20
N GLU F 149 -15.00 9.92 -40.90
CA GLU F 149 -15.99 10.93 -41.28
CA GLU F 149 -16.00 10.93 -41.29
C GLU F 149 -16.74 11.48 -40.08
N GLN F 150 -17.03 10.60 -39.11
CA GLN F 150 -17.76 10.96 -37.89
C GLN F 150 -16.84 11.84 -37.05
N TYR F 151 -15.52 11.61 -37.11
CA TYR F 151 -14.53 12.29 -36.24
C TYR F 151 -13.37 12.90 -36.99
N PRO F 152 -13.64 13.94 -37.80
CA PRO F 152 -12.65 14.32 -38.80
C PRO F 152 -11.47 15.02 -38.15
N ASP F 153 -11.61 15.51 -36.92
CA ASP F 153 -10.49 16.23 -36.30
C ASP F 153 -9.74 15.30 -35.32
N TYR F 154 -10.12 14.02 -35.25
CA TYR F 154 -9.33 13.06 -34.39
C TYR F 154 -8.16 12.56 -35.17
N GLN F 155 -7.03 12.32 -34.48
CA GLN F 155 -5.86 11.75 -35.10
C GLN F 155 -5.99 10.24 -35.24
N ILE F 156 -5.59 9.69 -36.40
CA ILE F 156 -5.70 8.23 -36.58
C ILE F 156 -4.35 7.64 -36.17
N ALA F 157 -4.43 6.65 -35.28
CA ALA F 157 -3.19 5.98 -34.85
C ALA F 157 -3.35 4.47 -35.16
N VAL F 158 -2.34 3.88 -35.81
CA VAL F 158 -2.36 2.43 -36.16
C VAL F 158 -1.25 1.71 -35.41
N THR F 159 -1.58 0.64 -34.69
CA THR F 159 -0.52 -0.03 -33.93
C THR F 159 -0.69 -1.53 -34.00
N GLY F 160 0.37 -2.27 -33.72
CA GLY F 160 0.25 -3.71 -33.57
C GLY F 160 1.57 -4.34 -33.22
N HIS F 161 1.47 -5.53 -32.67
CA HIS F 161 2.63 -6.29 -32.32
C HIS F 161 2.81 -7.46 -33.29
N SER F 162 4.06 -7.77 -33.61
CA SER F 162 4.44 -9.08 -34.28
C SER F 162 3.90 -8.95 -35.70
N LEU F 163 3.13 -9.97 -36.19
CA LEU F 163 2.50 -9.83 -37.54
C LEU F 163 1.61 -8.61 -37.57
N GLY F 164 0.92 -8.32 -36.47
CA GLY F 164 0.09 -7.09 -36.46
C GLY F 164 0.91 -5.83 -36.68
N GLY F 165 2.18 -5.86 -36.28
CA GLY F 165 3.02 -4.70 -36.54
C GLY F 165 3.33 -4.50 -38.03
N ALA F 166 3.62 -5.60 -38.70
CA ALA F 166 3.75 -5.59 -40.16
C ALA F 166 2.47 -5.08 -40.80
N ALA F 167 1.29 -5.61 -40.46
CA ALA F 167 0.05 -5.15 -41.03
C ALA F 167 -0.11 -3.63 -40.72
N ALA F 168 0.32 -3.18 -39.53
CA ALA F 168 0.08 -1.79 -39.14
C ALA F 168 0.96 -0.80 -39.93
N LEU F 169 2.17 -1.21 -40.24
CA LEU F 169 3.08 -0.35 -41.01
C LEU F 169 2.45 -0.19 -42.43
N LEU F 170 2.00 -1.30 -42.99
CA LEU F 170 1.43 -1.27 -44.38
C LEU F 170 0.11 -0.54 -44.33
N PHE F 171 -0.71 -0.69 -43.28
CA PHE F 171 -1.96 0.02 -43.20
C PHE F 171 -1.71 1.53 -43.09
N GLY F 172 -0.70 1.86 -42.24
CA GLY F 172 -0.25 3.25 -42.07
C GLY F 172 0.14 3.91 -43.40
N ILE F 173 0.97 3.19 -44.11
CA ILE F 173 1.34 3.68 -45.45
C ILE F 173 0.08 3.91 -46.35
N ASN F 174 -0.86 2.97 -46.38
CA ASN F 174 -2.11 3.07 -47.15
C ASN F 174 -2.88 4.33 -46.82
N LEU F 175 -3.09 4.58 -45.51
CA LEU F 175 -3.73 5.79 -45.07
C LEU F 175 -2.95 7.01 -45.53
N LYS F 176 -1.64 6.95 -45.44
CA LYS F 176 -0.80 8.13 -45.71
C LYS F 176 -0.82 8.46 -47.20
N VAL F 177 -0.70 7.44 -48.04
CA VAL F 177 -0.77 7.73 -49.52
C VAL F 177 -2.15 8.15 -49.97
N ASN F 178 -3.20 7.78 -49.22
CA ASN F 178 -4.58 8.04 -49.59
C ASN F 178 -5.09 9.29 -48.90
N GLY F 179 -4.17 10.16 -48.47
CA GLY F 179 -4.56 11.46 -47.96
C GLY F 179 -4.71 11.71 -46.47
N HIS F 180 -4.35 10.76 -45.65
CA HIS F 180 -4.57 11.00 -44.23
C HIS F 180 -3.18 11.16 -43.61
N ASP F 181 -3.13 11.44 -42.30
CA ASP F 181 -1.82 11.72 -41.62
C ASP F 181 -1.77 10.80 -40.35
N PRO F 182 -1.73 9.49 -40.55
CA PRO F 182 -1.75 8.58 -39.40
C PRO F 182 -0.43 8.63 -38.57
N LEU F 183 -0.56 8.30 -37.28
CA LEU F 183 0.62 7.92 -36.45
C LEU F 183 0.72 6.37 -36.56
N VAL F 184 1.93 5.85 -36.71
CA VAL F 184 2.16 4.43 -36.82
C VAL F 184 3.19 4.04 -35.74
N VAL F 185 2.81 3.12 -34.86
CA VAL F 185 3.74 2.61 -33.88
C VAL F 185 3.65 1.11 -33.98
N THR F 186 4.75 0.44 -34.28
CA THR F 186 4.75 -1.04 -34.32
C THR F 186 5.66 -1.59 -33.22
N LEU F 187 5.40 -2.83 -32.77
CA LEU F 187 6.18 -3.46 -31.70
C LEU F 187 6.58 -4.84 -32.24
N GLY F 188 7.85 -5.15 -32.16
CA GLY F 188 8.32 -6.54 -32.53
C GLY F 188 8.02 -6.81 -34.00
N GLN F 189 8.10 -5.81 -34.84
CA GLN F 189 7.65 -5.97 -36.24
C GLN F 189 8.76 -6.59 -37.07
N PRO F 190 8.41 -7.65 -37.83
CA PRO F 190 9.39 -8.23 -38.77
C PRO F 190 9.69 -7.26 -39.93
N ILE F 191 10.71 -7.56 -40.73
CA ILE F 191 11.02 -6.69 -41.86
C ILE F 191 10.04 -6.92 -42.96
N VAL F 192 9.53 -5.87 -43.58
CA VAL F 192 8.39 -6.07 -44.40
C VAL F 192 8.69 -6.15 -45.92
N GLY F 193 9.74 -5.45 -46.32
CA GLY F 193 10.01 -5.32 -47.78
C GLY F 193 11.48 -5.16 -48.12
N ASN F 194 11.76 -4.78 -49.37
CA ASN F 194 13.13 -4.70 -49.82
C ASN F 194 13.77 -3.32 -49.57
N ALA F 195 14.97 -3.09 -50.13
CA ALA F 195 15.58 -1.75 -50.02
C ALA F 195 14.76 -0.64 -50.64
N GLY F 196 14.15 -0.90 -51.80
CA GLY F 196 13.37 0.17 -52.44
C GLY F 196 12.18 0.59 -51.61
N PHE F 197 11.46 -0.42 -51.12
CA PHE F 197 10.36 -0.19 -50.16
C PHE F 197 10.82 0.62 -48.93
N ALA F 198 11.91 0.18 -48.30
CA ALA F 198 12.44 0.84 -47.06
C ALA F 198 12.81 2.29 -47.26
N ASN F 199 13.47 2.59 -48.38
CA ASN F 199 13.86 3.97 -48.62
C ASN F 199 12.69 4.82 -49.09
N TRP F 200 11.69 4.22 -49.75
CA TRP F 200 10.49 4.97 -50.10
C TRP F 200 9.70 5.30 -48.81
N VAL F 201 9.63 4.36 -47.87
CA VAL F 201 8.88 4.64 -46.61
C VAL F 201 9.54 5.74 -45.87
N ASP F 202 10.87 5.72 -45.88
CA ASP F 202 11.64 6.74 -45.22
C ASP F 202 11.34 8.13 -45.82
N LYS F 203 11.33 8.23 -47.17
CA LYS F 203 10.86 9.47 -47.76
C LYS F 203 9.48 9.86 -47.37
N LEU F 204 8.55 8.91 -47.38
CA LEU F 204 7.14 9.17 -47.08
C LEU F 204 6.92 9.70 -45.65
N PHE F 205 7.59 9.10 -44.70
CA PHE F 205 7.36 9.46 -43.31
C PHE F 205 8.33 10.47 -42.79
N PHE F 206 9.57 10.40 -43.23
CA PHE F 206 10.59 11.33 -42.72
C PHE F 206 11.10 12.43 -43.70
N GLY F 207 10.58 12.42 -44.92
CA GLY F 207 10.82 13.51 -45.86
C GLY F 207 12.13 13.39 -46.59
N GLN F 208 12.90 12.34 -46.32
CA GLN F 208 14.19 12.10 -46.98
C GLN F 208 14.69 10.71 -46.71
N GLU F 209 15.70 10.26 -47.46
CA GLU F 209 16.42 9.04 -47.14
C GLU F 209 17.47 9.30 -46.10
N ASN F 210 17.89 8.25 -45.42
CA ASN F 210 18.84 8.36 -44.33
C ASN F 210 18.42 9.43 -43.31
N PRO F 211 17.17 9.40 -42.83
CA PRO F 211 16.70 10.54 -42.01
C PRO F 211 17.30 10.53 -40.62
N ASP F 212 17.31 11.70 -40.01
CA ASP F 212 17.62 11.81 -38.57
C ASP F 212 16.36 11.39 -37.79
N VAL F 213 16.49 10.29 -37.08
CA VAL F 213 15.35 9.76 -36.31
C VAL F 213 15.70 9.63 -34.84
N SER F 214 16.53 10.57 -34.38
CA SER F 214 17.06 10.51 -32.99
C SER F 214 16.00 11.05 -32.01
N LYS F 215 15.03 11.83 -32.48
CA LYS F 215 14.05 12.54 -31.59
C LYS F 215 12.61 12.06 -31.66
N VAL F 216 11.92 12.06 -30.52
CA VAL F 216 10.46 11.90 -30.40
C VAL F 216 9.88 13.33 -30.56
N SER F 217 8.85 13.50 -31.39
CA SER F 217 8.24 14.80 -31.49
C SER F 217 6.82 14.65 -31.92
N LYS F 218 6.00 15.68 -31.71
CA LYS F 218 4.56 15.55 -32.01
C LYS F 218 4.34 15.43 -33.50
N ASP F 219 5.29 15.93 -34.26
CA ASP F 219 5.13 15.88 -35.69
C ASP F 219 5.64 14.61 -36.36
N ARG F 220 6.41 13.79 -35.61
CA ARG F 220 6.92 12.53 -36.10
C ARG F 220 5.81 11.48 -36.11
N LYS F 221 5.77 10.63 -37.15
CA LYS F 221 4.56 9.77 -37.26
C LYS F 221 4.89 8.28 -37.42
N LEU F 222 6.13 7.91 -37.26
CA LEU F 222 6.46 6.49 -37.40
C LEU F 222 7.53 6.10 -36.35
N TYR F 223 7.19 5.03 -35.64
CA TYR F 223 8.11 4.45 -34.66
C TYR F 223 8.01 2.94 -34.71
N ARG F 224 9.14 2.29 -34.79
CA ARG F 224 9.20 0.80 -34.79
C ARG F 224 9.92 0.41 -33.46
N ILE F 225 9.10 -0.09 -32.52
CA ILE F 225 9.71 -0.50 -31.21
C ILE F 225 10.27 -1.88 -31.30
N THR F 226 11.47 -2.03 -30.78
CA THR F 226 12.14 -3.37 -30.83
C THR F 226 12.71 -3.65 -29.44
N HIS F 227 13.03 -4.90 -29.14
CA HIS F 227 13.47 -5.27 -27.78
C HIS F 227 14.73 -6.11 -27.87
N ARG F 228 15.64 -5.84 -26.94
CA ARG F 228 16.82 -6.72 -26.67
CA ARG F 228 16.84 -6.70 -26.81
C ARG F 228 16.43 -8.19 -26.74
N GLY F 229 17.14 -8.99 -27.55
CA GLY F 229 16.84 -10.42 -27.54
C GLY F 229 15.73 -10.88 -28.48
N ASP F 230 14.91 -9.98 -29.04
CA ASP F 230 13.80 -10.37 -29.88
C ASP F 230 14.28 -10.47 -31.30
N ILE F 231 14.37 -11.68 -31.81
CA ILE F 231 14.83 -11.78 -33.22
C ILE F 231 13.77 -11.54 -34.28
N VAL F 232 12.48 -11.36 -33.90
CA VAL F 232 11.44 -11.20 -34.92
C VAL F 232 11.69 -9.96 -35.75
N PRO F 233 12.19 -8.83 -35.16
CA PRO F 233 12.55 -7.71 -36.02
C PRO F 233 13.75 -7.94 -36.96
N GLN F 234 14.38 -9.12 -36.88
CA GLN F 234 15.53 -9.39 -37.72
C GLN F 234 15.07 -10.37 -38.79
N VAL F 235 13.82 -10.82 -38.75
CA VAL F 235 13.36 -11.81 -39.77
C VAL F 235 12.47 -11.09 -40.80
N PRO F 236 12.49 -11.54 -42.08
CA PRO F 236 13.31 -12.62 -42.65
C PRO F 236 14.82 -12.33 -42.69
N PHE F 237 15.63 -13.37 -42.40
CA PHE F 237 17.12 -13.35 -42.39
C PHE F 237 17.65 -13.55 -43.83
N TRP F 238 17.19 -12.75 -44.77
CA TRP F 238 17.59 -12.86 -46.16
C TRP F 238 17.95 -11.48 -46.65
N ASP F 239 19.09 -11.37 -47.32
CA ASP F 239 19.72 -10.06 -47.51
C ASP F 239 18.94 -9.10 -48.44
N GLY F 240 17.92 -9.59 -49.17
CA GLY F 240 16.96 -8.69 -49.87
C GLY F 240 16.08 -7.82 -48.95
N TYR F 241 15.69 -8.38 -47.80
CA TYR F 241 14.90 -7.63 -46.82
C TYR F 241 15.68 -6.53 -46.08
N GLN F 242 15.11 -5.31 -46.03
CA GLN F 242 15.68 -4.27 -45.15
C GLN F 242 14.56 -3.39 -44.50
N HIS F 243 14.79 -2.95 -43.24
CA HIS F 243 13.82 -2.14 -42.55
C HIS F 243 13.90 -0.68 -43.01
N CYS F 244 12.81 0.00 -42.82
CA CYS F 244 12.81 1.43 -42.83
C CYS F 244 13.43 1.94 -41.54
N SER F 245 13.68 3.23 -41.48
CA SER F 245 14.25 3.90 -40.27
C SER F 245 13.16 4.08 -39.26
N GLY F 246 13.56 4.41 -38.04
CA GLY F 246 12.51 4.76 -37.07
C GLY F 246 12.55 3.84 -35.83
N GLU F 247 13.63 3.05 -35.66
CA GLU F 247 13.71 2.11 -34.51
C GLU F 247 13.83 2.78 -33.16
N VAL F 248 13.04 2.24 -32.23
CA VAL F 248 13.11 2.66 -30.80
C VAL F 248 13.41 1.32 -30.08
N PHE F 249 14.51 1.26 -29.36
CA PHE F 249 15.01 -0.03 -28.84
C PHE F 249 14.93 -0.10 -27.32
N ILE F 250 14.32 -1.17 -26.84
CA ILE F 250 14.24 -1.42 -25.38
C ILE F 250 15.46 -2.21 -25.04
N ASP F 251 16.48 -1.55 -24.51
CA ASP F 251 17.72 -2.24 -24.13
C ASP F 251 17.67 -2.76 -22.71
N TRP F 252 16.89 -3.80 -22.48
CA TRP F 252 16.66 -4.24 -21.10
C TRP F 252 16.02 -5.62 -21.27
N PRO F 253 16.29 -6.55 -20.38
CA PRO F 253 15.80 -7.89 -20.68
C PRO F 253 14.37 -8.21 -20.23
N LEU F 254 13.67 -7.28 -19.55
CA LEU F 254 12.38 -7.57 -18.92
C LEU F 254 11.36 -6.56 -19.49
N ILE F 255 10.12 -6.76 -19.07
CA ILE F 255 9.16 -5.69 -19.21
C ILE F 255 9.52 -4.53 -18.24
N HIS F 256 8.72 -3.46 -18.31
CA HIS F 256 8.89 -2.25 -17.44
C HIS F 256 10.32 -1.77 -17.35
N PRO F 257 10.96 -1.51 -18.49
CA PRO F 257 12.31 -1.05 -18.46
C PRO F 257 12.50 0.28 -17.77
N PRO F 258 13.67 0.53 -17.27
CA PRO F 258 13.98 1.88 -16.80
C PRO F 258 14.04 2.88 -17.93
N LEU F 259 13.72 4.14 -17.59
CA LEU F 259 13.71 5.25 -18.56
C LEU F 259 15.02 5.33 -19.33
N SER F 260 16.14 5.07 -18.65
CA SER F 260 17.45 5.20 -19.29
C SER F 260 17.66 4.11 -20.38
N ASN F 261 16.88 3.08 -20.41
CA ASN F 261 17.15 1.96 -21.27
C ASN F 261 16.24 1.85 -22.46
N VAL F 262 15.47 2.89 -22.76
CA VAL F 262 14.77 2.92 -24.04
C VAL F 262 15.42 4.02 -24.90
N VAL F 263 15.93 3.64 -26.10
CA VAL F 263 16.79 4.60 -26.89
C VAL F 263 16.24 4.70 -28.31
N MET F 264 16.41 5.88 -28.89
CA MET F 264 16.07 6.16 -30.30
C MET F 264 17.38 5.75 -31.07
N CYS F 265 17.23 4.91 -32.13
CA CYS F 265 18.41 4.40 -32.87
C CYS F 265 18.35 5.02 -34.24
N GLN F 266 19.48 5.54 -34.70
CA GLN F 266 19.54 5.93 -36.12
C GLN F 266 19.71 4.73 -37.02
N GLY F 267 19.33 4.93 -38.29
CA GLY F 267 19.69 3.95 -39.31
C GLY F 267 18.64 2.89 -39.54
N GLN F 268 18.85 2.11 -40.61
CA GLN F 268 17.97 1.02 -40.93
C GLN F 268 18.49 -0.26 -40.32
N SER F 269 19.72 -0.24 -39.86
CA SER F 269 20.33 -1.35 -39.16
C SER F 269 21.26 -0.70 -38.16
N ASN F 270 21.15 -1.13 -36.90
CA ASN F 270 21.98 -0.52 -35.84
C ASN F 270 22.51 -1.53 -34.82
N LYS F 271 23.82 -1.73 -34.80
CA LYS F 271 24.38 -2.75 -33.93
C LYS F 271 24.23 -2.44 -32.44
N GLN F 272 23.82 -1.21 -32.10
CA GLN F 272 23.55 -0.88 -30.65
C GLN F 272 22.12 -1.35 -30.30
N CYS F 273 21.37 -1.68 -31.34
CA CYS F 273 19.94 -2.01 -31.19
C CYS F 273 19.63 -3.41 -31.71
N SER F 274 18.54 -3.59 -32.43
CA SER F 274 18.08 -4.96 -32.76
C SER F 274 19.16 -5.75 -33.51
N ALA F 275 19.82 -5.03 -34.44
CA ALA F 275 20.79 -5.73 -35.33
C ALA F 275 21.92 -6.30 -34.55
N GLY F 276 22.14 -5.78 -33.33
CA GLY F 276 23.15 -6.26 -32.41
C GLY F 276 22.75 -7.46 -31.61
N ASN F 277 21.53 -7.99 -31.79
CA ASN F 277 21.16 -9.11 -30.99
C ASN F 277 22.19 -10.25 -31.10
N THR F 278 22.68 -10.71 -29.94
CA THR F 278 23.73 -11.71 -29.86
C THR F 278 23.05 -13.09 -29.76
N LEU F 279 23.69 -14.12 -30.32
N LEU F 279 23.64 -14.15 -30.30
CA LEU F 279 23.25 -15.52 -30.20
CA LEU F 279 22.99 -15.47 -30.20
C LEU F 279 22.68 -15.88 -28.81
C LEU F 279 22.59 -15.86 -28.76
N LEU F 280 23.39 -15.45 -27.75
CA LEU F 280 22.96 -15.67 -26.36
C LEU F 280 21.68 -14.88 -25.96
N GLN F 281 21.61 -13.61 -26.41
CA GLN F 281 20.40 -12.74 -26.24
C GLN F 281 19.17 -13.25 -26.98
N GLN F 282 19.38 -13.69 -28.23
CA GLN F 282 18.35 -14.23 -29.11
C GLN F 282 17.72 -15.51 -28.60
N VAL F 283 18.42 -16.24 -27.72
CA VAL F 283 17.85 -17.36 -27.03
C VAL F 283 16.50 -16.90 -26.44
N ASN F 284 15.72 -17.79 -25.99
CA ASN F 284 14.40 -17.44 -25.58
C ASN F 284 13.62 -16.62 -26.56
N VAL F 285 13.49 -17.17 -27.74
CA VAL F 285 12.81 -16.52 -28.86
C VAL F 285 11.40 -16.01 -28.53
N ILE F 286 10.50 -16.89 -28.07
CA ILE F 286 9.15 -16.42 -27.81
C ILE F 286 9.13 -15.43 -26.64
N GLY F 287 9.72 -15.81 -25.51
CA GLY F 287 9.67 -14.90 -24.33
C GLY F 287 10.17 -13.50 -24.65
N ASN F 288 11.33 -13.35 -25.34
CA ASN F 288 11.88 -12.01 -25.65
C ASN F 288 11.01 -11.22 -26.61
N HIS F 289 10.19 -11.92 -27.37
CA HIS F 289 9.27 -11.24 -28.31
C HIS F 289 8.03 -10.73 -27.61
N LEU F 290 7.80 -11.15 -26.37
CA LEU F 290 6.63 -10.67 -25.63
C LEU F 290 6.90 -9.43 -24.74
N GLN F 291 8.15 -9.09 -24.52
CA GLN F 291 8.52 -8.08 -23.45
C GLN F 291 8.66 -6.73 -24.07
N TYR F 292 7.54 -6.01 -24.17
CA TYR F 292 7.48 -4.68 -24.78
C TYR F 292 6.74 -3.73 -23.85
N PHE F 293 7.43 -3.27 -22.81
CA PHE F 293 6.88 -2.43 -21.73
C PHE F 293 5.93 -3.23 -20.84
N VAL F 294 4.86 -3.69 -21.44
CA VAL F 294 4.04 -4.76 -20.83
C VAL F 294 4.23 -6.10 -21.55
N THR F 295 3.69 -7.19 -20.98
CA THR F 295 3.77 -8.47 -21.68
C THR F 295 2.84 -8.41 -22.87
N GLU F 296 3.29 -8.78 -24.07
CA GLU F 296 2.39 -8.80 -25.20
C GLU F 296 1.95 -10.28 -25.45
N GLY F 297 0.77 -10.53 -26.00
CA GLY F 297 0.42 -11.90 -26.46
C GLY F 297 -0.60 -12.64 -25.55
N VAL F 298 -0.89 -12.12 -24.33
CA VAL F 298 -1.81 -12.82 -23.42
C VAL F 298 -2.83 -11.79 -22.96
N CYS F 299 -4.10 -12.02 -23.23
CA CYS F 299 -5.17 -11.13 -22.81
C CYS F 299 -5.28 -11.25 -21.30
N GLY F 300 -5.34 -10.09 -20.62
CA GLY F 300 -5.67 -10.09 -19.20
C GLY F 300 -4.48 -9.78 -18.31
N ILE F 301 -3.26 -9.87 -18.86
CA ILE F 301 -2.11 -9.34 -18.13
C ILE F 301 -1.48 -8.12 -18.90
N VAL G 1 -47.54 42.78 16.22
CA VAL G 1 -47.57 41.95 17.47
C VAL G 1 -48.67 42.39 18.47
N TYR G 2 -49.47 41.44 18.96
CA TYR G 2 -50.49 41.79 19.97
C TYR G 2 -49.77 41.97 21.29
N THR G 3 -49.71 43.20 21.81
CA THR G 3 -49.02 43.41 23.09
C THR G 3 -50.02 43.64 24.22
N SER G 4 -49.54 43.38 25.43
CA SER G 4 -50.39 43.55 26.59
C SER G 4 -49.54 43.77 27.84
N THR G 5 -50.15 44.32 28.90
CA THR G 5 -49.51 44.36 30.23
C THR G 5 -50.38 43.71 31.32
N GLU G 6 -51.40 42.97 30.89
CA GLU G 6 -52.37 42.36 31.81
C GLU G 6 -51.86 40.96 32.19
N THR G 7 -51.96 40.64 33.47
CA THR G 7 -51.66 39.29 34.00
C THR G 7 -52.75 38.87 35.01
N SER G 8 -52.89 37.56 35.25
CA SER G 8 -53.87 36.99 36.21
C SER G 8 -53.18 35.94 37.06
N HIS G 9 -53.53 35.93 38.35
CA HIS G 9 -53.05 34.91 39.28
C HIS G 9 -53.61 33.49 38.98
N ILE G 10 -53.02 32.46 39.61
CA ILE G 10 -53.45 31.08 39.41
C ILE G 10 -53.61 30.43 40.80
N ASP G 11 -54.45 29.40 40.88
CA ASP G 11 -54.67 28.72 42.18
C ASP G 11 -53.64 27.60 42.34
N GLN G 12 -53.72 26.83 43.44
CA GLN G 12 -52.75 25.75 43.69
C GLN G 12 -52.82 24.62 42.68
N GLU G 13 -54.03 24.28 42.27
CA GLU G 13 -54.23 23.15 41.37
C GLU G 13 -53.52 23.42 40.01
N SER G 14 -53.62 24.65 39.51
CA SER G 14 -52.93 25.08 38.26
C SER G 14 -51.40 25.07 38.42
N TYR G 15 -50.90 25.58 39.54
CA TYR G 15 -49.45 25.56 39.83
C TYR G 15 -48.91 24.09 39.78
N ASN G 16 -49.63 23.14 40.40
CA ASN G 16 -49.21 21.72 40.43
C ASN G 16 -49.17 21.13 39.01
N PHE G 17 -50.10 21.58 38.19
CA PHE G 17 -50.23 21.16 36.78
C PHE G 17 -48.97 21.57 35.98
N PHE G 18 -48.61 22.85 36.09
CA PHE G 18 -47.38 23.35 35.43
C PHE G 18 -46.13 22.63 35.95
N GLU G 19 -45.97 22.62 37.28
CA GLU G 19 -44.90 21.85 37.96
C GLU G 19 -44.81 20.36 37.51
N LYS G 20 -45.97 19.71 37.30
CA LYS G 20 -45.98 18.35 36.75
C LYS G 20 -45.18 18.25 35.42
N TYR G 21 -45.47 19.15 34.46
CA TYR G 21 -44.79 19.10 33.16
C TYR G 21 -43.34 19.58 33.26
N ALA G 22 -43.08 20.53 34.16
CA ALA G 22 -41.71 20.90 34.51
C ALA G 22 -40.90 19.68 34.97
N ARG G 23 -41.52 18.75 35.71
CA ARG G 23 -40.79 17.52 36.18
C ARG G 23 -40.55 16.51 35.05
N LEU G 24 -41.60 16.30 34.25
CA LEU G 24 -41.55 15.36 33.17
C LEU G 24 -40.55 15.86 32.15
N ALA G 25 -40.50 17.19 31.93
CA ALA G 25 -39.54 17.79 30.97
C ALA G 25 -38.14 17.51 31.43
N ASN G 26 -37.91 17.78 32.73
CA ASN G 26 -36.64 17.47 33.41
C ASN G 26 -36.16 16.00 33.33
N ILE G 27 -37.08 15.05 33.40
CA ILE G 27 -36.70 13.61 33.34
C ILE G 27 -36.14 13.31 31.94
N GLY G 28 -36.52 14.13 30.96
CA GLY G 28 -35.89 14.11 29.63
C GLY G 28 -34.37 14.12 29.71
N TYR G 29 -33.81 14.84 30.69
CA TYR G 29 -32.34 14.97 30.79
C TYR G 29 -31.65 13.66 31.28
N CYS G 30 -32.46 12.66 31.60
CA CYS G 30 -31.96 11.30 31.92
C CYS G 30 -31.67 10.47 30.66
N VAL G 31 -32.21 10.92 29.54
CA VAL G 31 -31.98 10.30 28.25
C VAL G 31 -30.73 10.99 27.67
N GLY G 32 -29.58 10.35 27.82
CA GLY G 32 -28.26 10.80 27.30
C GLY G 32 -27.40 9.59 26.90
N PRO G 33 -26.07 9.80 26.62
CA PRO G 33 -25.11 8.70 26.26
C PRO G 33 -24.69 7.83 27.44
N GLY G 34 -24.77 6.51 27.27
CA GLY G 34 -24.66 5.57 28.38
C GLY G 34 -25.82 5.61 29.40
N THR G 35 -26.83 6.46 29.19
CA THR G 35 -27.82 6.70 30.27
C THR G 35 -29.28 6.46 29.83
N LYS G 36 -30.14 6.14 30.82
CA LYS G 36 -31.52 5.70 30.56
C LYS G 36 -32.51 5.90 31.73
N ILE G 37 -33.80 5.99 31.39
CA ILE G 37 -34.88 5.83 32.37
C ILE G 37 -35.10 4.31 32.51
N PHE G 38 -34.93 3.80 33.74
CA PHE G 38 -35.15 2.37 33.98
C PHE G 38 -36.65 2.02 34.04
N LYS G 39 -36.99 0.91 33.40
CA LYS G 39 -38.37 0.43 33.26
C LYS G 39 -38.92 -0.07 34.63
N PRO G 40 -40.17 0.27 35.00
CA PRO G 40 -41.21 1.01 34.25
C PRO G 40 -40.98 2.54 34.18
N PHE G 41 -40.59 3.17 35.29
CA PHE G 41 -40.29 4.61 35.37
C PHE G 41 -39.45 4.94 36.62
N ASN G 42 -38.15 4.73 36.49
CA ASN G 42 -37.24 4.81 37.64
C ASN G 42 -35.89 5.45 37.27
N CYS G 43 -35.72 6.70 37.69
CA CYS G 43 -34.48 7.43 37.40
C CYS G 43 -34.04 8.21 38.63
N GLY G 44 -34.37 7.67 39.80
CA GLY G 44 -34.05 8.30 41.09
C GLY G 44 -35.23 9.06 41.68
N LEU G 45 -34.94 10.22 42.27
CA LEU G 45 -35.96 11.04 42.93
C LEU G 45 -36.55 12.16 42.05
N GLN G 46 -37.05 11.73 40.90
CA GLN G 46 -37.79 12.59 39.97
C GLN G 46 -38.90 11.76 39.33
N CYS G 47 -38.57 10.55 38.93
CA CYS G 47 -39.51 9.58 38.39
C CYS G 47 -40.41 8.99 39.48
N ALA G 48 -39.92 9.09 40.73
CA ALA G 48 -40.69 8.71 41.93
C ALA G 48 -42.01 9.51 42.09
N HIS G 49 -42.03 10.75 41.63
CA HIS G 49 -43.26 11.60 41.61
C HIS G 49 -44.37 11.09 40.66
N PHE G 50 -44.04 10.07 39.85
CA PHE G 50 -44.97 9.51 38.87
C PHE G 50 -45.10 7.97 38.99
N PRO G 51 -45.85 7.50 40.02
CA PRO G 51 -46.24 6.09 40.01
C PRO G 51 -47.36 5.87 38.96
N ASN G 52 -47.45 4.66 38.41
CA ASN G 52 -48.40 4.32 37.33
C ASN G 52 -47.99 4.81 35.93
N VAL G 53 -46.73 5.22 35.81
CA VAL G 53 -46.14 5.59 34.52
C VAL G 53 -45.29 4.41 34.03
N GLU G 54 -45.48 4.04 32.77
CA GLU G 54 -44.69 2.98 32.13
C GLU G 54 -43.92 3.58 30.92
N LEU G 55 -42.58 3.59 30.99
CA LEU G 55 -41.75 4.03 29.86
C LEU G 55 -41.96 3.09 28.68
N ILE G 56 -42.25 3.69 27.52
CA ILE G 56 -42.46 2.96 26.26
C ILE G 56 -41.17 2.88 25.43
N GLU G 57 -40.52 4.02 25.20
CA GLU G 57 -39.21 4.06 24.51
C GLU G 57 -38.55 5.45 24.59
N GLU G 58 -37.23 5.45 24.70
CA GLU G 58 -36.47 6.69 24.56
C GLU G 58 -36.02 6.75 23.10
N PHE G 59 -35.72 7.96 22.65
CA PHE G 59 -34.97 8.13 21.42
C PHE G 59 -33.76 9.00 21.81
N HIS G 60 -32.62 8.68 21.21
CA HIS G 60 -31.34 9.29 21.61
C HIS G 60 -30.70 9.88 20.35
N ASP G 61 -29.59 10.58 20.56
CA ASP G 61 -28.87 11.23 19.51
C ASP G 61 -27.35 10.96 19.68
N PRO G 62 -26.95 9.70 19.61
CA PRO G 62 -25.55 9.40 19.94
C PRO G 62 -24.54 10.06 18.97
N ARG G 63 -24.97 10.39 17.74
CA ARG G 63 -24.09 11.06 16.77
C ARG G 63 -24.13 12.59 16.87
N LEU G 64 -25.10 13.09 17.63
CA LEU G 64 -25.28 14.52 17.81
C LEU G 64 -25.56 15.14 16.42
N ILE G 65 -26.56 14.58 15.74
CA ILE G 65 -26.98 15.03 14.40
C ILE G 65 -28.48 15.27 14.29
N PHE G 66 -29.23 14.76 15.26
CA PHE G 66 -30.69 14.90 15.26
C PHE G 66 -31.13 16.17 16.01
N ASP G 67 -30.29 16.54 16.99
CA ASP G 67 -30.45 17.72 17.88
C ASP G 67 -31.54 17.56 18.91
N VAL G 68 -32.12 16.35 18.96
CA VAL G 68 -33.16 16.06 19.92
C VAL G 68 -33.02 14.66 20.41
N SER G 69 -33.42 14.46 21.68
CA SER G 69 -33.65 13.12 22.23
C SER G 69 -34.89 13.20 23.16
N GLY G 70 -35.30 12.08 23.76
CA GLY G 70 -36.46 12.19 24.64
C GLY G 70 -37.09 10.84 24.97
N TYR G 71 -38.37 10.86 25.39
CA TYR G 71 -39.01 9.58 25.67
C TYR G 71 -40.49 9.63 25.40
N LEU G 72 -41.07 8.46 25.18
CA LEU G 72 -42.52 8.31 25.05
C LEU G 72 -42.96 7.41 26.21
N ALA G 73 -43.97 7.85 26.97
CA ALA G 73 -44.44 7.10 28.15
C ALA G 73 -45.96 7.10 28.24
N VAL G 74 -46.52 6.21 29.07
CA VAL G 74 -47.94 6.19 29.36
C VAL G 74 -48.18 6.26 30.87
N ASP G 75 -48.93 7.28 31.29
CA ASP G 75 -49.51 7.34 32.65
C ASP G 75 -50.86 6.57 32.62
N HIS G 76 -50.90 5.42 33.30
CA HIS G 76 -52.11 4.59 33.41
C HIS G 76 -53.15 5.15 34.39
N ALA G 77 -52.67 5.97 35.32
CA ALA G 77 -53.53 6.67 36.27
C ALA G 77 -54.25 7.82 35.60
N SER G 78 -53.49 8.85 35.19
CA SER G 78 -54.09 10.02 34.52
C SER G 78 -54.73 9.72 33.12
N LYS G 79 -54.49 8.50 32.61
CA LYS G 79 -54.93 8.08 31.27
C LYS G 79 -54.37 9.04 30.22
N GLN G 80 -53.03 9.12 30.21
CA GLN G 80 -52.30 10.05 29.33
C GLN G 80 -51.10 9.41 28.64
N ILE G 81 -50.82 9.91 27.44
CA ILE G 81 -49.61 9.60 26.71
C ILE G 81 -48.67 10.82 26.75
N TYR G 82 -47.52 10.64 27.39
CA TYR G 82 -46.49 11.68 27.48
C TYR G 82 -45.46 11.51 26.34
N LEU G 83 -45.19 12.60 25.59
CA LEU G 83 -44.01 12.70 24.71
C LEU G 83 -43.20 13.89 25.18
N VAL G 84 -41.95 13.63 25.56
CA VAL G 84 -41.08 14.61 26.23
C VAL G 84 -39.79 14.72 25.41
N ILE G 85 -39.48 15.93 24.97
CA ILE G 85 -38.32 16.15 24.07
C ILE G 85 -37.38 17.12 24.75
N ARG G 86 -36.09 16.86 24.58
CA ARG G 86 -35.05 17.76 25.07
C ARG G 86 -34.20 18.01 23.83
N GLY G 87 -33.39 19.07 23.87
CA GLY G 87 -32.45 19.32 22.75
C GLY G 87 -31.16 18.60 23.10
N THR G 88 -30.31 18.38 22.08
CA THR G 88 -29.00 17.76 22.36
C THR G 88 -27.74 18.63 22.21
N HIS G 89 -27.90 19.88 21.75
CA HIS G 89 -26.84 20.88 21.94
C HIS G 89 -26.74 21.02 23.45
N SER G 90 -25.52 21.16 23.98
CA SER G 90 -25.36 21.41 25.41
C SER G 90 -26.10 22.73 25.75
N LEU G 91 -26.60 22.87 26.99
CA LEU G 91 -27.32 24.08 27.43
C LEU G 91 -26.38 25.26 27.48
N GLU G 92 -25.12 24.98 27.83
CA GLU G 92 -24.01 25.93 27.69
C GLU G 92 -24.00 26.55 26.27
N ASP G 93 -24.10 25.72 25.23
CA ASP G 93 -24.04 26.22 23.83
C ASP G 93 -25.34 26.94 23.40
N VAL G 94 -26.50 26.36 23.73
CA VAL G 94 -27.81 27.05 23.54
C VAL G 94 -27.80 28.52 24.05
N ILE G 95 -27.20 28.77 25.21
CA ILE G 95 -27.24 30.14 25.80
C ILE G 95 -26.12 31.09 25.35
N THR G 96 -25.15 30.56 24.59
CA THR G 96 -23.94 31.33 24.25
C THR G 96 -23.66 31.43 22.77
N ASP G 97 -24.11 30.45 22.00
CA ASP G 97 -23.80 30.43 20.55
C ASP G 97 -25.00 30.97 19.77
N ILE G 98 -24.93 32.24 19.39
CA ILE G 98 -26.04 32.87 18.65
C ILE G 98 -26.38 32.09 17.35
N ARG G 99 -25.41 31.36 16.78
CA ARG G 99 -25.63 30.62 15.51
C ARG G 99 -26.86 29.69 15.55
N ILE G 100 -27.05 29.05 16.70
CA ILE G 100 -28.19 28.14 16.91
C ILE G 100 -29.53 28.85 16.71
N MET G 101 -29.60 30.11 17.11
CA MET G 101 -30.87 30.86 17.03
C MET G 101 -31.15 31.40 15.64
N GLN G 102 -30.09 31.62 14.86
CA GLN G 102 -30.09 32.35 13.60
C GLN G 102 -30.38 31.58 12.33
N ALA G 103 -31.26 30.60 12.36
CA ALA G 103 -31.58 29.86 11.14
C ALA G 103 -32.46 30.74 10.21
N PRO G 104 -32.49 30.44 8.88
CA PRO G 104 -33.45 31.13 8.00
C PRO G 104 -34.89 30.67 8.28
N LEU G 105 -35.86 31.52 7.90
CA LEU G 105 -37.27 31.12 7.94
C LEU G 105 -37.59 30.16 6.75
N THR G 106 -38.23 29.03 7.05
CA THR G 106 -38.59 27.97 6.08
C THR G 106 -40.10 27.73 6.18
N ASN G 107 -40.77 27.39 5.07
CA ASN G 107 -42.19 27.04 5.17
C ASN G 107 -42.47 25.79 6.00
N PHE G 108 -43.43 25.93 6.94
CA PHE G 108 -43.77 24.86 7.85
C PHE G 108 -44.44 23.70 7.11
N ASP G 109 -44.92 23.96 5.89
CA ASP G 109 -45.49 22.87 5.04
C ASP G 109 -44.43 21.82 4.59
N LEU G 110 -43.16 22.19 4.65
CA LEU G 110 -42.02 21.29 4.39
C LEU G 110 -41.63 20.41 5.63
N ALA G 111 -42.22 20.67 6.80
CA ALA G 111 -42.05 19.73 7.93
C ALA G 111 -42.85 18.43 7.68
N ALA G 112 -42.35 17.31 8.21
CA ALA G 112 -43.01 15.99 8.07
C ALA G 112 -44.47 16.03 8.55
N ASN G 113 -45.34 15.31 7.83
CA ASN G 113 -46.75 15.18 8.21
C ASN G 113 -47.52 16.52 8.24
N ILE G 114 -46.98 17.53 7.54
CA ILE G 114 -47.67 18.83 7.35
C ILE G 114 -47.97 19.03 5.86
N SER G 115 -49.24 18.83 5.46
CA SER G 115 -49.68 19.04 4.06
C SER G 115 -49.48 20.48 3.59
N SER G 116 -49.48 20.68 2.27
CA SER G 116 -49.26 22.00 1.65
C SER G 116 -50.35 23.05 1.94
N THR G 117 -51.52 22.61 2.41
CA THR G 117 -52.61 23.51 2.80
C THR G 117 -53.04 23.34 4.27
N ALA G 118 -52.38 22.46 5.02
CA ALA G 118 -52.66 22.30 6.46
C ALA G 118 -52.21 23.53 7.26
N THR G 119 -51.18 24.21 6.78
CA THR G 119 -50.74 25.49 7.37
C THR G 119 -51.14 26.67 6.52
N CYS G 120 -51.02 27.86 7.11
CA CYS G 120 -51.19 29.12 6.39
C CYS G 120 -50.04 29.27 5.39
N ASP G 121 -50.35 29.89 4.24
CA ASP G 121 -49.39 30.16 3.14
C ASP G 121 -48.13 30.92 3.56
N ASP G 122 -48.26 31.72 4.62
CA ASP G 122 -47.13 32.52 5.13
C ASP G 122 -46.65 32.05 6.51
N CYS G 123 -46.78 30.74 6.79
CA CYS G 123 -46.41 30.19 8.10
C CYS G 123 -44.95 29.75 8.03
N LEU G 124 -44.06 30.64 8.45
CA LEU G 124 -42.62 30.38 8.31
C LEU G 124 -42.03 30.19 9.71
N VAL G 125 -41.02 29.30 9.78
CA VAL G 125 -40.45 28.77 11.02
C VAL G 125 -38.91 28.72 10.86
N HIS G 126 -38.19 28.97 11.95
CA HIS G 126 -36.79 28.68 12.09
C HIS G 126 -36.45 27.31 11.51
N ASN G 127 -35.56 27.27 10.52
CA ASN G 127 -35.26 26.03 9.78
C ASN G 127 -34.64 24.88 10.62
N GLY G 128 -33.79 25.26 11.58
CA GLY G 128 -33.21 24.34 12.57
C GLY G 128 -34.29 23.62 13.39
N PHE G 129 -35.20 24.38 14.02
CA PHE G 129 -36.37 23.75 14.75
C PHE G 129 -37.24 22.85 13.86
N ILE G 130 -37.36 23.20 12.58
CA ILE G 130 -38.07 22.33 11.60
C ILE G 130 -37.40 20.96 11.44
N GLN G 131 -36.08 20.96 11.30
CA GLN G 131 -35.31 19.66 11.30
C GLN G 131 -35.41 18.92 12.63
N SER G 132 -35.21 19.65 13.72
CA SER G 132 -35.35 19.06 15.05
C SER G 132 -36.70 18.34 15.12
N TYR G 133 -37.78 19.04 14.72
CA TYR G 133 -39.11 18.42 14.72
C TYR G 133 -39.12 17.17 13.82
N ASN G 134 -38.65 17.36 12.58
CA ASN G 134 -38.54 16.32 11.55
C ASN G 134 -37.84 15.07 12.06
N ASN G 135 -36.67 15.27 12.67
CA ASN G 135 -35.94 14.17 13.34
C ASN G 135 -36.70 13.50 14.49
N THR G 136 -37.53 14.26 15.22
CA THR G 136 -38.31 13.67 16.33
C THR G 136 -39.40 12.80 15.72
N TYR G 137 -40.09 13.38 14.73
CA TYR G 137 -41.14 12.68 13.99
C TYR G 137 -40.58 11.37 13.42
N ASN G 138 -39.42 11.47 12.75
CA ASN G 138 -38.78 10.33 12.09
C ASN G 138 -38.43 9.21 13.08
N GLN G 139 -38.04 9.59 14.32
CA GLN G 139 -37.56 8.61 15.33
C GLN G 139 -38.68 7.94 16.11
N ILE G 140 -39.67 8.73 16.52
CA ILE G 140 -40.67 8.29 17.52
C ILE G 140 -42.14 8.39 17.03
N GLY G 141 -42.31 8.91 15.81
CA GLY G 141 -43.62 9.04 15.17
C GLY G 141 -44.43 7.73 15.04
N PRO G 142 -43.85 6.70 14.39
CA PRO G 142 -44.52 5.39 14.18
C PRO G 142 -44.84 4.63 15.49
N LYS G 143 -43.93 4.71 16.46
CA LYS G 143 -44.15 4.12 17.78
C LYS G 143 -45.28 4.83 18.54
N LEU G 144 -45.28 6.16 18.48
CA LEU G 144 -46.33 6.98 19.10
C LEU G 144 -47.72 6.65 18.51
N ASP G 145 -47.82 6.51 17.20
CA ASP G 145 -49.11 6.20 16.58
C ASP G 145 -49.58 4.77 16.85
N SER G 146 -48.62 3.86 17.08
CA SER G 146 -48.91 2.51 17.54
C SER G 146 -49.51 2.56 18.97
N VAL G 147 -48.96 3.42 19.82
CA VAL G 147 -49.45 3.64 21.19
C VAL G 147 -50.76 4.45 21.21
N ILE G 148 -50.96 5.31 20.21
CA ILE G 148 -52.24 6.03 20.05
C ILE G 148 -53.35 5.06 19.59
N GLU G 149 -52.97 4.10 18.74
CA GLU G 149 -53.88 3.02 18.34
C GLU G 149 -54.26 2.15 19.56
N GLN G 150 -53.28 1.85 20.43
CA GLN G 150 -53.46 1.01 21.64
C GLN G 150 -54.47 1.53 22.68
N TYR G 151 -54.34 2.80 23.06
CA TYR G 151 -55.27 3.44 23.98
C TYR G 151 -55.89 4.65 23.28
N PRO G 152 -56.88 4.41 22.38
CA PRO G 152 -57.33 5.43 21.43
C PRO G 152 -57.95 6.69 22.06
N ASP G 153 -58.21 6.65 23.36
CA ASP G 153 -58.92 7.72 24.07
C ASP G 153 -58.06 8.43 25.16
N TYR G 154 -56.82 7.97 25.33
CA TYR G 154 -55.84 8.61 26.22
C TYR G 154 -55.47 10.03 25.75
N GLN G 155 -55.37 10.98 26.68
CA GLN G 155 -54.94 12.33 26.29
C GLN G 155 -53.42 12.37 26.07
N ILE G 156 -53.02 12.80 24.87
CA ILE G 156 -51.61 13.00 24.53
C ILE G 156 -51.17 14.37 25.07
N ALA G 157 -50.10 14.39 25.86
CA ALA G 157 -49.47 15.63 26.30
C ALA G 157 -48.02 15.66 25.82
N VAL G 158 -47.64 16.75 25.16
CA VAL G 158 -46.25 16.91 24.66
C VAL G 158 -45.56 18.04 25.42
N THR G 159 -44.40 17.74 26.00
CA THR G 159 -43.71 18.75 26.74
C THR G 159 -42.22 18.72 26.40
N GLY G 160 -41.53 19.84 26.67
CA GLY G 160 -40.06 19.91 26.55
C GLY G 160 -39.56 21.26 27.07
N HIS G 161 -38.31 21.27 27.57
CA HIS G 161 -37.62 22.48 28.03
C HIS G 161 -36.68 22.97 26.91
N SER G 162 -36.46 24.28 26.85
CA SER G 162 -35.43 24.85 25.95
C SER G 162 -35.73 24.54 24.50
N LEU G 163 -34.71 24.11 23.74
CA LEU G 163 -34.92 23.74 22.34
C LEU G 163 -35.83 22.50 22.15
N GLY G 164 -35.86 21.67 23.20
CA GLY G 164 -36.85 20.57 23.24
C GLY G 164 -38.26 21.14 23.29
N GLY G 165 -38.39 22.32 23.91
CA GLY G 165 -39.68 23.08 23.96
C GLY G 165 -40.09 23.52 22.56
N ALA G 166 -39.11 24.04 21.78
CA ALA G 166 -39.35 24.35 20.35
C ALA G 166 -39.90 23.11 19.61
N ALA G 167 -39.19 21.98 19.72
CA ALA G 167 -39.67 20.74 19.05
C ALA G 167 -41.06 20.28 19.58
N ALA G 168 -41.30 20.37 20.90
CA ALA G 168 -42.63 20.08 21.49
C ALA G 168 -43.78 20.92 20.90
N LEU G 169 -43.53 22.21 20.71
CA LEU G 169 -44.52 23.07 20.02
C LEU G 169 -44.85 22.58 18.60
N LEU G 170 -43.84 22.40 17.76
CA LEU G 170 -44.06 21.92 16.41
C LEU G 170 -44.71 20.51 16.41
N PHE G 171 -44.27 19.65 17.33
CA PHE G 171 -44.85 18.30 17.42
C PHE G 171 -46.33 18.33 17.90
N GLY G 172 -46.64 19.16 18.91
CA GLY G 172 -48.04 19.51 19.22
C GLY G 172 -48.84 20.07 18.04
N ILE G 173 -48.22 20.97 17.24
CA ILE G 173 -48.93 21.49 16.03
C ILE G 173 -49.23 20.39 14.98
N ASN G 174 -48.23 19.54 14.75
CA ASN G 174 -48.43 18.38 13.89
C ASN G 174 -49.61 17.49 14.39
N LEU G 175 -49.60 17.13 15.66
CA LEU G 175 -50.66 16.28 16.21
C LEU G 175 -52.07 16.93 16.11
N LYS G 176 -52.14 18.24 16.34
CA LYS G 176 -53.40 18.99 16.25
C LYS G 176 -54.04 19.08 14.83
N VAL G 177 -53.25 19.48 13.83
CA VAL G 177 -53.76 19.64 12.45
C VAL G 177 -54.07 18.26 11.85
N ASN G 178 -53.50 17.22 12.49
CA ASN G 178 -53.69 15.84 12.05
C ASN G 178 -54.74 15.05 12.85
N GLY G 179 -55.68 15.78 13.46
CA GLY G 179 -56.90 15.20 14.02
C GLY G 179 -56.76 14.66 15.42
N HIS G 180 -55.57 14.80 15.99
CA HIS G 180 -55.41 14.50 17.39
C HIS G 180 -55.82 15.78 18.18
N ASP G 181 -55.64 15.73 19.51
CA ASP G 181 -56.05 16.85 20.36
C ASP G 181 -55.07 16.89 21.56
N PRO G 182 -53.79 17.21 21.25
CA PRO G 182 -52.76 17.14 22.26
C PRO G 182 -52.84 18.31 23.23
N LEU G 183 -52.27 18.11 24.41
CA LEU G 183 -51.91 19.22 25.29
C LEU G 183 -50.43 19.58 25.06
N VAL G 184 -50.10 20.87 25.00
CA VAL G 184 -48.72 21.27 24.76
C VAL G 184 -48.23 22.24 25.84
N VAL G 185 -47.18 21.84 26.56
CA VAL G 185 -46.63 22.69 27.62
C VAL G 185 -45.13 22.84 27.35
N THR G 186 -44.68 24.05 27.09
CA THR G 186 -43.25 24.21 26.83
C THR G 186 -42.73 25.04 27.99
N LEU G 187 -41.42 24.89 28.27
CA LEU G 187 -40.75 25.60 29.37
C LEU G 187 -39.47 26.25 28.83
N GLY G 188 -39.32 27.56 28.95
CA GLY G 188 -38.09 28.17 28.42
C GLY G 188 -37.88 28.03 26.88
N GLN G 189 -38.99 28.02 26.13
CA GLN G 189 -38.97 27.81 24.68
C GLN G 189 -38.57 29.11 23.95
N PRO G 190 -37.61 29.01 23.00
CA PRO G 190 -37.26 30.20 22.20
C PRO G 190 -38.42 30.57 21.26
N ILE G 191 -38.33 31.75 20.63
CA ILE G 191 -39.30 32.07 19.58
C ILE G 191 -39.08 31.09 18.39
N VAL G 192 -40.16 30.64 17.73
CA VAL G 192 -40.07 29.54 16.73
C VAL G 192 -40.32 30.02 15.30
N GLY G 193 -41.17 31.04 15.17
CA GLY G 193 -41.63 31.42 13.84
C GLY G 193 -41.94 32.89 13.68
N ASN G 194 -42.51 33.21 12.51
CA ASN G 194 -42.79 34.61 12.16
C ASN G 194 -44.24 35.07 12.59
N ALA G 195 -44.69 36.24 12.11
CA ALA G 195 -46.05 36.71 12.44
C ALA G 195 -47.12 35.77 11.88
N GLY G 196 -46.93 35.32 10.64
CA GLY G 196 -47.90 34.43 9.99
C GLY G 196 -48.09 33.17 10.84
N PHE G 197 -46.95 32.59 11.28
CA PHE G 197 -46.95 31.35 12.06
C PHE G 197 -47.60 31.58 13.40
N ALA G 198 -47.25 32.71 14.03
CA ALA G 198 -47.67 32.97 15.41
C ALA G 198 -49.18 33.12 15.52
N ASN G 199 -49.78 33.76 14.53
CA ASN G 199 -51.24 34.06 14.58
C ASN G 199 -52.08 32.82 14.16
N TRP G 200 -51.48 32.05 13.23
CA TRP G 200 -52.02 30.78 12.85
C TRP G 200 -52.02 29.83 14.08
N VAL G 201 -50.92 29.77 14.85
CA VAL G 201 -50.89 28.91 16.05
C VAL G 201 -51.95 29.35 17.06
N ASP G 202 -52.11 30.68 17.17
CA ASP G 202 -53.13 31.26 18.06
C ASP G 202 -54.54 30.79 17.62
N LYS G 203 -54.83 30.97 16.34
CA LYS G 203 -56.08 30.46 15.76
C LYS G 203 -56.24 28.90 15.92
N LEU G 204 -55.16 28.15 15.68
CA LEU G 204 -55.21 26.66 15.87
C LEU G 204 -55.56 26.19 17.27
N PHE G 205 -54.91 26.79 18.27
CA PHE G 205 -54.99 26.34 19.64
C PHE G 205 -56.03 27.11 20.49
N PHE G 206 -56.21 28.38 20.15
CA PHE G 206 -57.04 29.28 20.97
C PHE G 206 -58.31 29.68 20.23
N GLY G 207 -58.38 29.32 18.95
CA GLY G 207 -59.60 29.47 18.15
C GLY G 207 -59.73 30.78 17.39
N GLN G 208 -58.91 31.77 17.76
CA GLN G 208 -58.93 33.12 17.16
C GLN G 208 -57.63 33.91 17.45
N GLU G 209 -57.35 34.94 16.64
CA GLU G 209 -56.23 35.84 16.88
C GLU G 209 -56.47 36.71 18.11
N ASN G 210 -55.35 37.14 18.73
CA ASN G 210 -55.38 37.85 20.03
C ASN G 210 -56.30 37.25 21.13
N PRO G 211 -56.11 35.93 21.42
CA PRO G 211 -57.06 35.18 22.31
C PRO G 211 -56.94 35.59 23.80
N ASP G 212 -57.99 35.33 24.57
CA ASP G 212 -57.94 35.50 26.02
C ASP G 212 -57.23 34.27 26.58
N VAL G 213 -56.03 34.52 27.07
CA VAL G 213 -55.19 33.45 27.58
C VAL G 213 -54.89 33.69 29.07
N SER G 214 -55.80 34.44 29.72
CA SER G 214 -55.75 34.74 31.15
C SER G 214 -55.97 33.57 32.15
N LYS G 215 -56.64 32.48 31.72
CA LYS G 215 -57.03 31.36 32.61
C LYS G 215 -56.41 30.01 32.24
N VAL G 216 -56.11 29.22 33.26
CA VAL G 216 -55.88 27.79 33.08
C VAL G 216 -57.26 27.09 33.20
N SER G 217 -57.47 26.08 32.34
CA SER G 217 -58.71 25.27 32.31
C SER G 217 -58.49 23.96 31.54
N LYS G 218 -59.39 22.99 31.73
CA LYS G 218 -59.29 21.67 31.08
C LYS G 218 -59.28 21.76 29.54
N ASP G 219 -60.06 22.69 28.99
CA ASP G 219 -60.20 22.79 27.52
C ASP G 219 -59.08 23.59 26.80
N ARG G 220 -58.26 24.33 27.56
CA ARG G 220 -57.06 24.98 26.99
C ARG G 220 -55.95 23.96 26.74
N LYS G 221 -55.21 24.08 25.63
CA LYS G 221 -54.23 23.05 25.25
C LYS G 221 -52.79 23.54 24.95
N LEU G 222 -52.55 24.85 25.13
CA LEU G 222 -51.22 25.42 24.87
C LEU G 222 -50.79 26.37 26.01
N TYR G 223 -49.61 26.11 26.56
CA TYR G 223 -49.04 26.92 27.62
C TYR G 223 -47.56 27.06 27.33
N ARG G 224 -47.05 28.27 27.33
CA ARG G 224 -45.63 28.50 27.13
C ARG G 224 -45.08 29.06 28.42
N ILE G 225 -44.41 28.24 29.23
CA ILE G 225 -43.96 28.71 30.54
C ILE G 225 -42.64 29.43 30.39
N THR G 226 -42.53 30.64 30.98
CA THR G 226 -41.29 31.44 30.89
C THR G 226 -40.83 31.85 32.28
N HIS G 227 -39.54 32.14 32.44
CA HIS G 227 -38.96 32.47 33.75
C HIS G 227 -38.33 33.86 33.72
N ARG G 228 -38.55 34.65 34.79
CA ARG G 228 -37.93 35.96 34.93
C ARG G 228 -36.41 35.88 34.61
N GLY G 229 -35.95 36.75 33.70
CA GLY G 229 -34.49 36.87 33.40
C GLY G 229 -33.93 35.89 32.39
N ASP G 230 -34.74 34.92 31.96
CA ASP G 230 -34.29 33.89 30.97
C ASP G 230 -34.32 34.50 29.58
N ILE G 231 -33.14 34.61 28.94
CA ILE G 231 -33.07 35.24 27.62
C ILE G 231 -33.58 34.29 26.49
N VAL G 232 -33.63 32.98 26.75
CA VAL G 232 -33.96 32.02 25.64
C VAL G 232 -35.36 32.30 25.02
N PRO G 233 -36.41 32.46 25.87
CA PRO G 233 -37.74 32.80 25.30
C PRO G 233 -37.78 34.19 24.61
N GLN G 234 -36.69 34.94 24.62
CA GLN G 234 -36.77 36.26 23.96
C GLN G 234 -36.07 36.29 22.60
N VAL G 235 -35.57 35.14 22.12
CA VAL G 235 -34.79 35.07 20.87
C VAL G 235 -35.27 33.84 20.09
N PRO G 236 -35.13 33.84 18.74
CA PRO G 236 -34.70 35.01 17.92
C PRO G 236 -35.88 36.00 17.87
N PHE G 237 -35.60 37.27 17.62
CA PHE G 237 -36.65 38.32 17.55
C PHE G 237 -36.52 39.20 16.28
N TRP G 238 -35.47 38.93 15.48
CA TRP G 238 -35.23 39.66 14.23
C TRP G 238 -36.14 39.14 13.11
N ASP G 239 -36.19 39.86 11.98
CA ASP G 239 -36.70 39.30 10.72
C ASP G 239 -38.16 38.81 10.78
N GLY G 240 -38.93 39.34 11.74
CA GLY G 240 -40.35 38.98 11.85
C GLY G 240 -40.60 37.87 12.85
N TYR G 241 -39.54 37.42 13.52
CA TYR G 241 -39.71 36.35 14.53
C TYR G 241 -40.53 36.90 15.69
N GLN G 242 -41.55 36.15 16.13
CA GLN G 242 -42.36 36.56 17.30
C GLN G 242 -43.11 35.37 17.89
N HIS G 243 -43.43 35.46 19.18
CA HIS G 243 -44.10 34.39 19.92
C HIS G 243 -45.59 34.30 19.54
N CYS G 244 -46.17 33.10 19.69
CA CYS G 244 -47.61 33.01 19.82
C CYS G 244 -48.04 33.49 21.23
N SER G 245 -49.36 33.42 21.49
CA SER G 245 -49.93 33.74 22.81
C SER G 245 -49.86 32.56 23.73
N GLY G 246 -50.04 32.79 25.05
CA GLY G 246 -50.23 31.68 25.98
C GLY G 246 -49.14 31.56 27.01
N GLU G 247 -48.50 32.70 27.30
CA GLU G 247 -47.32 32.76 28.16
C GLU G 247 -47.81 32.62 29.60
N VAL G 248 -47.07 31.79 30.34
CA VAL G 248 -47.22 31.67 31.78
C VAL G 248 -45.85 32.05 32.36
N PHE G 249 -45.84 33.00 33.27
CA PHE G 249 -44.60 33.64 33.68
C PHE G 249 -44.31 33.40 35.16
N ILE G 250 -43.11 32.87 35.44
CA ILE G 250 -42.67 32.67 36.84
C ILE G 250 -41.89 33.93 37.24
N ASP G 251 -42.56 34.81 38.00
CA ASP G 251 -41.96 36.08 38.39
C ASP G 251 -41.29 35.89 39.75
N TRP G 252 -40.21 35.10 39.73
CA TRP G 252 -39.49 34.69 40.93
C TRP G 252 -38.13 34.23 40.42
N PRO G 253 -37.02 34.61 41.11
CA PRO G 253 -35.66 34.33 40.61
C PRO G 253 -35.20 32.91 40.85
N LEU G 254 -36.00 32.13 41.57
CA LEU G 254 -35.61 30.79 42.02
C LEU G 254 -36.55 29.70 41.50
N ILE G 255 -36.13 28.44 41.68
CA ILE G 255 -37.04 27.28 41.66
C ILE G 255 -38.09 27.34 42.77
N HIS G 256 -39.07 26.44 42.71
CA HIS G 256 -40.17 26.37 43.70
C HIS G 256 -40.77 27.73 44.10
N PRO G 257 -41.22 28.52 43.08
CA PRO G 257 -41.69 29.92 43.32
C PRO G 257 -43.00 29.94 44.15
N PRO G 258 -43.18 30.99 44.99
CA PRO G 258 -44.47 31.07 45.70
C PRO G 258 -45.61 31.04 44.69
N LEU G 259 -46.78 30.57 45.14
CA LEU G 259 -47.98 30.53 44.29
C LEU G 259 -48.35 31.90 43.68
N SER G 260 -48.11 32.97 44.43
CA SER G 260 -48.52 34.32 44.04
C SER G 260 -47.70 34.86 42.85
N ASN G 261 -46.47 34.32 42.66
CA ASN G 261 -45.56 34.76 41.59
C ASN G 261 -45.56 33.91 40.29
N VAL G 262 -46.53 33.01 40.15
CA VAL G 262 -46.73 32.41 38.84
C VAL G 262 -47.98 33.09 38.26
N VAL G 263 -47.82 33.76 37.11
CA VAL G 263 -48.92 34.55 36.48
C VAL G 263 -49.22 34.15 35.01
N MET G 264 -50.51 34.23 34.63
CA MET G 264 -50.91 34.09 33.23
C MET G 264 -50.79 35.48 32.56
N CYS G 265 -50.01 35.56 31.46
CA CYS G 265 -49.80 36.82 30.71
C CYS G 265 -50.68 36.84 29.47
N GLN G 266 -51.37 37.95 29.21
CA GLN G 266 -52.07 38.13 27.92
C GLN G 266 -51.01 38.57 26.87
N GLY G 267 -51.33 38.39 25.57
CA GLY G 267 -50.52 39.02 24.51
C GLY G 267 -49.39 38.14 23.98
N GLN G 268 -48.88 38.50 22.81
CA GLN G 268 -47.67 37.82 22.24
C GLN G 268 -46.36 38.39 22.81
N SER G 269 -46.46 39.62 23.34
CA SER G 269 -45.38 40.29 24.08
C SER G 269 -46.06 41.01 25.25
N ASN G 270 -45.40 41.05 26.42
CA ASN G 270 -46.00 41.57 27.67
C ASN G 270 -44.85 42.02 28.54
N LYS G 271 -44.75 43.35 28.77
CA LYS G 271 -43.66 43.91 29.59
C LYS G 271 -43.70 43.58 31.08
N GLN G 272 -44.85 43.09 31.52
CA GLN G 272 -44.98 42.58 32.87
C GLN G 272 -44.44 41.15 32.99
N CYS G 273 -44.15 40.53 31.84
CA CYS G 273 -43.67 39.12 31.83
C CYS G 273 -42.28 39.02 31.26
N SER G 274 -42.04 38.05 30.36
N SER G 274 -42.03 38.06 30.36
CA SER G 274 -40.71 37.81 29.84
CA SER G 274 -40.68 37.82 29.87
C SER G 274 -40.14 39.01 29.09
C SER G 274 -40.11 38.97 29.04
N ALA G 275 -40.99 39.70 28.33
CA ALA G 275 -40.56 40.83 27.48
C ALA G 275 -39.92 41.98 28.25
N GLY G 276 -40.21 42.04 29.55
CA GLY G 276 -39.66 43.08 30.45
C GLY G 276 -38.44 42.67 31.27
N ASN G 277 -37.71 41.66 30.78
CA ASN G 277 -36.40 41.24 31.33
C ASN G 277 -35.30 42.29 31.05
N THR G 278 -34.81 42.95 32.10
CA THR G 278 -33.93 44.10 31.88
C THR G 278 -32.40 43.83 32.12
N LEU G 279 -31.64 43.85 31.01
CA LEU G 279 -30.17 43.71 30.99
C LEU G 279 -29.48 45.09 30.98
N ASN G 284 -26.00 35.24 34.56
CA ASN G 284 -26.93 34.40 35.29
C ASN G 284 -27.78 33.64 34.29
N VAL G 285 -27.37 33.78 33.01
CA VAL G 285 -28.02 33.18 31.84
C VAL G 285 -28.33 31.69 32.02
N ILE G 286 -27.32 30.94 32.51
CA ILE G 286 -27.46 29.51 32.85
C ILE G 286 -28.52 29.32 33.95
N GLY G 287 -28.30 29.96 35.10
CA GLY G 287 -29.24 29.97 36.24
C GLY G 287 -30.69 30.21 35.82
N ASN G 288 -30.91 31.35 35.17
CA ASN G 288 -32.23 31.76 34.71
C ASN G 288 -32.88 30.82 33.70
N HIS G 289 -32.07 30.21 32.83
CA HIS G 289 -32.64 29.26 31.88
C HIS G 289 -33.04 27.91 32.50
N LEU G 290 -32.46 27.62 33.64
CA LEU G 290 -32.65 26.29 34.24
C LEU G 290 -33.78 26.27 35.29
N GLN G 291 -34.05 27.43 35.92
CA GLN G 291 -34.97 27.45 37.08
C GLN G 291 -36.50 27.51 36.77
N TYR G 292 -37.12 26.35 36.54
CA TYR G 292 -38.49 26.33 36.04
C TYR G 292 -39.29 25.41 36.96
N PHE G 293 -39.56 25.93 38.15
CA PHE G 293 -40.21 25.19 39.22
C PHE G 293 -39.19 24.26 39.85
N VAL G 294 -38.55 23.46 39.02
CA VAL G 294 -37.43 22.60 39.44
C VAL G 294 -36.21 22.98 38.62
N THR G 295 -35.05 22.43 38.96
CA THR G 295 -33.88 22.71 38.14
C THR G 295 -33.93 21.84 36.88
N GLU G 296 -34.07 22.49 35.73
CA GLU G 296 -33.96 21.79 34.44
C GLU G 296 -32.48 21.59 34.09
N GLY G 297 -32.20 20.54 33.31
CA GLY G 297 -30.86 20.32 32.78
C GLY G 297 -30.07 19.19 33.40
N VAL G 298 -30.51 18.73 34.57
CA VAL G 298 -29.72 17.78 35.38
C VAL G 298 -30.54 16.53 35.76
N CYS G 299 -30.05 15.36 35.37
CA CYS G 299 -30.71 14.10 35.75
C CYS G 299 -30.26 13.65 37.14
N GLY G 300 -31.25 13.47 38.03
CA GLY G 300 -30.99 12.99 39.40
C GLY G 300 -31.57 13.89 40.45
C1 NAG H . 7.97 -50.42 -17.60
C2 NAG H . 8.67 -49.44 -16.64
C3 NAG H . 9.74 -50.21 -15.88
C4 NAG H . 9.14 -51.43 -15.18
C5 NAG H . 8.52 -52.28 -16.27
C6 NAG H . 8.01 -53.67 -15.86
C7 NAG H . 8.81 -47.09 -17.39
C8 NAG H . 9.62 -46.05 -18.09
N2 NAG H . 9.34 -48.33 -17.32
O3 NAG H . 10.34 -49.31 -14.93
O4 NAG H . 10.20 -52.20 -14.60
O5 NAG H . 7.47 -51.50 -16.86
O6 NAG H . 7.28 -53.53 -14.69
O7 NAG H . 7.71 -46.85 -16.92
C1 NAG I . 2.13 -47.13 -27.49
C2 NAG I . 1.16 -47.72 -28.50
C3 NAG I . 1.51 -49.19 -28.68
C4 NAG I . 3.00 -49.45 -28.96
C5 NAG I . 3.87 -48.75 -27.93
C6 NAG I . 5.35 -48.66 -28.25
C7 NAG I . -1.04 -46.70 -28.60
C8 NAG I . -2.45 -46.64 -28.17
N2 NAG I . -0.22 -47.62 -28.08
O3 NAG I . 0.70 -49.79 -29.70
O4 NAG I . 3.15 -50.86 -28.82
O5 NAG I . 3.48 -47.38 -27.82
O6 NAG I . 6.01 -48.50 -27.01
O7 NAG I . -0.64 -45.88 -29.43
C1 MPD J . -18.12 -21.05 -23.05
C2 MPD J . -18.21 -21.61 -21.63
O2 MPD J . -17.62 -20.57 -20.80
CM MPD J . -19.69 -21.78 -21.22
C3 MPD J . -17.33 -22.88 -21.61
C4 MPD J . -17.59 -24.01 -20.60
O4 MPD J . -18.71 -24.78 -20.98
C5 MPD J . -16.38 -24.97 -20.62
C1 MPD K . -6.00 -27.01 8.27
C2 MPD K . -4.56 -26.57 8.34
O2 MPD K . -4.11 -26.73 9.71
CM MPD K . -3.71 -27.47 7.46
C3 MPD K . -4.36 -25.12 7.92
C4 MPD K . -5.07 -24.08 8.82
O4 MPD K . -4.66 -24.18 10.17
C5 MPD K . -4.79 -22.66 8.34
C1 MPD L . 3.81 -32.65 1.05
C2 MPD L . 4.36 -31.89 2.24
O2 MPD L . 4.12 -30.49 1.94
CM MPD L . 3.67 -32.30 3.54
C3 MPD L . 5.86 -32.09 2.46
C4 MPD L . 6.33 -33.51 2.14
O4 MPD L . 6.85 -33.56 0.83
C5 MPD L . 7.34 -34.02 3.18
C1 MRD M . -16.72 -14.62 -5.34
C2 MRD M . -15.75 -15.79 -5.06
O2 MRD M . -16.43 -17.11 -5.18
CM MRD M . -14.69 -15.61 -6.17
C3 MRD M . -15.13 -15.67 -3.63
C4 MRD M . -14.09 -16.73 -3.25
O4 MRD M . -14.59 -18.09 -3.38
C5 MRD M . -13.35 -16.37 -1.89
K K N . -8.67 -37.06 -14.17
C1 NAG O . -27.88 -18.93 26.45
C1 NAG O . -28.01 -18.88 26.49
C2 NAG O . -27.19 -19.40 25.15
C2 NAG O . -27.13 -19.45 25.37
C3 NAG O . -27.60 -20.82 24.75
C3 NAG O . -27.57 -20.87 25.05
C4 NAG O . -27.51 -21.78 25.94
C4 NAG O . -27.69 -21.70 26.33
C5 NAG O . -28.15 -21.15 27.17
C5 NAG O . -28.48 -21.00 27.41
C6 NAG O . -28.11 -22.04 28.40
C6 NAG O . -28.54 -21.84 28.70
C7 NAG O . -26.53 -17.68 23.58
C7 NAG O . -26.24 -17.80 23.73
C8 NAG O . -26.95 -16.87 22.38
C8 NAG O . -26.49 -17.24 22.36
N2 NAG O . -27.46 -18.55 24.03
N2 NAG O . -27.15 -18.72 24.12
O3 NAG O . -26.85 -21.32 23.65
O3 NAG O . -26.64 -21.50 24.21
O4 NAG O . -28.19 -22.99 25.61
O4 NAG O . -28.31 -22.94 26.01
O5 NAG O . -27.54 -19.89 27.45
O5 NAG O . -27.87 -19.72 27.62
O6 NAG O . -28.72 -21.37 29.50
O6 NAG O . -27.27 -22.18 29.25
O7 NAG O . -25.42 -17.51 24.09
O7 NAG O . -25.30 -17.38 24.41
C1 NAG P . -30.03 -7.37 28.75
C2 NAG P . -30.61 -6.55 29.89
C3 NAG P . -31.62 -7.41 30.70
C4 NAG P . -32.67 -7.96 29.76
C5 NAG P . -31.98 -8.69 28.61
C6 NAG P . -33.03 -9.29 27.66
C7 NAG P . -29.09 -4.92 30.83
C8 NAG P . -28.09 -4.64 31.91
N2 NAG P . -29.59 -6.16 30.86
O3 NAG P . -32.20 -6.52 31.65
O4 NAG P . -33.59 -8.85 30.44
O5 NAG P . -31.10 -7.78 27.94
O6 NAG P . -32.45 -10.19 26.73
O7 NAG P . -29.43 -4.08 29.97
C1 MPD Q . 9.41 -19.45 16.26
C2 MPD Q . 10.08 -18.77 17.44
O2 MPD Q . 11.19 -19.61 17.88
CM MPD Q . 10.67 -17.44 16.97
C3 MPD Q . 9.06 -18.67 18.56
C4 MPD Q . 8.27 -19.96 18.79
O4 MPD Q . 9.16 -20.92 19.33
C5 MPD Q . 7.05 -19.82 19.73
C1 MPD R . 5.97 -18.23 6.19
C2 MPD R . 6.09 -17.11 5.25
O2 MPD R . 7.39 -16.38 5.50
CM MPD R . 6.22 -17.60 3.77
C3 MPD R . 4.79 -16.26 5.52
C4 MPD R . 4.76 -14.71 5.73
O4 MPD R . 6.04 -14.04 5.69
C5 MPD R . 3.82 -13.97 4.77
C1 MRD S . 11.71 1.46 21.24
C2 MRD S . 10.73 0.26 21.21
O2 MRD S . 10.29 -0.01 22.56
CM MRD S . 9.49 0.68 20.38
C3 MRD S . 11.50 -0.96 20.70
C4 MRD S . 10.65 -2.23 20.50
O4 MRD S . 10.11 -2.58 21.81
C5 MRD S . 11.42 -3.34 19.70
K K T . -10.30 -7.03 29.97
C1 NAG U . 36.46 -19.49 31.54
C2 NAG U . 34.96 -19.15 31.20
C3 NAG U . 34.17 -19.43 32.51
C4 NAG U . 34.39 -20.87 33.03
C5 NAG U . 35.85 -21.21 33.10
C6 NAG U . 35.99 -22.71 33.34
C7 NAG U . 34.38 -17.25 29.72
C8 NAG U . 34.05 -15.81 29.55
N2 NAG U . 34.74 -17.74 30.92
O3 NAG U . 32.78 -19.28 32.31
O4 NAG U . 33.87 -21.02 34.34
O5 NAG U . 36.46 -20.85 31.85
O6 NAG U . 37.30 -22.69 33.63
O7 NAG U . 34.44 -18.01 28.79
C1 NAG V . 45.37 -14.15 25.59
C2 NAG V . 46.87 -14.35 25.51
C3 NAG V . 47.40 -14.92 26.87
C4 NAG V . 46.86 -14.11 28.01
C5 NAG V . 45.33 -14.06 28.02
C6 NAG V . 44.87 -13.15 29.15
C7 NAG V . 47.65 -14.91 23.33
C8 NAG V . 48.05 -15.95 22.33
N2 NAG V . 47.21 -15.32 24.53
O3 NAG V . 48.86 -15.01 26.83
O4 NAG V . 47.36 -14.77 29.16
O5 NAG V . 44.92 -13.43 26.77
O6 NAG V . 43.49 -13.29 29.36
O7 NAG V . 47.77 -13.72 23.03
C1 MPD W . 24.25 -21.17 -11.71
C2 MPD W . 24.17 -21.60 -10.24
O2 MPD W . 25.11 -22.64 -9.88
CM MPD W . 24.56 -20.34 -9.46
C3 MPD W . 22.73 -22.07 -9.99
C4 MPD W . 22.35 -22.93 -8.76
O4 MPD W . 23.44 -23.22 -7.84
C5 MPD W . 20.93 -22.61 -8.25
C1 MPD X . 14.01 -30.97 3.89
C2 MPD X . 13.03 -30.06 4.65
O2 MPD X . 11.86 -30.82 4.98
CM MPD X . 13.65 -29.62 5.92
C3 MPD X . 12.75 -28.82 3.84
C4 MPD X . 11.42 -28.76 3.07
O4 MPD X . 11.67 -28.34 1.74
C5 MPD X . 10.73 -30.12 3.08
C1 MPD Y . 35.68 -14.02 -16.77
C2 MPD Y . 36.63 -14.98 -16.03
O2 MPD Y . 35.90 -16.22 -15.80
CM MPD Y . 37.81 -15.34 -16.92
C3 MPD Y . 37.20 -14.39 -14.71
C4 MPD Y . 37.80 -12.98 -14.81
O4 MPD Y . 36.82 -12.04 -14.45
C5 MPD Y . 39.01 -12.72 -13.92
K K Z . 36.57 -23.24 10.28
C1 NAG AA . 46.14 21.18 -19.19
C2 NAG AA . 44.89 20.49 -19.81
C3 NAG AA . 44.93 20.73 -21.31
C4 NAG AA . 45.15 22.19 -21.79
C5 NAG AA . 46.34 22.76 -20.98
C6 NAG AA . 46.72 24.28 -21.08
C7 NAG AA . 44.18 18.54 -18.61
C8 NAG AA . 44.16 17.07 -18.39
N2 NAG AA . 44.96 19.07 -19.61
O3 NAG AA . 43.74 20.21 -21.85
O4 NAG AA . 45.39 22.15 -23.21
O5 NAG AA . 46.04 22.53 -19.59
O6 NAG AA . 45.59 25.08 -21.06
O7 NAG AA . 43.44 19.28 -17.97
C1 NAG BA . 51.46 17.90 -8.96
C2 NAG BA . 52.51 18.60 -8.10
C3 NAG BA . 53.45 19.44 -8.97
C4 NAG BA . 53.85 18.88 -10.35
C5 NAG BA . 52.76 17.97 -11.00
C6 NAG BA . 53.32 17.07 -12.13
C7 NAG BA . 51.61 19.17 -5.83
C8 NAG BA . 51.14 20.29 -4.99
N2 NAG BA . 51.95 19.49 -7.09
O3 NAG BA . 54.64 19.70 -8.25
O4 NAG BA . 54.23 20.02 -11.15
O5 NAG BA . 52.10 17.15 -10.01
O6 NAG BA . 52.35 16.60 -13.07
O7 NAG BA . 51.65 18.03 -5.36
C1 MPD CA . 7.25 8.45 -13.99
C2 MPD CA . 7.88 9.45 -12.98
O2 MPD CA . 9.37 9.20 -12.64
CM MPD CA . 7.95 10.68 -13.72
C3 MPD CA . 6.86 9.88 -11.84
C4 MPD CA . 6.20 9.06 -10.71
O4 MPD CA . 5.14 8.20 -11.11
C5 MPD CA . 7.17 8.29 -9.78
C1 MRD DA . 30.77 -2.36 4.33
C2 MRD DA . 31.85 -1.39 3.82
O2 MRD DA . 32.78 -1.20 4.88
CM MRD DA . 32.59 -1.98 2.66
C3 MRD DA . 31.18 -0.08 3.49
C4 MRD DA . 32.01 0.83 2.65
O4 MRD DA . 33.13 1.17 3.44
C5 MRD DA . 31.18 2.03 2.27
C1 MPD EA . 6.91 23.05 -9.71
C2 MPD EA . 7.96 22.02 -9.43
O2 MPD EA . 7.52 21.34 -8.21
CM MPD EA . 7.99 21.05 -10.59
C3 MPD EA . 9.38 22.59 -9.33
C4 MPD EA . 9.80 23.16 -10.67
O4 MPD EA . 8.96 24.26 -10.90
C5 MPD EA . 11.23 23.61 -10.66
K K FA . 33.55 23.59 -1.87
C1 NAG GA . -11.61 40.65 4.01
C2 NAG GA . -10.25 39.96 3.74
C3 NAG GA . -9.21 41.07 3.62
C4 NAG GA . -9.48 42.16 2.56
C5 NAG GA . -10.87 42.64 2.98
C6 NAG GA . -11.45 43.82 2.17
C7 NAG GA . -9.87 37.73 4.75
C8 NAG GA . -9.22 36.86 5.79
N2 NAG GA . -9.70 39.10 4.79
O3 NAG GA . -7.93 40.45 3.29
O4 NAG GA . -8.55 43.27 2.62
O5 NAG GA . -11.77 41.54 2.94
O6 NAG GA . -11.55 43.53 0.81
O7 NAG GA . -10.47 37.21 3.82
C1 NAG HA . -20.39 35.24 9.83
C2 NAG HA . -21.82 35.68 9.82
C3 NAG HA . -21.88 37.20 9.92
C4 NAG HA . -20.93 37.67 11.06
C5 NAG HA . -19.53 37.12 10.72
C6 NAG HA . -18.21 37.88 11.12
C7 NAG HA . -23.42 34.02 9.00
C8 NAG HA . -24.22 33.40 7.93
N2 NAG HA . -22.62 35.07 8.73
O3 NAG HA . -23.20 37.38 10.34
O4 NAG HA . -21.06 39.06 11.38
O5 NAG HA . -19.65 35.71 10.98
O6 NAG HA . -17.32 37.30 12.06
O7 NAG HA . -23.45 33.47 10.09
C1 MPD IA . -12.31 8.02 8.01
C2 MPD IA . -12.98 7.48 9.27
O2 MPD IA . -13.68 8.48 10.03
CM MPD IA . -14.02 6.45 8.86
C3 MPD IA . -11.86 7.04 10.20
C4 MPD IA . -12.22 6.00 11.25
O4 MPD IA . -13.61 5.90 11.45
C5 MPD IA . -11.70 4.66 10.76
C1 MPD JA . -1.57 17.17 -21.33
C2 MPD JA . -1.45 16.10 -22.40
O2 MPD JA . -2.66 15.95 -23.18
CM MPD JA . -0.42 16.64 -23.34
C3 MPD JA . -1.21 14.77 -21.70
C4 MPD JA . -0.26 13.72 -22.29
O4 MPD JA . -0.76 12.40 -22.04
C5 MPD JA . -0.08 13.89 -23.78
K K KA . -19.41 23.60 -6.51
C1 NAG LA . -8.77 4.39 -49.40
C2 NAG LA . -8.98 5.00 -48.01
C3 NAG LA . -9.90 6.21 -48.10
C4 NAG LA . -9.44 7.19 -49.21
C5 NAG LA . -9.29 6.41 -50.48
C6 NAG LA . -9.09 7.28 -51.73
C7 NAG LA . -8.80 3.43 -46.12
C8 NAG LA . -9.48 2.58 -45.12
N2 NAG LA . -9.59 4.11 -47.00
O3 NAG LA . -9.90 6.90 -46.84
O4 NAG LA . -10.50 8.08 -49.41
O5 NAG LA . -8.29 5.43 -50.28
O6 NAG LA . -7.78 7.72 -51.78
O7 NAG LA . -7.60 3.43 -46.12
C1 NAG MA . -6.10 -7.44 -51.95
C2 NAG MA . -5.61 -8.30 -53.09
C3 NAG MA . -6.19 -7.69 -54.38
C4 NAG MA . -7.71 -7.36 -54.30
C5 NAG MA . -8.22 -6.88 -52.92
C6 NAG MA . -9.73 -7.17 -52.77
C7 NAG MA . -3.37 -9.30 -52.72
C8 NAG MA . -1.92 -8.97 -52.97
N2 NAG MA . -4.17 -8.34 -53.15
O3 NAG MA . -5.97 -8.66 -55.39
O4 NAG MA . -8.07 -6.37 -55.25
O5 NAG MA . -7.52 -7.55 -51.86
O6 NAG MA . -10.00 -8.56 -52.85
O7 NAG MA . -3.70 -10.33 -52.13
C1 MRD NA . 15.79 13.90 -20.73
C2 MRD NA . 16.98 13.32 -21.45
O2 MRD NA . 17.96 14.40 -21.42
CM MRD NA . 17.53 12.14 -20.67
C3 MRD NA . 16.58 12.91 -22.87
C4 MRD NA . 16.67 13.92 -24.01
O4 MRD NA . 16.58 15.26 -23.59
C5 MRD NA . 15.56 13.68 -25.03
C1 MPD OA . 1.96 -15.47 -26.04
C2 MPD OA . 2.14 -16.93 -26.41
O2 MPD OA . 1.19 -17.34 -27.43
CM MPD OA . 3.53 -17.08 -26.96
C3 MPD OA . 2.07 -17.84 -25.21
C4 MPD OA . 0.71 -18.44 -24.99
O4 MPD OA . 0.64 -19.53 -25.87
C5 MPD OA . 0.59 -18.88 -23.55
K K PA . 10.27 -2.25 -42.09
C1 NAG QA . -49.37 11.93 10.90
C2 NAG QA . -49.68 11.55 12.35
C3 NAG QA . -50.83 10.52 12.40
C4 NAG QA . -52.02 10.89 11.49
C5 NAG QA . -51.50 11.17 10.06
C6 NAG QA . -52.62 11.48 9.03
C7 NAG QA . -47.86 11.57 14.04
C8 NAG QA . -46.67 10.85 14.58
N2 NAG QA . -48.50 11.00 13.00
O3 NAG QA . -51.20 10.26 13.75
O4 NAG QA . -53.00 9.86 11.44
O5 NAG QA . -50.54 12.21 10.13
O6 NAG QA . -53.54 12.48 9.46
O7 NAG QA . -48.20 12.65 14.55
C1 NAG RA . -38.65 16.88 6.61
C2 NAG RA . -38.23 17.70 5.37
C3 NAG RA . -39.17 17.41 4.20
C4 NAG RA . -39.20 15.92 3.87
C5 NAG RA . -39.42 15.05 5.14
C6 NAG RA . -39.10 13.57 4.91
C7 NAG RA . -37.17 19.90 5.88
C8 NAG RA . -37.51 21.36 6.07
N2 NAG RA . -38.22 19.13 5.62
O3 NAG RA . -38.83 18.10 3.02
O4 NAG RA . -40.21 15.70 2.92
O5 NAG RA . -38.62 15.50 6.25
O6 NAG RA . -37.74 13.36 4.55
O7 NAG RA . -35.99 19.52 5.97
K K SA . -43.94 30.64 19.84
#